data_4BEW
#
_entry.id   4BEW
#
_cell.length_a   101.430
_cell.length_b   108.870
_cell.length_c   274.310
_cell.angle_alpha   90.00
_cell.angle_beta   90.00
_cell.angle_gamma   90.00
#
_symmetry.space_group_name_H-M   'P 21 21 21'
#
loop_
_entity.id
_entity.type
_entity.pdbx_description
1 polymer 'SARCOPLASMIC/ENDOPLASMIC RETICULUM CALCIUM ATPASE 1'
2 non-polymer 'MAGNESIUM ION'
3 non-polymer 'POTASSIUM ION'
4 non-polymer "(6AR,11AS,11BR)-10-ACETYL-9-HYDROXY-7,7-DIMETHYL-2,6,6A,7,11A,11B-HEXAHYDRO-11H-PYRROLO[1',2':2,3]ISOINDOLO[4,5,6-CD]INDOL-11-ONE"
5 non-polymer 'MANGANESE (II) ION'
6 non-polymer 'PHOSPHOMETHYLPHOSPHONIC ACID ADENYLATE ESTER'
7 non-polymer TRIFLUOROMAGNESATE
8 non-polymer 'ACETATE ION'
9 water water
#
_entity_poly.entity_id   1
_entity_poly.type   'polypeptide(L)'
_entity_poly.pdbx_seq_one_letter_code
;MEAAHSKSTEECLAYFGVSETTGLTPDQVKRHLEKYGHNELPAEEGKSLWELVIEQFEDLLVRILLLAACISFVLAWFEE
GEETITAFVEPFVILLILIANAIVGVWQERNAENAIEALKEYEPEMGKVYRADRKSVQRIKARDIVPGDIVEVAVGDKVP
ADIRILSIKSTTLRVDQSILTGESVSVIKHTEPVPDPRAVNQDKKNMLFSGTNIAAGKALGIVATTGVSTEIGKIRDQMA
ATEQDKTPLQQKLDEFGEQLSKVISLICVAVWLINIGHFNDPVHGGSWIRGAIYYFKIAVALAVAAIPEGLPAVITTCLA
LGTRRMAKKNAIVRSLPSVETLGCTSVICSDKTGTLTTNQMSVCKMFIIDKVDGDFCSLNEFSITGSTYAPEGEVLKNDK
PIRSGQFDGLVELATICALCNDSSLDFNETKGVYEKVGEATETALTTLVEKMNVFNTEVRNLSKVERANACNSVIRQLMK
KEFTLEFSRDRKSMSVYCSPAKSSRAAVGNKMFVKGAPEGVIDRCNYVRVGTTRVPMTGPVKEKILSVIKEWGTGRDTLR
CLALATRDTPPKREEMVLDDSSRFMEYETDLTFVGVVGMLDPPRKEVMGSIQLCRDAGIRVIMITGDNKGTAIAICRRIG
IFGENEEVADRAYTGREFDDLPLAEQREACRRACCFARVEPSHKSKIVEYLQSYDEITAMTGDGVNDAPALKKAEIGIAM
GSGTAVAKTASEMVLADDNFSTIVAAVEEGRAIYNNMKQFIRYLISSNVGEVVCIFLTAALGLPEALIPVQLLWVNLVTD
GLPATALGFNPPDLDIMDRPPRSPKEPLISGWLFFRYMAIGGYVGAATVGAAAWWFMYAEDGPGVTYHQLTHFMQCTEDH
PHFEGLDCEIFEAPEPMTMALSVLVTIEMCNALNSLSENQSLMRMPPWVNIWLLGSICLSMSLHFLILYVDPLPMIFKLK
ALDLTQWLMVLKISLPVIGLDEILKFIARNYLED
;
_entity_poly.pdbx_strand_id   A,B
#
loop_
_chem_comp.id
_chem_comp.type
_chem_comp.name
_chem_comp.formula
ACP non-polymer 'PHOSPHOMETHYLPHOSPHONIC ACID ADENYLATE ESTER' 'C11 H18 N5 O12 P3'
ACT non-polymer 'ACETATE ION' 'C2 H3 O2 -1'
CZA non-polymer (6AR,11AS,11BR)-10-ACETYL-9-HYDROXY-7,7-DIMETHYL-2,6,6A,7,11A,11B-HEXAHYDRO-11H-PYRROLO[1',2':2,3]ISOINDOLO[4,5,6-CD]INDOL-11-ONE 'C20 H20 N2 O3'
K non-polymer 'POTASSIUM ION' 'K 1'
MG non-polymer 'MAGNESIUM ION' 'Mg 2'
MGF non-polymer TRIFLUOROMAGNESATE 'F3 Mg -1'
MN non-polymer 'MANGANESE (II) ION' 'Mn 2'
#
# COMPACT_ATOMS: atom_id res chain seq x y z
N MET A 1 14.08 17.76 1.21
CA MET A 1 14.75 19.08 1.17
C MET A 1 14.20 20.08 0.15
N GLU A 2 13.60 21.15 0.61
CA GLU A 2 13.02 22.09 -0.32
C GLU A 2 13.96 23.25 -0.63
N ALA A 3 13.61 24.01 -1.67
CA ALA A 3 14.33 25.18 -2.12
C ALA A 3 15.81 24.87 -2.35
N ALA A 4 16.10 23.70 -2.90
CA ALA A 4 17.49 23.36 -3.24
C ALA A 4 18.14 24.38 -4.18
N HIS A 5 17.36 24.97 -5.07
CA HIS A 5 17.94 25.85 -6.08
C HIS A 5 18.46 27.16 -5.51
N SER A 6 17.88 27.62 -4.40
CA SER A 6 18.33 28.86 -3.78
C SER A 6 19.38 28.68 -2.72
N LYS A 7 19.53 27.47 -2.23
CA LYS A 7 20.59 27.15 -1.29
C LYS A 7 21.92 27.10 -2.07
N SER A 8 23.00 27.40 -1.39
CA SER A 8 24.31 27.22 -1.95
C SER A 8 24.60 25.73 -1.85
N THR A 9 25.66 25.27 -2.50
CA THR A 9 26.09 23.89 -2.33
C THR A 9 26.51 23.57 -0.90
N GLU A 10 27.16 24.50 -0.21
CA GLU A 10 27.52 24.20 1.19
C GLU A 10 26.29 24.05 2.06
N GLU A 11 25.22 24.79 1.77
CA GLU A 11 23.98 24.72 2.56
C GLU A 11 23.22 23.40 2.39
N CYS A 12 23.24 22.89 1.16
CA CYS A 12 22.68 21.58 0.83
C CYS A 12 23.46 20.46 1.51
N LEU A 13 24.78 20.56 1.48
CA LEU A 13 25.62 19.55 2.12
C LEU A 13 25.42 19.60 3.61
N ALA A 14 25.35 20.81 4.16
CA ALA A 14 25.20 20.96 5.60
C ALA A 14 23.81 20.56 6.04
N TYR A 15 22.85 20.60 5.14
CA TYR A 15 21.49 20.22 5.50
C TYR A 15 21.44 18.74 5.82
N PHE A 16 22.08 17.93 4.98
CA PHE A 16 22.03 16.50 5.19
C PHE A 16 23.18 16.03 6.05
N GLY A 17 24.09 16.95 6.35
CA GLY A 17 25.26 16.65 7.14
C GLY A 17 26.11 15.59 6.48
N VAL A 18 26.37 15.78 5.19
CA VAL A 18 27.18 14.83 4.42
C VAL A 18 28.30 15.53 3.69
N SER A 19 29.38 14.79 3.50
CA SER A 19 30.52 15.23 2.69
C SER A 19 30.32 14.77 1.25
N GLU A 20 30.71 15.62 0.31
CA GLU A 20 30.60 15.35 -1.11
C GLU A 20 31.54 14.22 -1.54
N THR A 21 32.62 14.02 -0.79
CA THR A 21 33.55 12.94 -1.13
C THR A 21 33.35 11.68 -0.30
N THR A 22 32.19 11.55 0.34
CA THR A 22 31.90 10.40 1.18
C THR A 22 30.51 9.88 0.86
N GLY A 23 29.52 10.76 0.95
CA GLY A 23 28.13 10.37 0.83
C GLY A 23 27.48 9.91 2.12
N LEU A 24 26.20 9.58 2.04
CA LEU A 24 25.48 9.01 3.18
C LEU A 24 26.05 7.69 3.63
N THR A 25 25.88 7.37 4.91
CA THR A 25 26.23 6.05 5.41
C THR A 25 25.07 5.14 5.08
N PRO A 26 25.34 3.83 5.00
CA PRO A 26 24.24 2.90 4.69
C PRO A 26 23.09 2.95 5.71
N ASP A 27 23.41 3.22 6.98
CA ASP A 27 22.37 3.38 8.00
C ASP A 27 21.49 4.60 7.68
N GLN A 28 22.11 5.75 7.43
CA GLN A 28 21.36 6.94 7.01
C GLN A 28 20.43 6.64 5.84
N VAL A 29 20.96 5.96 4.81
CA VAL A 29 20.14 5.58 3.65
C VAL A 29 18.90 4.79 4.13
N LYS A 30 19.12 3.86 5.05
CA LYS A 30 18.01 3.08 5.60
C LYS A 30 16.97 3.99 6.26
N ARG A 31 17.45 4.94 7.04
CA ARG A 31 16.57 5.88 7.73
C ARG A 31 15.83 6.79 6.72
N HIS A 32 16.54 7.30 5.73
CA HIS A 32 15.90 8.13 4.69
C HIS A 32 14.89 7.36 3.83
N LEU A 33 15.13 6.07 3.63
CA LEU A 33 14.16 5.24 2.91
C LEU A 33 12.90 5.13 3.76
N GLU A 34 13.07 4.92 5.07
CA GLU A 34 11.95 4.94 6.02
C GLU A 34 11.19 6.26 5.89
N LYS A 35 11.93 7.35 6.05
CA LYS A 35 11.32 8.66 6.15
C LYS A 35 10.74 9.11 4.81
N TYR A 36 11.46 8.91 3.71
CA TYR A 36 11.06 9.52 2.44
C TYR A 36 10.43 8.53 1.48
N GLY A 37 10.54 7.24 1.79
CA GLY A 37 10.03 6.20 0.91
C GLY A 37 10.95 6.04 -0.29
N HIS A 38 10.69 5.01 -1.09
CA HIS A 38 11.47 4.76 -2.28
C HIS A 38 11.33 5.82 -3.37
N ASN A 39 12.36 5.95 -4.19
CA ASN A 39 12.37 6.90 -5.28
C ASN A 39 11.64 6.36 -6.51
N GLU A 40 10.31 6.37 -6.46
CA GLU A 40 9.54 5.88 -7.59
C GLU A 40 8.16 6.50 -7.59
N LEU A 41 7.51 6.48 -8.74
CA LEU A 41 6.14 6.99 -8.88
C LEU A 41 5.18 5.84 -8.68
N PRO A 42 4.09 6.07 -7.95
CA PRO A 42 3.07 5.02 -7.80
C PRO A 42 2.43 4.69 -9.13
N ALA A 43 2.15 3.41 -9.37
CA ALA A 43 1.40 3.03 -10.56
C ALA A 43 -0.06 3.43 -10.41
N GLU A 44 -0.69 3.82 -11.51
CA GLU A 44 -2.12 4.11 -11.49
C GLU A 44 -2.86 3.05 -12.32
N GLU A 45 -3.65 2.23 -11.64
CA GLU A 45 -4.49 1.22 -12.28
C GLU A 45 -5.61 1.84 -13.11
N GLY A 46 -6.82 1.31 -12.98
CA GLY A 46 -7.96 1.84 -13.72
C GLY A 46 -9.10 0.87 -13.90
N LYS A 47 -9.36 0.07 -12.86
CA LYS A 47 -10.49 -0.85 -12.81
C LYS A 47 -10.39 -1.99 -13.83
N SER A 48 -10.63 -3.21 -13.38
CA SER A 48 -10.74 -4.35 -14.26
C SER A 48 -12.02 -4.20 -15.08
N LEU A 49 -12.15 -4.99 -16.15
CA LEU A 49 -13.38 -4.96 -16.94
C LEU A 49 -14.57 -5.34 -16.05
N TRP A 50 -14.29 -6.09 -14.99
CA TRP A 50 -15.25 -6.41 -13.96
C TRP A 50 -15.93 -5.14 -13.43
N GLU A 51 -15.16 -4.27 -12.79
CA GLU A 51 -15.72 -3.08 -12.15
C GLU A 51 -16.16 -2.00 -13.14
N LEU A 52 -16.02 -2.28 -14.44
CA LEU A 52 -16.52 -1.35 -15.46
C LEU A 52 -17.94 -1.70 -15.88
N VAL A 53 -18.16 -2.97 -16.25
CA VAL A 53 -19.48 -3.45 -16.61
C VAL A 53 -20.43 -3.27 -15.43
N ILE A 54 -19.93 -3.57 -14.23
CA ILE A 54 -20.69 -3.33 -13.00
C ILE A 54 -21.20 -1.89 -12.93
N GLU A 55 -20.37 -0.94 -13.34
CA GLU A 55 -20.74 0.48 -13.30
C GLU A 55 -21.74 0.88 -14.38
N GLN A 56 -21.87 0.03 -15.41
CA GLN A 56 -22.86 0.27 -16.44
C GLN A 56 -24.25 -0.01 -15.87
N PHE A 57 -24.31 -1.00 -14.99
CA PHE A 57 -25.55 -1.37 -14.34
C PHE A 57 -25.70 -0.66 -13.00
N GLU A 58 -25.28 0.60 -12.95
CA GLU A 58 -25.38 1.36 -11.70
C GLU A 58 -26.23 2.61 -11.86
N ASP A 59 -26.02 3.37 -12.94
CA ASP A 59 -26.78 4.59 -13.15
C ASP A 59 -28.26 4.27 -13.22
N LEU A 60 -29.07 5.12 -12.59
CA LEU A 60 -30.46 4.83 -12.28
C LEU A 60 -31.28 4.27 -13.44
N LEU A 61 -31.21 4.94 -14.59
CA LEU A 61 -32.02 4.59 -15.75
C LEU A 61 -31.86 3.12 -16.18
N VAL A 62 -30.63 2.63 -16.17
CA VAL A 62 -30.36 1.24 -16.55
C VAL A 62 -31.09 0.25 -15.63
N ARG A 63 -31.19 0.59 -14.36
CA ARG A 63 -31.88 -0.25 -13.39
C ARG A 63 -33.36 -0.41 -13.73
N ILE A 64 -33.96 0.65 -14.26
CA ILE A 64 -35.37 0.64 -14.66
C ILE A 64 -35.62 -0.48 -15.66
N LEU A 65 -34.69 -0.68 -16.59
CA LEU A 65 -34.82 -1.73 -17.60
C LEU A 65 -34.27 -3.07 -17.11
N LEU A 66 -33.73 -3.09 -15.89
CA LEU A 66 -33.35 -4.34 -15.24
C LEU A 66 -34.50 -4.76 -14.34
N LEU A 67 -35.15 -3.78 -13.72
CA LEU A 67 -36.34 -4.01 -12.93
C LEU A 67 -37.39 -4.66 -13.81
N ALA A 68 -37.61 -4.07 -14.98
CA ALA A 68 -38.57 -4.58 -15.95
C ALA A 68 -38.01 -5.79 -16.69
N ALA A 69 -36.84 -6.27 -16.26
CA ALA A 69 -36.28 -7.51 -16.79
C ALA A 69 -36.54 -8.65 -15.80
N CYS A 70 -36.37 -8.35 -14.51
CA CYS A 70 -36.59 -9.32 -13.44
C CYS A 70 -38.08 -9.55 -13.19
N ILE A 71 -38.85 -8.45 -13.17
CA ILE A 71 -40.30 -8.55 -13.07
C ILE A 71 -40.80 -9.29 -14.30
N SER A 72 -40.26 -8.94 -15.46
CA SER A 72 -40.59 -9.65 -16.69
C SER A 72 -40.25 -11.13 -16.56
N PHE A 73 -39.12 -11.41 -15.90
CA PHE A 73 -38.68 -12.80 -15.68
C PHE A 73 -39.69 -13.59 -14.86
N VAL A 74 -40.09 -13.03 -13.72
CA VAL A 74 -41.05 -13.68 -12.84
C VAL A 74 -42.42 -13.83 -13.51
N LEU A 75 -42.88 -12.77 -14.16
CA LEU A 75 -44.17 -12.78 -14.85
C LEU A 75 -44.08 -13.48 -16.20
N ALA A 76 -43.10 -14.36 -16.35
CA ALA A 76 -42.96 -15.20 -17.52
C ALA A 76 -42.58 -16.60 -17.07
N TRP A 77 -42.21 -16.72 -15.80
CA TRP A 77 -41.94 -18.00 -15.17
C TRP A 77 -43.26 -18.65 -14.77
N PHE A 78 -43.96 -18.03 -13.82
CA PHE A 78 -45.26 -18.52 -13.37
C PHE A 78 -46.33 -18.26 -14.40
N GLU A 79 -46.00 -18.48 -15.67
CA GLU A 79 -46.95 -18.38 -16.76
C GLU A 79 -47.74 -19.69 -16.77
N GLU A 80 -49.04 -19.58 -17.07
CA GLU A 80 -49.95 -20.73 -17.09
C GLU A 80 -49.46 -21.80 -18.07
N GLY A 81 -50.07 -22.97 -18.04
CA GLY A 81 -49.75 -24.05 -18.96
C GLY A 81 -50.03 -23.69 -20.42
N GLU A 82 -50.41 -22.44 -20.66
CA GLU A 82 -50.60 -21.90 -21.99
C GLU A 82 -49.28 -21.77 -22.73
N GLU A 83 -48.85 -20.53 -22.96
CA GLU A 83 -47.62 -20.27 -23.70
C GLU A 83 -46.43 -19.98 -22.80
N THR A 84 -45.91 -21.03 -22.16
CA THR A 84 -44.60 -20.95 -21.50
C THR A 84 -43.54 -21.25 -22.55
N ILE A 85 -43.97 -21.34 -23.79
CA ILE A 85 -43.10 -21.61 -24.93
C ILE A 85 -42.17 -20.43 -25.25
N THR A 86 -42.75 -19.22 -25.29
CA THR A 86 -42.00 -18.04 -25.67
C THR A 86 -42.23 -16.87 -24.70
N ALA A 87 -42.76 -17.17 -23.53
CA ALA A 87 -42.96 -16.16 -22.49
C ALA A 87 -41.61 -15.65 -22.02
N PHE A 88 -40.58 -16.48 -22.16
CA PHE A 88 -39.23 -16.14 -21.73
C PHE A 88 -38.40 -15.36 -22.75
N VAL A 89 -39.00 -15.04 -23.90
CA VAL A 89 -38.31 -14.23 -24.90
C VAL A 89 -38.25 -12.78 -24.42
N GLU A 90 -39.30 -12.35 -23.75
CA GLU A 90 -39.36 -11.00 -23.19
C GLU A 90 -38.28 -10.74 -22.12
N PRO A 91 -38.18 -11.59 -21.07
CA PRO A 91 -37.14 -11.34 -20.07
C PRO A 91 -35.73 -11.62 -20.59
N PHE A 92 -35.62 -12.04 -21.85
CA PHE A 92 -34.32 -12.34 -22.43
C PHE A 92 -33.90 -11.32 -23.48
N VAL A 93 -34.85 -10.86 -24.30
CA VAL A 93 -34.58 -9.77 -25.22
C VAL A 93 -34.16 -8.54 -24.41
N ILE A 94 -34.89 -8.28 -23.33
CA ILE A 94 -34.50 -7.21 -22.40
C ILE A 94 -33.12 -7.49 -21.80
N LEU A 95 -32.98 -8.65 -21.16
CA LEU A 95 -31.73 -9.03 -20.50
C LEU A 95 -30.56 -9.10 -21.47
N LEU A 96 -30.86 -9.20 -22.77
CA LEU A 96 -29.84 -9.22 -23.81
C LEU A 96 -29.38 -7.80 -24.13
N ILE A 97 -30.35 -6.90 -24.22
CA ILE A 97 -30.10 -5.50 -24.53
C ILE A 97 -29.20 -4.87 -23.49
N LEU A 98 -29.49 -5.16 -22.23
CA LEU A 98 -28.69 -4.63 -21.13
C LEU A 98 -27.26 -5.17 -21.16
N ILE A 99 -27.10 -6.40 -21.65
CA ILE A 99 -25.77 -6.96 -21.86
C ILE A 99 -25.07 -6.23 -23.00
N ALA A 100 -25.75 -6.11 -24.13
CA ALA A 100 -25.18 -5.48 -25.31
C ALA A 100 -24.79 -4.01 -25.07
N ASN A 101 -25.65 -3.27 -24.37
CA ASN A 101 -25.38 -1.86 -24.13
C ASN A 101 -24.22 -1.66 -23.16
N ALA A 102 -23.95 -2.68 -22.35
CA ALA A 102 -22.85 -2.63 -21.39
C ALA A 102 -21.50 -2.88 -22.07
N ILE A 103 -21.43 -3.96 -22.85
CA ILE A 103 -20.21 -4.31 -23.58
C ILE A 103 -19.80 -3.17 -24.52
N VAL A 104 -20.79 -2.50 -25.11
CA VAL A 104 -20.53 -1.37 -25.98
C VAL A 104 -20.13 -0.16 -25.16
N GLY A 105 -20.81 0.02 -24.03
CA GLY A 105 -20.54 1.15 -23.15
C GLY A 105 -19.10 1.18 -22.66
N VAL A 106 -18.54 0.00 -22.46
CA VAL A 106 -17.15 -0.13 -22.00
C VAL A 106 -16.16 -0.02 -23.16
N TRP A 107 -16.54 -0.57 -24.31
CA TRP A 107 -15.68 -0.57 -25.50
C TRP A 107 -15.39 0.83 -26.06
N GLN A 108 -16.10 1.85 -25.55
CA GLN A 108 -15.88 3.22 -26.01
C GLN A 108 -15.34 4.14 -24.90
N GLU A 109 -15.58 3.76 -23.65
CA GLU A 109 -15.22 4.61 -22.51
C GLU A 109 -13.86 4.20 -21.91
N ARG A 110 -13.47 2.95 -22.17
CA ARG A 110 -12.21 2.41 -21.66
C ARG A 110 -11.00 2.91 -22.44
N ASN A 111 -10.05 3.52 -21.73
CA ASN A 111 -8.78 3.93 -22.32
C ASN A 111 -7.74 2.84 -22.11
N ALA A 112 -7.39 2.14 -23.18
CA ALA A 112 -6.51 0.96 -23.11
C ALA A 112 -5.12 1.23 -22.52
N GLU A 113 -4.34 2.05 -23.21
CA GLU A 113 -2.98 2.35 -22.77
C GLU A 113 -2.95 3.39 -21.67
N ASN A 114 -1.98 3.26 -20.78
CA ASN A 114 -1.87 4.06 -19.58
C ASN A 114 -0.77 5.12 -19.72
N ALA A 115 -1.12 6.36 -19.39
CA ALA A 115 -0.18 7.45 -19.61
C ALA A 115 0.82 7.59 -18.47
N ILE A 116 0.45 7.09 -17.30
CA ILE A 116 1.39 7.08 -16.18
C ILE A 116 2.47 6.02 -16.42
N GLU A 117 2.10 4.92 -17.08
CA GLU A 117 3.08 3.90 -17.42
C GLU A 117 4.07 4.40 -18.45
N ALA A 118 3.58 5.17 -19.43
CA ALA A 118 4.45 5.79 -20.42
C ALA A 118 5.43 6.74 -19.74
N LEU A 119 4.96 7.43 -18.70
CA LEU A 119 5.78 8.39 -17.97
C LEU A 119 6.94 7.66 -17.31
N LYS A 120 6.65 6.49 -16.77
CA LYS A 120 7.65 5.71 -16.08
C LYS A 120 8.77 5.24 -17.01
N GLU A 121 8.60 5.46 -18.31
CA GLU A 121 9.68 5.18 -19.25
C GLU A 121 10.85 6.11 -18.93
N TYR A 122 10.58 7.25 -18.31
CA TYR A 122 11.60 8.24 -18.02
C TYR A 122 12.24 7.97 -16.67
N GLU A 123 11.86 6.87 -16.05
CA GLU A 123 12.44 6.50 -14.78
C GLU A 123 13.47 5.44 -15.06
N PRO A 124 14.75 5.78 -14.91
CA PRO A 124 15.83 4.82 -15.17
C PRO A 124 15.78 3.74 -14.11
N GLU A 125 16.08 2.50 -14.47
CA GLU A 125 16.13 1.46 -13.47
C GLU A 125 17.27 1.67 -12.46
N MET A 126 18.37 2.22 -12.97
CA MET A 126 19.62 2.36 -12.23
C MET A 126 20.08 3.82 -12.07
N GLY A 127 20.80 4.09 -11.00
CA GLY A 127 21.41 5.40 -10.79
C GLY A 127 22.76 5.13 -10.15
N LYS A 128 23.58 6.16 -10.02
CA LYS A 128 24.93 5.99 -9.47
C LYS A 128 25.10 6.83 -8.22
N VAL A 129 25.64 6.25 -7.14
CA VAL A 129 25.84 7.02 -5.93
C VAL A 129 27.22 6.85 -5.31
N TYR A 130 27.60 7.81 -4.48
CA TYR A 130 28.73 7.64 -3.57
C TYR A 130 28.16 7.52 -2.18
N ARG A 131 28.37 6.37 -1.54
CA ARG A 131 27.99 6.20 -0.15
C ARG A 131 29.21 5.86 0.70
N ALA A 132 29.14 6.22 1.98
CA ALA A 132 30.30 6.24 2.87
C ALA A 132 31.05 4.92 2.93
N ASP A 133 30.41 3.84 2.52
CA ASP A 133 31.04 2.53 2.71
C ASP A 133 31.98 2.15 1.58
N ARG A 134 31.97 2.92 0.49
CA ARG A 134 32.91 2.71 -0.61
C ARG A 134 33.42 4.02 -1.23
N LYS A 135 34.69 4.03 -1.59
CA LYS A 135 35.28 5.20 -2.23
C LYS A 135 34.74 5.32 -3.65
N SER A 136 34.54 4.18 -4.29
CA SER A 136 34.18 4.19 -5.69
C SER A 136 32.67 4.29 -5.91
N VAL A 137 32.25 4.80 -7.06
CA VAL A 137 30.82 4.94 -7.36
C VAL A 137 30.07 3.60 -7.27
N GLN A 138 28.79 3.65 -6.88
CA GLN A 138 28.04 2.42 -6.70
C GLN A 138 26.80 2.48 -7.57
N ARG A 139 26.63 1.45 -8.38
CA ARG A 139 25.53 1.46 -9.30
C ARG A 139 24.39 0.70 -8.64
N ILE A 140 23.31 1.42 -8.34
CA ILE A 140 22.19 0.83 -7.60
C ILE A 140 20.86 1.04 -8.30
N LYS A 141 19.82 0.37 -7.78
CA LYS A 141 18.46 0.63 -8.22
C LYS A 141 18.11 2.08 -7.95
N ALA A 142 17.51 2.75 -8.93
CA ALA A 142 17.15 4.15 -8.76
C ALA A 142 16.12 4.35 -7.65
N ARG A 143 15.23 3.37 -7.49
CA ARG A 143 14.20 3.48 -6.48
C ARG A 143 14.78 3.48 -5.06
N ASP A 144 16.02 3.02 -4.95
CA ASP A 144 16.76 3.00 -3.69
C ASP A 144 17.54 4.27 -3.39
N ILE A 145 17.47 5.25 -4.29
CA ILE A 145 18.08 6.54 -4.06
C ILE A 145 17.23 7.34 -3.08
N VAL A 146 17.87 8.12 -2.22
CA VAL A 146 17.17 8.90 -1.21
C VAL A 146 17.65 10.33 -1.19
N PRO A 147 16.83 11.24 -0.66
CA PRO A 147 17.30 12.60 -0.42
C PRO A 147 18.58 12.55 0.42
N GLY A 148 19.56 13.38 0.08
CA GLY A 148 20.84 13.35 0.74
C GLY A 148 21.94 12.58 -0.01
N ASP A 149 21.56 11.67 -0.91
CA ASP A 149 22.54 10.91 -1.68
C ASP A 149 23.39 11.81 -2.57
N ILE A 150 24.69 11.59 -2.54
CA ILE A 150 25.60 12.14 -3.53
C ILE A 150 25.47 11.29 -4.81
N VAL A 151 25.03 11.90 -5.89
CA VAL A 151 24.81 11.16 -7.12
C VAL A 151 25.73 11.66 -8.20
N GLU A 152 26.14 10.75 -9.06
CA GLU A 152 26.96 11.09 -10.20
C GLU A 152 26.11 10.86 -11.46
N VAL A 153 26.02 11.85 -12.34
CA VAL A 153 25.38 11.65 -13.64
C VAL A 153 26.35 11.89 -14.78
N ALA A 154 26.10 11.25 -15.91
CA ALA A 154 26.98 11.42 -17.05
C ALA A 154 26.23 11.27 -18.37
N VAL A 155 26.90 11.67 -19.45
CA VAL A 155 26.31 11.65 -20.80
C VAL A 155 25.54 10.37 -21.13
N GLY A 156 24.30 10.55 -21.59
CA GLY A 156 23.40 9.44 -21.86
C GLY A 156 22.53 9.00 -20.68
N ASP A 157 22.86 9.49 -19.48
CA ASP A 157 22.07 9.09 -18.30
C ASP A 157 20.72 9.75 -18.28
N LYS A 158 19.72 8.99 -17.82
CA LYS A 158 18.50 9.63 -17.39
C LYS A 158 18.75 10.04 -15.92
N VAL A 159 18.40 11.27 -15.59
CA VAL A 159 18.54 11.77 -14.24
C VAL A 159 17.53 11.09 -13.32
N PRO A 160 18.02 10.46 -12.23
CA PRO A 160 17.20 9.59 -11.37
C PRO A 160 16.37 10.27 -10.28
N ALA A 161 16.59 11.54 -9.99
CA ALA A 161 15.88 12.20 -8.89
C ALA A 161 16.10 13.70 -9.03
N ASP A 162 15.36 14.54 -8.29
CA ASP A 162 15.67 15.98 -8.33
C ASP A 162 16.91 16.31 -7.49
N ILE A 163 17.91 16.88 -8.15
CA ILE A 163 19.28 16.94 -7.65
C ILE A 163 19.83 18.35 -7.76
N ARG A 164 20.40 18.84 -6.65
CA ARG A 164 21.17 20.06 -6.66
C ARG A 164 22.55 19.70 -7.17
N ILE A 165 23.00 20.35 -8.23
CA ILE A 165 24.31 20.08 -8.78
C ILE A 165 25.37 20.62 -7.80
N LEU A 166 26.36 19.80 -7.49
CA LEU A 166 27.39 20.21 -6.53
C LEU A 166 28.66 20.60 -7.25
N SER A 167 28.92 19.91 -8.34
CA SER A 167 30.25 19.96 -8.92
C SER A 167 30.18 19.38 -10.31
N ILE A 168 30.56 20.19 -11.30
CA ILE A 168 30.56 19.74 -12.70
C ILE A 168 31.98 19.30 -13.06
N LYS A 169 32.12 18.06 -13.53
CA LYS A 169 33.45 17.48 -13.66
C LYS A 169 33.95 17.68 -15.06
N SER A 170 33.04 17.69 -16.02
CA SER A 170 33.40 18.05 -17.37
C SER A 170 33.48 19.58 -17.44
N THR A 171 33.82 20.09 -18.61
CA THR A 171 33.84 21.53 -18.85
C THR A 171 32.44 22.12 -18.87
N THR A 172 31.46 21.37 -19.35
CA THR A 172 30.06 21.80 -19.23
C THR A 172 29.20 20.59 -18.94
N LEU A 173 28.02 20.86 -18.38
CA LEU A 173 27.01 19.86 -18.20
C LEU A 173 25.86 20.34 -19.05
N ARG A 174 25.50 19.56 -20.07
CA ARG A 174 24.46 19.96 -20.98
C ARG A 174 23.33 19.01 -20.79
N VAL A 175 22.16 19.57 -20.48
CA VAL A 175 20.99 18.74 -20.17
C VAL A 175 19.82 18.99 -21.10
N ASP A 176 19.23 17.90 -21.58
CA ASP A 176 17.97 17.95 -22.29
C ASP A 176 16.82 17.91 -21.27
N GLN A 177 16.13 19.04 -21.09
CA GLN A 177 15.01 19.11 -20.16
C GLN A 177 13.68 19.15 -20.85
N SER A 178 13.61 18.68 -22.10
CA SER A 178 12.34 18.73 -22.84
C SER A 178 11.13 18.17 -22.11
N ILE A 179 11.31 17.20 -21.23
CA ILE A 179 10.11 16.67 -20.56
C ILE A 179 9.40 17.68 -19.65
N LEU A 180 10.11 18.73 -19.26
CA LEU A 180 9.57 19.78 -18.39
C LEU A 180 9.34 21.10 -19.14
N THR A 181 9.97 21.25 -20.30
CA THR A 181 9.88 22.51 -21.06
C THR A 181 9.42 22.35 -22.49
N GLY A 182 9.51 21.14 -23.05
CA GLY A 182 9.17 20.92 -24.44
C GLY A 182 10.38 21.21 -25.35
N GLU A 183 11.38 21.90 -24.79
CA GLU A 183 12.52 22.34 -25.58
C GLU A 183 13.66 21.30 -25.58
N SER A 184 14.14 20.95 -26.75
CA SER A 184 15.23 19.98 -26.79
C SER A 184 16.63 20.57 -26.78
N VAL A 185 16.77 21.89 -26.93
CA VAL A 185 18.11 22.44 -26.89
C VAL A 185 18.67 22.34 -25.48
N SER A 186 19.91 21.92 -25.41
CA SER A 186 20.58 21.64 -24.16
C SER A 186 20.61 22.87 -23.29
N VAL A 187 20.42 22.63 -22.01
CA VAL A 187 20.61 23.63 -21.00
C VAL A 187 22.01 23.47 -20.46
N ILE A 188 22.76 24.57 -20.42
CA ILE A 188 24.08 24.57 -19.81
C ILE A 188 23.87 24.88 -18.34
N LYS A 189 24.25 23.94 -17.47
CA LYS A 189 24.06 24.06 -16.03
C LYS A 189 25.26 24.63 -15.33
N HIS A 190 25.04 25.25 -14.17
CA HIS A 190 26.12 25.73 -13.32
C HIS A 190 25.80 25.35 -11.87
N THR A 191 26.65 25.74 -10.91
CA THR A 191 26.45 25.31 -9.52
C THR A 191 26.09 26.45 -8.54
N GLU A 192 25.85 27.65 -9.05
CA GLU A 192 25.62 28.80 -8.18
C GLU A 192 24.18 28.85 -7.70
N PRO A 193 23.95 29.57 -6.60
CA PRO A 193 22.55 29.79 -6.19
C PRO A 193 21.78 30.51 -7.26
N VAL A 194 20.52 30.11 -7.41
CA VAL A 194 19.49 30.86 -8.11
C VAL A 194 18.58 31.43 -6.99
N PRO A 195 18.81 32.69 -6.62
CA PRO A 195 18.16 33.27 -5.43
C PRO A 195 16.64 33.33 -5.48
N ASP A 196 16.07 33.44 -6.67
CA ASP A 196 14.61 33.57 -6.80
C ASP A 196 13.84 32.37 -6.22
N PRO A 197 13.08 32.61 -5.12
CA PRO A 197 12.25 31.54 -4.57
C PRO A 197 11.19 31.06 -5.56
N ARG A 198 10.87 31.87 -6.56
CA ARG A 198 9.81 31.51 -7.50
C ARG A 198 10.39 31.08 -8.85
N ALA A 199 11.67 30.76 -8.85
CA ALA A 199 12.33 30.31 -10.06
C ALA A 199 11.49 29.22 -10.67
N VAL A 200 11.25 29.35 -11.96
CA VAL A 200 10.58 28.33 -12.74
C VAL A 200 11.68 27.32 -13.18
N ASN A 201 11.32 26.11 -13.61
CA ASN A 201 12.35 25.12 -13.98
C ASN A 201 13.43 25.64 -14.97
N GLN A 202 13.01 26.45 -15.95
CA GLN A 202 13.93 26.99 -16.92
C GLN A 202 14.99 27.90 -16.26
N ASP A 203 14.69 28.40 -15.08
CA ASP A 203 15.61 29.21 -14.28
C ASP A 203 16.56 28.41 -13.40
N LYS A 204 16.18 27.18 -13.06
CA LYS A 204 16.96 26.46 -12.08
C LYS A 204 18.18 25.78 -12.70
N LYS A 205 19.11 26.62 -13.15
CA LYS A 205 20.24 26.18 -13.94
C LYS A 205 21.27 25.39 -13.13
N ASN A 206 21.02 25.28 -11.82
CA ASN A 206 21.84 24.48 -10.92
C ASN A 206 21.16 23.19 -10.42
N MET A 207 20.02 22.83 -11.02
CA MET A 207 19.28 21.62 -10.69
C MET A 207 19.26 20.62 -11.84
N LEU A 208 19.13 19.35 -11.47
CA LEU A 208 18.88 18.26 -12.42
C LEU A 208 17.52 17.67 -12.02
N PHE A 209 16.67 17.47 -13.02
CA PHE A 209 15.34 16.99 -12.73
C PHE A 209 15.18 15.57 -13.19
N SER A 210 14.65 14.76 -12.28
CA SER A 210 14.38 13.36 -12.54
C SER A 210 13.65 13.19 -13.86
N GLY A 211 14.14 12.29 -14.69
CA GLY A 211 13.48 11.98 -15.94
C GLY A 211 14.01 12.75 -17.14
N THR A 212 14.81 13.79 -16.89
CA THR A 212 15.50 14.47 -17.98
C THR A 212 16.76 13.68 -18.26
N ASN A 213 17.56 14.13 -19.22
CA ASN A 213 18.79 13.40 -19.47
C ASN A 213 19.95 14.26 -19.83
N ILE A 214 21.14 13.70 -19.64
CA ILE A 214 22.39 14.40 -19.84
C ILE A 214 22.82 14.25 -21.32
N ALA A 215 22.78 15.36 -22.04
CA ALA A 215 23.25 15.36 -23.42
C ALA A 215 24.76 15.35 -23.46
N ALA A 216 25.41 15.82 -22.39
CA ALA A 216 26.87 15.84 -22.36
C ALA A 216 27.44 16.17 -21.01
N GLY A 217 28.61 15.61 -20.74
CA GLY A 217 29.35 15.97 -19.55
C GLY A 217 29.14 15.07 -18.35
N LYS A 218 29.74 15.46 -17.23
CA LYS A 218 29.74 14.64 -16.04
C LYS A 218 29.58 15.53 -14.81
N ALA A 219 28.67 15.16 -13.92
CA ALA A 219 28.52 15.97 -12.72
C ALA A 219 28.21 15.16 -11.48
N LEU A 220 28.44 15.80 -10.35
CA LEU A 220 28.14 15.29 -9.04
C LEU A 220 27.06 16.18 -8.44
N GLY A 221 26.06 15.57 -7.82
CA GLY A 221 25.06 16.34 -7.14
C GLY A 221 24.59 15.74 -5.83
N ILE A 222 23.72 16.47 -5.13
CA ILE A 222 23.06 15.91 -3.96
C ILE A 222 21.56 15.91 -4.21
N VAL A 223 20.94 14.78 -3.92
CA VAL A 223 19.52 14.60 -4.16
C VAL A 223 18.70 15.46 -3.19
N ALA A 224 17.85 16.30 -3.75
CA ALA A 224 16.98 17.14 -2.92
C ALA A 224 15.68 16.41 -2.65
N THR A 225 15.10 15.80 -3.68
CA THR A 225 13.82 15.10 -3.52
C THR A 225 13.70 13.93 -4.47
N THR A 226 12.86 12.99 -4.08
CA THR A 226 12.64 11.78 -4.84
C THR A 226 11.14 11.53 -4.87
N GLY A 227 10.73 10.44 -5.53
CA GLY A 227 9.33 10.04 -5.57
C GLY A 227 8.42 11.12 -6.15
N VAL A 228 7.22 11.24 -5.57
CA VAL A 228 6.25 12.19 -6.12
C VAL A 228 6.60 13.66 -5.82
N SER A 229 7.59 13.90 -4.95
CA SER A 229 7.97 15.28 -4.63
C SER A 229 8.97 15.81 -5.64
N THR A 230 8.81 15.45 -6.90
CA THR A 230 9.72 15.90 -7.92
C THR A 230 8.90 16.53 -9.01
N GLU A 231 9.55 17.27 -9.88
CA GLU A 231 8.86 17.84 -11.02
C GLU A 231 8.12 16.79 -11.87
N ILE A 232 8.76 15.65 -12.17
CA ILE A 232 8.07 14.64 -12.95
C ILE A 232 6.95 14.00 -12.11
N GLY A 233 7.12 13.99 -10.78
CA GLY A 233 6.09 13.52 -9.88
C GLY A 233 4.86 14.40 -9.88
N LYS A 234 5.05 15.70 -10.06
CA LYS A 234 3.93 16.63 -10.17
C LYS A 234 3.14 16.37 -11.43
N ILE A 235 3.86 16.11 -12.52
CA ILE A 235 3.21 15.72 -13.77
C ILE A 235 2.42 14.43 -13.52
N ARG A 236 3.02 13.50 -12.80
CA ARG A 236 2.35 12.25 -12.55
C ARG A 236 1.07 12.46 -11.75
N ASP A 237 1.13 13.36 -10.77
CA ASP A 237 -0.04 13.59 -9.93
C ASP A 237 -1.18 14.29 -10.66
N GLN A 238 -0.86 15.16 -11.62
CA GLN A 238 -1.91 15.81 -12.38
C GLN A 238 -2.55 14.86 -13.38
N MET A 239 -1.79 13.89 -13.84
CA MET A 239 -2.36 12.86 -14.69
C MET A 239 -3.16 11.84 -13.87
N ALA A 240 -2.81 11.72 -12.59
CA ALA A 240 -3.49 10.76 -11.73
C ALA A 240 -4.81 11.33 -11.23
N ALA A 241 -4.89 12.64 -11.10
CA ALA A 241 -6.16 13.29 -10.84
C ALA A 241 -7.09 13.03 -12.02
N THR A 242 -7.61 11.80 -12.07
CA THR A 242 -8.39 11.31 -13.21
C THR A 242 -9.87 11.67 -13.05
N GLU A 243 -10.29 12.71 -13.76
CA GLU A 243 -11.66 13.18 -13.62
C GLU A 243 -12.65 12.40 -14.49
N GLN A 244 -12.12 11.56 -15.38
CA GLN A 244 -12.92 10.70 -16.27
C GLN A 244 -14.12 11.42 -16.87
N ASP A 245 -13.89 12.63 -17.37
CA ASP A 245 -14.98 13.49 -17.82
C ASP A 245 -15.77 12.93 -19.00
N LYS A 246 -16.65 13.74 -19.55
CA LYS A 246 -17.58 13.25 -20.54
C LYS A 246 -18.07 14.30 -21.52
N THR A 247 -18.25 13.88 -22.77
CA THR A 247 -18.81 14.70 -23.85
C THR A 247 -20.05 15.46 -23.37
N PRO A 248 -20.16 16.74 -23.77
CA PRO A 248 -21.34 17.57 -23.47
C PRO A 248 -22.65 16.81 -23.64
N LEU A 249 -22.84 16.15 -24.78
CA LEU A 249 -24.02 15.32 -24.98
C LEU A 249 -24.01 14.09 -24.07
N GLN A 250 -22.83 13.52 -23.83
CA GLN A 250 -22.71 12.37 -22.94
C GLN A 250 -23.03 12.78 -21.50
N GLN A 251 -22.86 14.06 -21.19
CA GLN A 251 -23.34 14.59 -19.93
C GLN A 251 -24.84 14.86 -20.02
N LYS A 252 -25.32 15.17 -21.22
CA LYS A 252 -26.77 15.28 -21.45
C LYS A 252 -27.41 13.91 -21.30
N LEU A 253 -26.72 12.89 -21.80
CA LEU A 253 -27.20 11.52 -21.68
C LEU A 253 -27.33 11.17 -20.21
N ASP A 254 -26.22 11.31 -19.48
CA ASP A 254 -26.18 11.07 -18.05
C ASP A 254 -27.27 11.90 -17.35
N GLU A 255 -27.48 13.11 -17.86
CA GLU A 255 -28.54 13.98 -17.35
C GLU A 255 -29.91 13.39 -17.64
N PHE A 256 -30.15 13.04 -18.91
CA PHE A 256 -31.45 12.53 -19.32
C PHE A 256 -31.78 11.20 -18.64
N GLY A 257 -30.74 10.52 -18.15
CA GLY A 257 -30.92 9.33 -17.34
C GLY A 257 -31.69 9.69 -16.08
N GLU A 258 -31.24 10.74 -15.40
CA GLU A 258 -31.93 11.26 -14.22
C GLU A 258 -33.33 11.74 -14.60
N GLN A 259 -33.42 12.36 -15.78
CA GLN A 259 -34.69 12.88 -16.30
C GLN A 259 -35.74 11.79 -16.44
N LEU A 260 -35.42 10.77 -17.24
CA LEU A 260 -36.39 9.75 -17.61
C LEU A 260 -36.71 8.79 -16.47
N SER A 261 -35.76 8.60 -15.56
CA SER A 261 -35.92 7.64 -14.46
C SER A 261 -36.94 8.11 -13.42
N LYS A 262 -37.16 9.42 -13.35
CA LYS A 262 -38.18 9.97 -12.46
C LYS A 262 -39.53 10.01 -13.16
N VAL A 263 -39.51 10.39 -14.44
CA VAL A 263 -40.72 10.44 -15.26
C VAL A 263 -41.47 9.11 -15.22
N ILE A 264 -40.73 8.02 -15.16
CA ILE A 264 -41.30 6.68 -15.08
C ILE A 264 -41.89 6.42 -13.69
N SER A 265 -41.15 6.76 -12.66
CA SER A 265 -41.60 6.58 -11.27
C SER A 265 -42.88 7.35 -11.00
N LEU A 266 -42.97 8.55 -11.55
CA LEU A 266 -44.17 9.37 -11.42
C LEU A 266 -45.33 8.76 -12.21
N ILE A 267 -45.04 8.33 -13.43
CA ILE A 267 -46.08 7.75 -14.30
C ILE A 267 -46.58 6.41 -13.74
N CYS A 268 -45.71 5.67 -13.07
CA CYS A 268 -46.09 4.38 -12.48
C CYS A 268 -47.04 4.50 -11.29
N VAL A 269 -46.83 5.52 -10.47
CA VAL A 269 -47.75 5.80 -9.36
C VAL A 269 -48.99 6.51 -9.92
N ALA A 270 -48.83 7.16 -11.07
CA ALA A 270 -49.95 7.83 -11.75
C ALA A 270 -50.87 6.79 -12.38
N VAL A 271 -50.29 5.75 -12.98
CA VAL A 271 -51.06 4.62 -13.44
C VAL A 271 -51.74 3.98 -12.24
N TRP A 272 -51.02 3.93 -11.12
CA TRP A 272 -51.54 3.33 -9.89
C TRP A 272 -52.75 4.09 -9.34
N LEU A 273 -52.74 5.41 -9.47
CA LEU A 273 -53.87 6.21 -9.00
C LEU A 273 -55.12 5.96 -9.85
N ILE A 274 -54.92 5.71 -11.13
CA ILE A 274 -56.03 5.39 -12.03
C ILE A 274 -56.30 3.89 -12.00
N ASN A 275 -55.31 3.13 -11.48
CA ASN A 275 -55.51 1.72 -11.20
C ASN A 275 -56.24 1.57 -9.87
N ILE A 276 -56.00 2.52 -8.97
CA ILE A 276 -56.69 2.56 -7.68
C ILE A 276 -58.02 3.29 -7.84
N GLY A 277 -58.23 3.87 -9.02
CA GLY A 277 -59.49 4.51 -9.37
C GLY A 277 -60.63 3.50 -9.39
N HIS A 278 -60.44 2.40 -10.12
CA HIS A 278 -61.40 1.30 -10.08
C HIS A 278 -60.96 0.21 -9.10
N PHE A 279 -60.44 0.65 -7.95
CA PHE A 279 -60.09 -0.23 -6.85
C PHE A 279 -61.24 -0.24 -5.86
N ASN A 280 -62.07 0.80 -5.95
CA ASN A 280 -63.26 0.91 -5.13
C ASN A 280 -64.44 0.11 -5.69
N ASP A 281 -64.23 -0.54 -6.83
CA ASP A 281 -65.25 -1.41 -7.41
C ASP A 281 -64.69 -2.65 -8.13
N PRO A 282 -63.89 -3.47 -7.42
CA PRO A 282 -63.32 -4.64 -8.08
C PRO A 282 -64.25 -5.85 -7.99
N VAL A 283 -65.41 -5.65 -7.36
CA VAL A 283 -66.39 -6.72 -7.05
C VAL A 283 -65.81 -8.05 -6.56
N HIS A 284 -64.54 -8.02 -6.15
CA HIS A 284 -63.79 -9.20 -5.69
C HIS A 284 -64.14 -10.52 -6.36
N GLY A 285 -64.13 -10.51 -7.70
CA GLY A 285 -64.39 -11.69 -8.48
C GLY A 285 -63.11 -12.38 -8.91
N GLY A 286 -62.01 -11.63 -8.87
CA GLY A 286 -60.71 -12.17 -9.22
C GLY A 286 -59.67 -11.83 -8.17
N SER A 287 -60.13 -11.58 -6.95
CA SER A 287 -59.28 -11.22 -5.82
C SER A 287 -58.32 -10.07 -6.14
N TRP A 288 -57.02 -10.33 -6.02
CA TRP A 288 -56.00 -9.34 -6.30
C TRP A 288 -54.80 -9.95 -7.00
N ILE A 289 -54.87 -11.25 -7.26
CA ILE A 289 -53.85 -11.94 -8.02
C ILE A 289 -53.83 -11.43 -9.45
N ARG A 290 -55.01 -11.11 -9.97
CA ARG A 290 -55.14 -10.57 -11.32
C ARG A 290 -54.72 -9.11 -11.34
N GLY A 291 -55.04 -8.39 -10.26
CA GLY A 291 -54.77 -6.97 -10.16
C GLY A 291 -53.31 -6.62 -10.00
N ALA A 292 -52.62 -7.32 -9.11
CA ALA A 292 -51.22 -7.05 -8.83
C ALA A 292 -50.29 -7.62 -9.90
N ILE A 293 -50.87 -8.36 -10.84
CA ILE A 293 -50.11 -8.93 -11.96
C ILE A 293 -50.36 -8.14 -13.24
N TYR A 294 -51.58 -7.65 -13.42
CA TYR A 294 -51.88 -6.76 -14.53
C TYR A 294 -51.13 -5.45 -14.40
N TYR A 295 -50.84 -5.06 -13.15
CA TYR A 295 -50.16 -3.79 -12.87
C TYR A 295 -48.67 -3.83 -13.20
N PHE A 296 -48.03 -4.96 -12.93
CA PHE A 296 -46.62 -5.13 -13.25
C PHE A 296 -46.42 -5.26 -14.75
N LYS A 297 -47.35 -5.97 -15.38
CA LYS A 297 -47.44 -6.08 -16.83
C LYS A 297 -47.40 -4.69 -17.48
N ILE A 298 -48.14 -3.75 -16.89
CA ILE A 298 -48.19 -2.36 -17.36
C ILE A 298 -46.84 -1.69 -17.14
N ALA A 299 -46.26 -1.90 -15.95
CA ALA A 299 -45.00 -1.27 -15.59
C ALA A 299 -43.87 -1.67 -16.54
N VAL A 300 -43.79 -2.97 -16.84
CA VAL A 300 -42.79 -3.46 -17.78
C VAL A 300 -43.00 -2.86 -19.16
N ALA A 301 -44.26 -2.69 -19.55
CA ALA A 301 -44.59 -2.11 -20.85
C ALA A 301 -44.30 -0.61 -20.89
N LEU A 302 -44.47 0.06 -19.76
CA LEU A 302 -44.21 1.51 -19.67
C LEU A 302 -42.72 1.81 -19.63
N ALA A 303 -42.02 1.07 -18.77
CA ALA A 303 -40.57 1.21 -18.64
C ALA A 303 -39.88 0.93 -19.97
N VAL A 304 -40.32 -0.13 -20.64
CA VAL A 304 -39.78 -0.47 -21.95
C VAL A 304 -40.09 0.64 -22.95
N ALA A 305 -41.31 1.16 -22.89
CA ALA A 305 -41.77 2.20 -23.81
C ALA A 305 -41.03 3.53 -23.62
N ALA A 306 -40.69 3.85 -22.38
CA ALA A 306 -40.04 5.11 -22.06
C ALA A 306 -38.57 5.10 -22.46
N ILE A 307 -37.85 4.07 -22.02
CA ILE A 307 -36.44 3.91 -22.34
C ILE A 307 -36.23 3.63 -23.82
N PRO A 308 -35.45 4.49 -24.49
CA PRO A 308 -35.19 4.33 -25.92
C PRO A 308 -33.97 3.42 -26.12
N GLU A 309 -34.11 2.13 -25.85
CA GLU A 309 -33.03 1.19 -26.14
C GLU A 309 -32.70 1.29 -27.63
N GLY A 310 -31.51 0.86 -28.02
CA GLY A 310 -31.06 1.07 -29.38
C GLY A 310 -30.38 2.41 -29.55
N LEU A 311 -30.76 3.40 -28.74
CA LEU A 311 -30.07 4.69 -28.71
C LEU A 311 -28.56 4.55 -28.44
N PRO A 312 -28.17 3.72 -27.45
CA PRO A 312 -26.72 3.55 -27.28
C PRO A 312 -26.05 2.98 -28.54
N ALA A 313 -26.79 2.18 -29.29
CA ALA A 313 -26.22 1.53 -30.48
C ALA A 313 -26.08 2.49 -31.65
N VAL A 314 -27.10 3.31 -31.89
CA VAL A 314 -27.08 4.22 -33.03
C VAL A 314 -26.00 5.29 -32.83
N ILE A 315 -25.82 5.70 -31.58
CA ILE A 315 -24.80 6.68 -31.22
C ILE A 315 -23.41 6.11 -31.47
N THR A 316 -23.14 4.96 -30.86
CA THR A 316 -21.85 4.27 -31.00
C THR A 316 -21.51 4.06 -32.46
N THR A 317 -22.51 3.71 -33.24
CA THR A 317 -22.35 3.51 -34.67
C THR A 317 -22.04 4.84 -35.36
N CYS A 318 -22.71 5.90 -34.93
CA CYS A 318 -22.49 7.22 -35.49
C CYS A 318 -21.05 7.69 -35.21
N LEU A 319 -20.68 7.63 -33.93
CA LEU A 319 -19.34 7.92 -33.48
C LEU A 319 -18.28 7.08 -34.18
N ALA A 320 -18.51 5.77 -34.26
CA ALA A 320 -17.53 4.85 -34.83
C ALA A 320 -17.28 5.18 -36.29
N LEU A 321 -18.35 5.49 -37.01
CA LEU A 321 -18.22 5.87 -38.41
C LEU A 321 -17.46 7.18 -38.50
N GLY A 322 -17.75 8.09 -37.58
CA GLY A 322 -17.05 9.37 -37.51
C GLY A 322 -15.56 9.15 -37.35
N THR A 323 -15.19 8.21 -36.49
CA THR A 323 -13.82 7.84 -36.27
C THR A 323 -13.20 7.29 -37.56
N ARG A 324 -13.99 6.55 -38.34
CA ARG A 324 -13.48 6.03 -39.61
C ARG A 324 -13.19 7.14 -40.62
N ARG A 325 -14.02 8.17 -40.63
CA ARG A 325 -13.79 9.30 -41.52
C ARG A 325 -12.52 10.07 -41.13
N MET A 326 -12.35 10.32 -39.84
CA MET A 326 -11.18 11.04 -39.36
C MET A 326 -9.88 10.26 -39.57
N ALA A 327 -9.97 8.94 -39.50
CA ALA A 327 -8.80 8.11 -39.73
C ALA A 327 -8.29 8.30 -41.15
N LYS A 328 -9.19 8.49 -42.10
CA LYS A 328 -8.79 8.71 -43.49
C LYS A 328 -8.13 10.08 -43.72
N LYS A 329 -8.28 11.00 -42.76
CA LYS A 329 -7.53 12.25 -42.77
C LYS A 329 -6.24 12.20 -41.92
N ASN A 330 -5.92 11.01 -41.41
CA ASN A 330 -4.79 10.79 -40.52
C ASN A 330 -4.98 11.33 -39.08
N ALA A 331 -6.23 11.41 -38.64
CA ALA A 331 -6.57 11.69 -37.25
C ALA A 331 -7.03 10.42 -36.55
N ILE A 332 -6.19 9.89 -35.68
CA ILE A 332 -6.50 8.67 -34.95
C ILE A 332 -7.24 9.02 -33.66
N VAL A 333 -8.54 8.77 -33.63
CA VAL A 333 -9.32 9.06 -32.42
C VAL A 333 -9.26 7.85 -31.50
N ARG A 334 -8.87 8.09 -30.25
CA ARG A 334 -8.61 7.03 -29.29
C ARG A 334 -9.79 6.88 -28.35
N SER A 335 -10.70 7.83 -28.40
CA SER A 335 -11.90 7.81 -27.57
C SER A 335 -13.08 8.17 -28.47
N LEU A 336 -14.05 7.28 -28.59
CA LEU A 336 -15.17 7.50 -29.50
C LEU A 336 -15.94 8.82 -29.37
N PRO A 337 -16.35 9.22 -28.15
CA PRO A 337 -17.10 10.48 -28.04
C PRO A 337 -16.32 11.73 -28.49
N SER A 338 -15.01 11.69 -28.39
CA SER A 338 -14.17 12.84 -28.66
C SER A 338 -14.30 13.40 -30.07
N VAL A 339 -14.61 12.52 -31.03
CA VAL A 339 -14.68 12.89 -32.43
C VAL A 339 -15.71 14.01 -32.62
N GLU A 340 -16.65 14.08 -31.69
CA GLU A 340 -17.73 15.06 -31.72
C GLU A 340 -17.47 16.23 -30.77
N THR A 341 -16.85 15.94 -29.64
CA THR A 341 -16.56 16.96 -28.63
C THR A 341 -15.79 18.16 -29.21
N LEU A 342 -14.96 17.91 -30.21
CA LEU A 342 -14.17 18.96 -30.83
C LEU A 342 -15.04 20.01 -31.50
N GLY A 343 -16.24 19.60 -31.93
CA GLY A 343 -17.15 20.50 -32.60
C GLY A 343 -17.64 21.64 -31.74
N CYS A 344 -17.76 21.39 -30.44
CA CYS A 344 -18.24 22.37 -29.49
C CYS A 344 -17.11 23.26 -28.96
N THR A 345 -15.88 22.98 -29.38
CA THR A 345 -14.70 23.68 -28.88
C THR A 345 -14.75 25.15 -29.22
N SER A 346 -14.49 25.98 -28.22
CA SER A 346 -14.49 27.41 -28.43
C SER A 346 -13.07 27.95 -28.34
N VAL A 347 -12.20 27.22 -27.65
CA VAL A 347 -10.80 27.61 -27.46
C VAL A 347 -9.87 26.44 -27.66
N ILE A 348 -8.84 26.63 -28.47
CA ILE A 348 -7.84 25.60 -28.66
C ILE A 348 -6.52 26.11 -28.08
N CYS A 349 -6.07 25.50 -26.98
CA CYS A 349 -4.75 25.78 -26.43
C CYS A 349 -3.74 24.93 -27.17
N SER A 350 -2.59 25.51 -27.43
CA SER A 350 -1.58 24.80 -28.19
C SER A 350 -0.19 24.97 -27.64
N ASP A 351 0.49 23.86 -27.46
CA ASP A 351 1.93 23.90 -27.32
C ASP A 351 2.50 24.54 -28.59
N LYS A 352 3.65 25.18 -28.50
CA LYS A 352 4.32 25.70 -29.68
C LYS A 352 5.27 24.63 -30.26
N THR A 353 6.35 24.35 -29.54
CA THR A 353 7.44 23.55 -30.07
C THR A 353 7.10 22.08 -30.44
N GLY A 354 7.24 21.74 -31.71
CA GLY A 354 6.91 20.39 -32.16
C GLY A 354 5.43 20.25 -32.42
N THR A 355 4.69 21.32 -32.14
CA THR A 355 3.25 21.33 -32.30
C THR A 355 2.87 22.37 -33.34
N LEU A 356 2.92 23.63 -32.95
CA LEU A 356 2.79 24.71 -33.91
C LEU A 356 4.00 24.77 -34.86
N THR A 357 5.18 24.41 -34.35
CA THR A 357 6.45 24.45 -35.08
C THR A 357 6.96 23.04 -35.33
N THR A 358 8.00 22.90 -36.15
CA THR A 358 8.47 21.58 -36.55
C THR A 358 9.39 20.94 -35.50
N ASN A 359 9.81 21.74 -34.52
CA ASN A 359 10.82 21.31 -33.55
C ASN A 359 12.08 20.83 -34.25
N GLN A 360 12.45 21.53 -35.31
CA GLN A 360 13.65 21.19 -36.05
C GLN A 360 14.32 22.51 -36.35
N MET A 361 15.38 22.76 -35.62
CA MET A 361 16.04 24.05 -35.63
C MET A 361 16.66 24.30 -37.03
N SER A 362 16.38 25.46 -37.60
CA SER A 362 16.71 25.79 -38.99
C SER A 362 17.46 27.13 -39.16
N VAL A 363 18.59 27.12 -39.83
CA VAL A 363 19.27 28.36 -40.20
C VAL A 363 18.46 28.96 -41.33
N CYS A 364 17.88 30.13 -41.11
CA CYS A 364 17.00 30.73 -42.09
C CYS A 364 17.60 32.06 -42.59
N LYS A 365 18.62 32.54 -41.92
CA LYS A 365 19.28 33.77 -42.36
C LYS A 365 20.77 33.61 -42.15
N MET A 366 21.58 34.20 -43.01
CA MET A 366 23.02 34.27 -42.78
C MET A 366 23.62 35.48 -43.46
N PHE A 367 24.78 35.90 -42.97
CA PHE A 367 25.52 36.93 -43.69
C PHE A 367 27.03 36.80 -43.63
N ILE A 368 27.69 37.34 -44.66
CA ILE A 368 29.12 37.52 -44.67
C ILE A 368 29.44 38.96 -45.00
N ILE A 369 30.73 39.32 -45.04
CA ILE A 369 31.08 40.70 -45.38
C ILE A 369 31.45 40.85 -46.86
N ASP A 370 30.82 41.80 -47.54
CA ASP A 370 31.01 41.99 -48.97
C ASP A 370 32.13 42.96 -49.25
N LYS A 371 32.09 44.11 -48.60
CA LYS A 371 33.17 45.07 -48.68
C LYS A 371 33.28 45.90 -47.42
N VAL A 372 34.50 46.35 -47.17
CA VAL A 372 34.77 47.23 -46.06
C VAL A 372 35.44 48.42 -46.67
N ASP A 373 34.76 49.56 -46.62
CA ASP A 373 35.30 50.76 -47.21
C ASP A 373 35.62 51.76 -46.09
N GLY A 374 36.77 51.55 -45.45
CA GLY A 374 37.21 52.39 -44.36
C GLY A 374 36.36 52.27 -43.10
N ASP A 375 35.33 53.10 -43.02
CA ASP A 375 34.46 53.11 -41.85
C ASP A 375 33.16 52.39 -42.15
N PHE A 376 32.66 52.55 -43.37
CA PHE A 376 31.48 51.83 -43.80
C PHE A 376 31.82 50.36 -44.07
N CYS A 377 30.81 49.51 -43.95
CA CYS A 377 31.00 48.08 -43.93
C CYS A 377 29.74 47.46 -44.51
N SER A 378 29.86 46.84 -45.68
CA SER A 378 28.67 46.32 -46.35
C SER A 378 28.48 44.84 -46.13
N LEU A 379 27.29 44.44 -45.69
CA LEU A 379 27.04 43.02 -45.49
C LEU A 379 26.35 42.35 -46.66
N ASN A 380 26.68 41.08 -46.86
CA ASN A 380 25.99 40.27 -47.85
C ASN A 380 25.09 39.29 -47.13
N GLU A 381 23.79 39.59 -47.10
CA GLU A 381 22.81 38.75 -46.45
C GLU A 381 22.08 37.79 -47.38
N PHE A 382 21.85 36.58 -46.88
CA PHE A 382 21.11 35.55 -47.59
C PHE A 382 20.03 35.00 -46.70
N SER A 383 18.97 34.49 -47.29
CA SER A 383 18.01 33.74 -46.51
C SER A 383 18.06 32.29 -46.99
N ILE A 384 17.67 31.35 -46.16
CA ILE A 384 17.69 29.93 -46.50
C ILE A 384 16.30 29.36 -46.23
N THR A 385 15.76 28.56 -47.14
CA THR A 385 14.41 28.00 -46.97
C THR A 385 14.46 26.57 -46.47
N GLY A 386 13.30 26.06 -46.06
CA GLY A 386 13.23 24.74 -45.49
C GLY A 386 13.08 24.85 -43.99
N SER A 387 12.36 23.90 -43.41
CA SER A 387 11.90 24.04 -42.03
C SER A 387 12.14 22.76 -41.26
N THR A 388 12.83 21.82 -41.89
CA THR A 388 13.19 20.57 -41.20
C THR A 388 14.68 20.31 -41.31
N TYR A 389 15.12 19.22 -40.69
CA TYR A 389 16.52 18.84 -40.76
C TYR A 389 16.84 18.24 -42.13
N ALA A 390 15.82 17.95 -42.93
CA ALA A 390 16.03 17.41 -44.26
C ALA A 390 16.81 18.42 -45.06
N PRO A 391 17.81 17.94 -45.82
CA PRO A 391 18.69 18.86 -46.52
C PRO A 391 17.99 19.30 -47.79
N GLU A 392 16.85 19.95 -47.62
CA GLU A 392 15.97 20.36 -48.70
C GLU A 392 15.60 21.81 -48.47
N GLY A 393 15.87 22.65 -49.47
CA GLY A 393 15.67 24.08 -49.32
C GLY A 393 16.77 24.74 -50.13
N GLU A 394 16.66 26.04 -50.34
CA GLU A 394 17.70 26.70 -51.10
C GLU A 394 18.14 27.99 -50.42
N VAL A 395 19.33 28.44 -50.81
CA VAL A 395 19.86 29.69 -50.31
C VAL A 395 19.39 30.76 -51.24
N LEU A 396 18.85 31.84 -50.69
CA LEU A 396 18.28 32.91 -51.50
C LEU A 396 18.98 34.26 -51.30
N LYS A 397 19.09 35.04 -52.38
CA LYS A 397 19.61 36.40 -52.33
C LYS A 397 18.51 37.26 -52.90
N ASN A 398 18.00 38.20 -52.12
CA ASN A 398 16.86 38.99 -52.55
C ASN A 398 15.72 38.08 -53.05
N ASP A 399 15.47 37.00 -52.33
CA ASP A 399 14.38 36.08 -52.68
C ASP A 399 14.56 35.28 -53.98
N LYS A 400 15.77 35.26 -54.50
CA LYS A 400 16.04 34.43 -55.65
C LYS A 400 17.16 33.46 -55.31
N PRO A 401 17.05 32.22 -55.79
CA PRO A 401 18.04 31.21 -55.43
C PRO A 401 19.40 31.52 -56.05
N ILE A 402 20.47 31.23 -55.32
CA ILE A 402 21.81 31.45 -55.83
C ILE A 402 22.65 30.25 -55.48
N ARG A 403 23.82 30.17 -56.09
CA ARG A 403 24.73 29.10 -55.76
C ARG A 403 25.68 29.60 -54.70
N SER A 404 25.62 28.99 -53.53
CA SER A 404 26.45 29.45 -52.43
C SER A 404 27.93 29.48 -52.79
N GLY A 405 28.38 28.54 -53.62
CA GLY A 405 29.79 28.46 -53.99
C GLY A 405 30.33 29.66 -54.77
N GLN A 406 29.42 30.49 -55.28
CA GLN A 406 29.79 31.72 -55.95
C GLN A 406 30.60 32.64 -55.03
N PHE A 407 30.37 32.55 -53.72
CA PHE A 407 30.92 33.52 -52.77
C PHE A 407 31.94 32.84 -51.86
N ASP A 408 33.16 33.32 -51.89
CA ASP A 408 34.23 32.73 -51.11
C ASP A 408 33.93 32.72 -49.63
N GLY A 409 33.23 33.76 -49.17
CA GLY A 409 32.90 33.90 -47.76
C GLY A 409 31.92 32.84 -47.32
N LEU A 410 31.04 32.41 -48.24
CA LEU A 410 30.10 31.34 -47.92
C LEU A 410 30.78 29.99 -47.89
N VAL A 411 31.76 29.79 -48.79
CA VAL A 411 32.55 28.55 -48.78
C VAL A 411 33.17 28.44 -47.38
N GLU A 412 33.70 29.55 -46.89
CA GLU A 412 34.34 29.55 -45.59
C GLU A 412 33.36 29.37 -44.46
N LEU A 413 32.23 30.04 -44.54
CA LEU A 413 31.15 29.87 -43.56
C LEU A 413 30.71 28.40 -43.47
N ALA A 414 30.51 27.79 -44.63
CA ALA A 414 30.12 26.39 -44.72
C ALA A 414 31.20 25.52 -44.07
N THR A 415 32.46 25.87 -44.34
CA THR A 415 33.57 25.09 -43.82
C THR A 415 33.58 25.10 -42.29
N ILE A 416 33.45 26.30 -41.72
CA ILE A 416 33.37 26.41 -40.27
C ILE A 416 32.13 25.68 -39.72
N CYS A 417 30.98 25.88 -40.37
CA CYS A 417 29.76 25.21 -39.96
C CYS A 417 29.89 23.70 -39.97
N ALA A 418 30.62 23.17 -40.96
CA ALA A 418 30.78 21.72 -41.10
C ALA A 418 31.75 21.17 -40.09
N LEU A 419 32.85 21.90 -39.88
CA LEU A 419 33.95 21.40 -39.08
C LEU A 419 33.81 21.74 -37.59
N CYS A 420 33.30 22.92 -37.29
CA CYS A 420 33.22 23.32 -35.89
C CYS A 420 31.90 22.83 -35.36
N ASN A 421 31.83 21.52 -35.12
CA ASN A 421 30.54 20.83 -35.04
C ASN A 421 30.67 19.39 -34.54
N ASP A 422 29.90 19.04 -33.51
CA ASP A 422 29.99 17.68 -32.97
C ASP A 422 28.78 16.87 -33.34
N SER A 423 27.94 17.41 -34.19
CA SER A 423 26.74 16.68 -34.54
C SER A 423 26.73 16.23 -35.97
N SER A 424 25.66 15.55 -36.35
CA SER A 424 25.46 15.23 -37.74
C SER A 424 24.00 15.03 -38.01
N LEU A 425 23.71 14.35 -39.10
CA LEU A 425 22.36 14.20 -39.58
C LEU A 425 22.24 12.73 -39.93
N ASP A 426 21.04 12.19 -39.84
CA ASP A 426 20.89 10.78 -40.08
C ASP A 426 19.54 10.56 -40.71
N PHE A 427 19.47 9.69 -41.70
CA PHE A 427 18.18 9.40 -42.28
C PHE A 427 17.63 8.13 -41.70
N ASN A 428 16.60 8.28 -40.88
CA ASN A 428 15.94 7.14 -40.26
C ASN A 428 15.08 6.40 -41.29
N GLU A 429 15.56 5.24 -41.74
CA GLU A 429 14.89 4.48 -42.79
C GLU A 429 13.53 3.98 -42.34
N THR A 430 13.39 3.71 -41.05
CA THR A 430 12.13 3.25 -40.49
C THR A 430 11.06 4.36 -40.46
N LYS A 431 11.40 5.53 -39.93
CA LYS A 431 10.42 6.63 -39.90
C LYS A 431 10.28 7.38 -41.21
N GLY A 432 11.23 7.21 -42.12
CA GLY A 432 11.21 7.92 -43.39
C GLY A 432 11.54 9.41 -43.33
N VAL A 433 12.25 9.83 -42.29
CA VAL A 433 12.59 11.25 -42.15
C VAL A 433 14.04 11.39 -41.71
N TYR A 434 14.61 12.57 -41.96
CA TYR A 434 15.92 12.92 -41.44
C TYR A 434 15.76 13.26 -39.97
N GLU A 435 16.73 12.84 -39.17
CA GLU A 435 16.73 13.19 -37.75
C GLU A 435 18.10 13.73 -37.35
N LYS A 436 18.14 14.59 -36.33
CA LYS A 436 19.43 15.07 -35.86
C LYS A 436 20.16 13.95 -35.10
N VAL A 437 21.47 14.11 -34.94
CA VAL A 437 22.26 13.24 -34.12
C VAL A 437 23.09 14.25 -33.38
N GLY A 438 22.79 14.46 -32.09
CA GLY A 438 23.48 15.53 -31.38
C GLY A 438 22.60 16.74 -31.15
N GLU A 439 23.21 17.90 -30.95
CA GLU A 439 22.47 19.08 -30.55
C GLU A 439 21.72 19.65 -31.74
N ALA A 440 20.49 20.08 -31.48
CA ALA A 440 19.65 20.73 -32.47
C ALA A 440 20.35 21.89 -33.13
N THR A 441 21.00 22.74 -32.32
CA THR A 441 21.62 23.96 -32.82
C THR A 441 22.84 23.63 -33.66
N GLU A 442 23.40 22.45 -33.46
CA GLU A 442 24.53 22.05 -34.30
C GLU A 442 24.07 21.36 -35.57
N THR A 443 23.03 20.53 -35.47
CA THR A 443 22.47 19.88 -36.63
C THR A 443 21.90 20.90 -37.59
N ALA A 444 21.45 22.04 -37.07
CA ALA A 444 21.02 23.09 -37.99
C ALA A 444 22.18 23.52 -38.90
N LEU A 445 23.40 23.55 -38.37
CA LEU A 445 24.53 23.98 -39.17
C LEU A 445 24.84 22.92 -40.20
N THR A 446 24.76 21.66 -39.77
CA THR A 446 24.94 20.53 -40.67
C THR A 446 23.95 20.56 -41.83
N THR A 447 22.69 20.79 -41.52
CA THR A 447 21.65 20.88 -42.53
C THR A 447 21.94 22.03 -43.49
N LEU A 448 22.36 23.18 -42.93
CA LEU A 448 22.70 24.36 -43.73
C LEU A 448 23.79 24.01 -44.78
N VAL A 449 24.82 23.29 -44.33
CA VAL A 449 25.94 22.96 -45.19
C VAL A 449 25.43 22.13 -46.36
N GLU A 450 24.51 21.22 -46.07
CA GLU A 450 23.90 20.39 -47.11
C GLU A 450 23.06 21.19 -48.09
N LYS A 451 22.36 22.23 -47.61
CA LYS A 451 21.58 23.05 -48.53
C LYS A 451 22.48 23.96 -49.34
N MET A 452 23.54 24.45 -48.70
CA MET A 452 24.43 25.37 -49.38
C MET A 452 25.22 24.68 -50.51
N ASN A 453 25.71 23.46 -50.25
CA ASN A 453 26.42 22.67 -51.26
C ASN A 453 27.45 23.54 -52.01
N VAL A 454 28.36 24.14 -51.26
CA VAL A 454 29.27 25.14 -51.79
C VAL A 454 30.22 24.59 -52.86
N PHE A 455 30.43 23.29 -52.87
CA PHE A 455 31.27 22.69 -53.92
C PHE A 455 30.47 22.10 -55.09
N ASN A 456 29.17 22.37 -55.13
CA ASN A 456 28.33 21.90 -56.23
C ASN A 456 28.44 20.41 -56.48
N THR A 457 28.65 19.70 -55.39
CA THR A 457 28.66 18.25 -55.34
C THR A 457 27.35 17.67 -55.87
N GLU A 458 27.46 16.67 -56.75
CA GLU A 458 26.27 16.02 -57.28
C GLU A 458 25.60 15.20 -56.20
N VAL A 459 24.38 15.57 -55.80
CA VAL A 459 23.70 14.87 -54.70
C VAL A 459 22.35 14.29 -55.06
N ARG A 460 21.92 14.49 -56.30
CA ARG A 460 20.56 14.08 -56.66
C ARG A 460 20.40 12.57 -56.80
N ASN A 461 21.49 11.84 -57.04
CA ASN A 461 21.37 10.40 -57.22
C ASN A 461 21.72 9.59 -55.97
N LEU A 462 22.00 10.29 -54.87
CA LEU A 462 22.29 9.61 -53.61
C LEU A 462 21.01 9.08 -52.98
N SER A 463 21.12 7.94 -52.33
CA SER A 463 20.07 7.51 -51.42
C SER A 463 19.91 8.56 -50.34
N LYS A 464 18.75 8.57 -49.69
CA LYS A 464 18.54 9.52 -48.62
C LYS A 464 19.48 9.25 -47.47
N VAL A 465 19.86 7.99 -47.23
CA VAL A 465 20.83 7.79 -46.15
C VAL A 465 22.20 8.39 -46.45
N GLU A 466 22.70 8.23 -47.68
CA GLU A 466 23.99 8.80 -48.05
C GLU A 466 23.96 10.31 -48.17
N ARG A 467 22.78 10.84 -48.49
CA ARG A 467 22.61 12.25 -48.82
C ARG A 467 22.71 13.07 -47.57
N ALA A 468 22.41 12.42 -46.45
CA ALA A 468 22.34 13.08 -45.13
C ALA A 468 23.56 13.95 -44.80
N ASN A 469 24.77 13.47 -45.10
CA ASN A 469 26.01 14.17 -44.72
C ASN A 469 26.96 14.36 -45.90
N ALA A 470 26.42 14.30 -47.11
CA ALA A 470 27.25 14.34 -48.32
C ALA A 470 28.14 15.59 -48.44
N CYS A 471 27.53 16.78 -48.36
CA CYS A 471 28.30 18.00 -48.53
C CYS A 471 29.22 18.29 -47.34
N ASN A 472 28.83 17.88 -46.13
CA ASN A 472 29.72 17.94 -44.96
C ASN A 472 30.91 17.01 -45.13
N SER A 473 30.67 15.81 -45.65
CA SER A 473 31.78 14.88 -45.88
C SER A 473 32.80 15.42 -46.88
N VAL A 474 32.32 16.17 -47.87
CA VAL A 474 33.20 16.72 -48.92
C VAL A 474 34.13 17.75 -48.27
N ILE A 475 33.59 18.54 -47.35
CA ILE A 475 34.41 19.46 -46.56
C ILE A 475 35.41 18.73 -45.67
N ARG A 476 35.01 17.60 -45.10
CA ARG A 476 35.97 16.80 -44.33
C ARG A 476 37.12 16.30 -45.16
N GLN A 477 36.93 16.14 -46.47
CA GLN A 477 38.00 15.66 -47.30
C GLN A 477 39.04 16.74 -47.55
N LEU A 478 38.66 18.00 -47.34
CA LEU A 478 39.58 19.12 -47.53
C LEU A 478 40.41 19.46 -46.26
N MET A 479 39.72 19.69 -45.14
CA MET A 479 40.38 19.99 -43.87
C MET A 479 40.23 18.82 -42.92
N LYS A 480 41.34 18.42 -42.31
CA LYS A 480 41.30 17.35 -41.32
C LYS A 480 41.18 17.92 -39.92
N LYS A 481 40.11 17.58 -39.20
CA LYS A 481 40.00 18.03 -37.80
C LYS A 481 41.01 17.33 -36.90
N GLU A 482 41.85 18.10 -36.25
CA GLU A 482 42.88 17.53 -35.41
C GLU A 482 42.53 17.47 -33.92
N PHE A 483 41.84 18.49 -33.42
CA PHE A 483 41.32 18.47 -32.05
C PHE A 483 40.28 19.55 -31.86
N THR A 484 39.54 19.48 -30.78
CA THR A 484 38.51 20.46 -30.51
C THR A 484 38.82 21.21 -29.23
N LEU A 485 38.62 22.52 -29.24
CA LEU A 485 38.60 23.30 -28.01
C LEU A 485 37.11 23.40 -27.65
N GLU A 486 36.65 22.48 -26.82
CA GLU A 486 35.22 22.42 -26.54
C GLU A 486 34.69 23.69 -25.86
N PHE A 487 33.39 23.90 -25.99
CA PHE A 487 32.66 25.03 -25.37
C PHE A 487 32.90 25.14 -23.86
N SER A 488 33.12 26.37 -23.38
CA SER A 488 33.13 26.64 -21.95
C SER A 488 32.27 27.86 -21.68
N ARG A 489 31.74 27.94 -20.46
CA ARG A 489 30.82 29.02 -20.07
C ARG A 489 31.46 30.42 -20.07
N ASP A 490 32.75 30.49 -19.76
CA ASP A 490 33.44 31.76 -19.65
C ASP A 490 33.60 32.48 -20.98
N ARG A 491 33.80 31.73 -22.06
CA ARG A 491 34.05 32.36 -23.35
C ARG A 491 32.86 32.27 -24.31
N LYS A 492 31.96 31.33 -24.04
CA LYS A 492 30.80 31.10 -24.91
C LYS A 492 31.16 30.95 -26.40
N SER A 493 32.13 30.10 -26.67
CA SER A 493 32.49 29.74 -28.03
C SER A 493 33.16 28.36 -28.00
N MET A 494 33.40 27.77 -29.16
CA MET A 494 34.17 26.53 -29.23
C MET A 494 34.93 26.60 -30.52
N SER A 495 35.98 25.79 -30.64
CA SER A 495 36.76 25.82 -31.86
C SER A 495 37.38 24.47 -32.14
N VAL A 496 37.79 24.30 -33.39
CA VAL A 496 38.44 23.09 -33.86
C VAL A 496 39.68 23.49 -34.62
N TYR A 497 40.74 22.72 -34.46
CA TYR A 497 42.04 23.01 -35.04
C TYR A 497 42.18 22.07 -36.23
N CYS A 498 42.47 22.63 -37.40
CA CYS A 498 42.43 21.84 -38.61
C CYS A 498 43.69 22.01 -39.45
N SER A 499 44.12 20.93 -40.07
CA SER A 499 45.18 21.01 -41.07
C SER A 499 44.59 20.67 -42.45
N PRO A 500 45.10 21.34 -43.49
CA PRO A 500 44.73 21.03 -44.87
C PRO A 500 45.04 19.58 -45.15
N ALA A 501 44.14 18.86 -45.82
CA ALA A 501 44.37 17.46 -46.14
C ALA A 501 45.59 17.28 -47.03
N LYS A 502 46.18 16.10 -47.01
CA LYS A 502 47.37 15.81 -47.81
C LYS A 502 47.00 15.97 -49.27
N SER A 503 47.94 16.51 -50.05
CA SER A 503 47.66 17.11 -51.36
C SER A 503 46.74 18.32 -51.18
N SER A 504 47.37 19.43 -50.76
CA SER A 504 46.64 20.64 -50.37
C SER A 504 45.85 21.24 -51.53
N ARG A 505 46.48 22.19 -52.21
CA ARG A 505 45.86 23.06 -53.21
C ARG A 505 44.79 23.97 -52.59
N ALA A 506 44.08 23.44 -51.60
CA ALA A 506 43.13 24.22 -50.80
C ALA A 506 43.75 25.51 -50.29
N ALA A 507 44.73 25.39 -49.40
CA ALA A 507 45.51 26.50 -48.86
C ALA A 507 46.53 25.92 -47.91
N VAL A 508 47.69 26.55 -47.77
CA VAL A 508 48.70 26.06 -46.84
C VAL A 508 48.48 26.59 -45.41
N GLY A 509 48.93 25.85 -44.40
CA GLY A 509 48.83 26.27 -43.01
C GLY A 509 47.59 25.81 -42.26
N ASN A 510 47.77 25.57 -40.96
CA ASN A 510 46.70 25.14 -40.09
C ASN A 510 45.78 26.27 -39.67
N LYS A 511 44.54 25.91 -39.34
CA LYS A 511 43.48 26.87 -39.11
C LYS A 511 42.72 26.48 -37.87
N MET A 512 42.15 27.47 -37.21
CA MET A 512 41.22 27.19 -36.13
C MET A 512 39.88 27.77 -36.54
N PHE A 513 38.83 26.98 -36.47
CA PHE A 513 37.54 27.47 -36.90
C PHE A 513 36.71 27.64 -35.66
N VAL A 514 36.08 28.80 -35.53
CA VAL A 514 35.45 29.18 -34.28
C VAL A 514 34.00 29.56 -34.48
N LYS A 515 33.13 29.04 -33.60
CA LYS A 515 31.78 29.57 -33.56
C LYS A 515 31.38 29.85 -32.12
N GLY A 516 30.47 30.80 -31.92
CA GLY A 516 30.04 31.13 -30.59
C GLY A 516 29.10 32.32 -30.55
N ALA A 517 28.74 32.72 -29.33
CA ALA A 517 27.92 33.89 -29.06
C ALA A 517 28.66 35.05 -29.66
N PRO A 518 27.95 35.86 -30.46
CA PRO A 518 28.48 36.99 -31.25
C PRO A 518 29.44 37.89 -30.50
N GLU A 519 29.06 38.35 -29.33
CA GLU A 519 29.79 39.43 -28.69
C GLU A 519 31.21 39.03 -28.32
N GLY A 520 31.37 37.83 -27.77
CA GLY A 520 32.66 37.37 -27.29
C GLY A 520 33.57 36.98 -28.44
N VAL A 521 32.98 36.40 -29.49
CA VAL A 521 33.75 36.00 -30.66
C VAL A 521 34.23 37.27 -31.39
N ILE A 522 33.34 38.23 -31.55
CA ILE A 522 33.69 39.43 -32.28
C ILE A 522 34.75 40.26 -31.54
N ASP A 523 34.62 40.39 -30.21
CA ASP A 523 35.63 41.06 -29.40
C ASP A 523 37.02 40.45 -29.58
N ARG A 524 37.07 39.16 -29.89
CA ARG A 524 38.35 38.50 -30.13
C ARG A 524 38.74 38.47 -31.61
N CYS A 525 38.05 39.25 -32.45
CA CYS A 525 38.49 39.32 -33.84
C CYS A 525 39.27 40.60 -34.07
N ASN A 526 40.46 40.48 -34.66
CA ASN A 526 41.21 41.66 -35.08
C ASN A 526 41.08 41.91 -36.57
N TYR A 527 40.60 40.93 -37.31
CA TYR A 527 40.41 41.07 -38.73
C TYR A 527 39.01 40.66 -39.13
N VAL A 528 38.64 41.03 -40.36
CA VAL A 528 37.35 40.66 -40.96
C VAL A 528 37.65 40.09 -42.34
N ARG A 529 37.04 38.95 -42.64
CA ARG A 529 37.18 38.35 -43.96
C ARG A 529 36.26 39.03 -44.96
N VAL A 530 36.86 39.47 -46.05
CA VAL A 530 36.12 40.00 -47.19
C VAL A 530 36.54 39.18 -48.40
N GLY A 531 35.65 38.28 -48.83
CA GLY A 531 35.94 37.33 -49.87
C GLY A 531 37.04 36.39 -49.41
N THR A 532 38.21 36.50 -50.05
CA THR A 532 39.41 35.80 -49.60
C THR A 532 40.41 36.76 -48.94
N THR A 533 40.12 38.05 -48.99
CA THR A 533 41.01 39.02 -48.40
C THR A 533 40.64 39.19 -46.95
N ARG A 534 41.48 39.89 -46.20
CA ARG A 534 41.25 40.05 -44.77
C ARG A 534 41.60 41.46 -44.46
N VAL A 535 40.71 42.19 -43.79
CA VAL A 535 41.02 43.57 -43.40
C VAL A 535 40.89 43.77 -41.88
N PRO A 536 41.57 44.80 -41.34
CA PRO A 536 41.46 45.08 -39.91
C PRO A 536 40.02 45.34 -39.45
N MET A 537 39.64 44.67 -38.36
CA MET A 537 38.41 44.93 -37.64
C MET A 537 38.51 46.28 -36.95
N THR A 538 37.61 47.20 -37.27
CA THR A 538 37.63 48.49 -36.61
C THR A 538 36.40 48.66 -35.75
N GLY A 539 36.42 49.66 -34.88
CA GLY A 539 35.26 50.00 -34.09
C GLY A 539 33.95 50.15 -34.86
N PRO A 540 33.92 51.06 -35.85
CA PRO A 540 32.68 51.26 -36.60
C PRO A 540 32.21 49.99 -37.29
N VAL A 541 33.14 49.17 -37.77
CA VAL A 541 32.77 47.93 -38.43
C VAL A 541 32.20 46.93 -37.43
N LYS A 542 32.86 46.82 -36.29
CA LYS A 542 32.43 45.96 -35.19
C LYS A 542 31.03 46.38 -34.76
N GLU A 543 30.80 47.69 -34.72
CA GLU A 543 29.50 48.18 -34.28
C GLU A 543 28.39 47.90 -35.29
N LYS A 544 28.68 48.03 -36.58
CA LYS A 544 27.71 47.71 -37.62
C LYS A 544 27.30 46.24 -37.56
N ILE A 545 28.28 45.38 -37.44
CA ILE A 545 28.07 43.93 -37.41
C ILE A 545 27.32 43.52 -36.16
N LEU A 546 27.71 44.05 -34.99
CA LEU A 546 26.99 43.72 -33.77
C LEU A 546 25.56 44.22 -33.84
N SER A 547 25.36 45.37 -34.44
CA SER A 547 24.01 45.94 -34.49
C SER A 547 23.07 45.08 -35.31
N VAL A 548 23.56 44.56 -36.44
CA VAL A 548 22.72 43.78 -37.31
C VAL A 548 22.37 42.46 -36.64
N ILE A 549 23.37 41.85 -36.02
CA ILE A 549 23.20 40.65 -35.22
C ILE A 549 22.17 40.83 -34.09
N LYS A 550 22.18 41.99 -33.46
CA LYS A 550 21.23 42.28 -32.39
C LYS A 550 19.82 42.44 -32.94
N GLU A 551 19.70 43.04 -34.14
CA GLU A 551 18.41 43.11 -34.82
C GLU A 551 17.91 41.71 -35.13
N TRP A 552 18.81 40.83 -35.54
CA TRP A 552 18.41 39.47 -35.89
C TRP A 552 17.93 38.75 -34.64
N GLY A 553 18.44 39.15 -33.48
CA GLY A 553 18.15 38.42 -32.27
C GLY A 553 16.89 38.85 -31.56
N THR A 554 16.23 39.89 -32.04
CA THR A 554 15.14 40.52 -31.29
C THR A 554 14.02 40.96 -32.20
N GLY A 555 14.05 40.51 -33.44
CA GLY A 555 13.13 41.16 -34.36
C GLY A 555 11.67 40.77 -34.19
N ARG A 556 10.99 40.88 -35.32
CA ARG A 556 10.01 39.89 -35.69
C ARG A 556 10.82 38.62 -35.97
N ASP A 557 12.16 38.74 -36.00
CA ASP A 557 13.08 37.61 -36.22
C ASP A 557 13.28 36.72 -34.98
N THR A 558 13.89 37.28 -33.94
CA THR A 558 14.20 36.59 -32.69
C THR A 558 14.91 35.25 -32.95
N LEU A 559 16.01 35.32 -33.67
CA LEU A 559 16.74 34.15 -34.07
C LEU A 559 17.90 33.94 -33.10
N ARG A 560 18.29 32.68 -32.89
CA ARG A 560 19.57 32.40 -32.22
C ARG A 560 20.65 32.65 -33.26
N CYS A 561 21.60 33.52 -32.94
CA CYS A 561 22.70 33.81 -33.84
C CYS A 561 24.01 33.26 -33.34
N LEU A 562 24.80 32.67 -34.25
CA LEU A 562 26.20 32.34 -34.00
C LEU A 562 27.12 33.20 -34.88
N ALA A 563 28.23 33.66 -34.31
CA ALA A 563 29.24 34.34 -35.12
C ALA A 563 30.28 33.30 -35.45
N LEU A 564 30.80 33.38 -36.67
CA LEU A 564 31.72 32.38 -37.18
C LEU A 564 33.03 33.08 -37.50
N ALA A 565 34.12 32.50 -37.01
CA ALA A 565 35.40 33.11 -37.24
C ALA A 565 36.43 32.04 -37.39
N THR A 566 37.59 32.42 -37.92
CA THR A 566 38.70 31.51 -37.99
C THR A 566 39.94 32.24 -37.55
N ARG A 567 40.79 31.55 -36.79
CA ARG A 567 42.10 32.11 -36.46
C ARG A 567 43.03 31.76 -37.62
N ASP A 568 43.48 32.76 -38.36
CA ASP A 568 44.32 32.51 -39.56
C ASP A 568 45.71 31.93 -39.28
N THR A 569 46.33 32.38 -38.20
CA THR A 569 47.63 31.89 -37.77
C THR A 569 47.54 31.38 -36.34
N PRO A 570 47.11 30.13 -36.17
CA PRO A 570 46.95 29.55 -34.84
C PRO A 570 48.30 29.31 -34.18
N PRO A 571 48.32 29.11 -32.86
CA PRO A 571 49.58 28.72 -32.22
C PRO A 571 50.03 27.35 -32.76
N LYS A 572 51.28 26.97 -32.52
CA LYS A 572 51.71 25.63 -32.88
C LYS A 572 51.05 24.71 -31.88
N ARG A 573 50.62 23.54 -32.35
CA ARG A 573 49.92 22.58 -31.49
C ARG A 573 50.63 22.39 -30.14
N GLU A 574 51.95 22.38 -30.19
CA GLU A 574 52.76 22.02 -29.04
C GLU A 574 52.75 23.13 -28.00
N GLU A 575 52.35 24.32 -28.41
CA GLU A 575 52.24 25.46 -27.51
C GLU A 575 50.88 25.55 -26.82
N MET A 576 50.02 24.58 -27.07
CA MET A 576 48.67 24.63 -26.51
C MET A 576 48.42 23.48 -25.58
N VAL A 577 47.93 23.77 -24.38
CA VAL A 577 47.54 22.72 -23.47
C VAL A 577 46.06 22.46 -23.68
N LEU A 578 45.69 21.21 -23.88
CA LEU A 578 44.30 20.88 -24.14
C LEU A 578 43.54 20.45 -22.89
N ASP A 579 44.25 20.18 -21.81
CA ASP A 579 43.58 19.62 -20.64
C ASP A 579 43.04 20.70 -19.71
N ASP A 580 43.12 21.95 -20.15
CA ASP A 580 42.70 23.07 -19.32
C ASP A 580 41.85 24.12 -20.08
N SER A 581 40.52 24.02 -19.95
CA SER A 581 39.61 24.86 -20.76
C SER A 581 39.79 26.34 -20.46
N SER A 582 40.35 26.67 -19.31
CA SER A 582 40.64 28.06 -18.96
C SER A 582 41.59 28.75 -19.94
N ARG A 583 42.38 27.98 -20.66
CA ARG A 583 43.34 28.54 -21.60
C ARG A 583 42.72 28.76 -22.98
N PHE A 584 41.54 28.18 -23.23
CA PHE A 584 41.01 28.14 -24.60
C PHE A 584 40.68 29.51 -25.18
N MET A 585 40.16 30.40 -24.35
CA MET A 585 39.81 31.73 -24.82
C MET A 585 41.01 32.41 -25.47
N GLU A 586 42.16 32.30 -24.83
CA GLU A 586 43.37 32.94 -25.32
C GLU A 586 43.83 32.32 -26.65
N TYR A 587 43.70 31.02 -26.79
CA TYR A 587 43.98 30.34 -28.06
C TYR A 587 43.06 30.82 -29.17
N GLU A 588 41.84 31.22 -28.82
CA GLU A 588 40.87 31.74 -29.79
C GLU A 588 40.87 33.27 -29.77
N THR A 589 42.04 33.88 -29.90
CA THR A 589 42.13 35.32 -30.04
C THR A 589 42.85 35.62 -31.34
N ASP A 590 42.90 36.89 -31.70
CA ASP A 590 43.49 37.33 -32.97
C ASP A 590 42.74 36.65 -34.14
N LEU A 591 41.43 36.57 -33.99
CA LEU A 591 40.59 35.89 -34.98
C LEU A 591 40.25 36.79 -36.17
N THR A 592 39.72 36.16 -37.21
CA THR A 592 39.17 36.84 -38.37
C THR A 592 37.69 36.53 -38.44
N PHE A 593 36.85 37.54 -38.29
CA PHE A 593 35.42 37.32 -38.33
C PHE A 593 35.00 36.89 -39.74
N VAL A 594 34.15 35.88 -39.84
CA VAL A 594 33.74 35.43 -41.18
C VAL A 594 32.27 35.74 -41.48
N GLY A 595 31.39 35.41 -40.55
CA GLY A 595 29.99 35.57 -40.83
C GLY A 595 29.11 35.19 -39.67
N VAL A 596 27.83 35.20 -39.92
CA VAL A 596 26.85 34.93 -38.90
C VAL A 596 25.74 34.09 -39.47
N VAL A 597 25.26 33.14 -38.68
CA VAL A 597 24.07 32.42 -39.02
C VAL A 597 22.99 32.63 -37.97
N GLY A 598 21.74 32.72 -38.41
CA GLY A 598 20.64 32.90 -37.48
C GLY A 598 19.61 31.79 -37.66
N MET A 599 19.31 31.12 -36.57
CA MET A 599 18.38 30.00 -36.67
C MET A 599 17.15 30.20 -35.78
N LEU A 600 16.08 29.48 -36.08
CA LEU A 600 14.88 29.43 -35.27
C LEU A 600 14.24 28.05 -35.44
N ASP A 601 13.33 27.70 -34.54
CA ASP A 601 12.42 26.56 -34.73
C ASP A 601 11.10 27.05 -35.37
N PRO A 602 10.90 26.75 -36.66
CA PRO A 602 9.89 27.47 -37.47
C PRO A 602 8.51 26.81 -37.51
N PRO A 603 7.46 27.60 -37.83
CA PRO A 603 6.10 27.07 -37.90
C PRO A 603 5.97 26.01 -38.98
N ARG A 604 5.07 25.07 -38.76
CA ARG A 604 4.65 24.13 -39.78
C ARG A 604 3.89 24.94 -40.81
N LYS A 605 4.00 24.56 -42.07
CA LYS A 605 3.44 25.37 -43.17
C LYS A 605 1.94 25.63 -43.04
N GLU A 606 1.19 24.70 -42.46
CA GLU A 606 -0.26 24.83 -42.51
C GLU A 606 -0.86 25.52 -41.33
N VAL A 607 -0.02 25.87 -40.36
CA VAL A 607 -0.50 26.40 -39.09
C VAL A 607 -1.20 27.75 -39.26
N MET A 608 -0.57 28.66 -39.98
CA MET A 608 -1.16 29.98 -40.21
C MET A 608 -2.57 29.91 -40.79
N GLY A 609 -2.72 29.13 -41.85
CA GLY A 609 -4.01 29.00 -42.52
C GLY A 609 -5.04 28.35 -41.61
N SER A 610 -4.59 27.43 -40.76
CA SER A 610 -5.46 26.75 -39.82
C SER A 610 -5.98 27.68 -38.72
N ILE A 611 -5.10 28.55 -38.22
CA ILE A 611 -5.51 29.50 -37.20
C ILE A 611 -6.60 30.39 -37.78
N GLN A 612 -6.43 30.78 -39.03
CA GLN A 612 -7.41 31.66 -39.65
C GLN A 612 -8.78 30.98 -39.77
N LEU A 613 -8.79 29.73 -40.23
CA LEU A 613 -10.03 28.99 -40.36
C LEU A 613 -10.70 28.80 -38.99
N CYS A 614 -9.90 28.60 -37.94
CA CYS A 614 -10.43 28.53 -36.58
C CYS A 614 -11.12 29.84 -36.21
N ARG A 615 -10.41 30.93 -36.44
CA ARG A 615 -10.94 32.26 -36.22
C ARG A 615 -12.26 32.46 -36.98
N ASP A 616 -12.35 31.97 -38.21
CA ASP A 616 -13.60 32.08 -38.99
C ASP A 616 -14.74 31.27 -38.39
N ALA A 617 -14.40 30.31 -37.53
CA ALA A 617 -15.36 29.42 -36.90
C ALA A 617 -15.61 29.80 -35.44
N GLY A 618 -15.06 30.95 -35.03
CA GLY A 618 -15.30 31.46 -33.69
C GLY A 618 -14.49 30.74 -32.64
N ILE A 619 -13.36 30.18 -33.05
CA ILE A 619 -12.50 29.44 -32.13
C ILE A 619 -11.22 30.23 -31.93
N ARG A 620 -10.86 30.45 -30.67
CA ARG A 620 -9.65 31.15 -30.32
C ARG A 620 -8.54 30.13 -30.19
N VAL A 621 -7.34 30.54 -30.58
CA VAL A 621 -6.14 29.75 -30.40
C VAL A 621 -5.19 30.46 -29.43
N ILE A 622 -4.71 29.70 -28.46
CA ILE A 622 -3.85 30.22 -27.43
C ILE A 622 -2.58 29.38 -27.43
N MET A 623 -1.43 30.03 -27.59
CA MET A 623 -0.15 29.32 -27.52
C MET A 623 0.29 29.22 -26.09
N ILE A 624 0.76 28.04 -25.68
CA ILE A 624 1.21 27.86 -24.31
C ILE A 624 2.51 27.11 -24.34
N THR A 625 3.60 27.79 -24.02
CA THR A 625 4.89 27.22 -24.35
C THR A 625 5.88 27.29 -23.23
N GLY A 626 6.74 26.25 -23.15
CA GLY A 626 7.84 26.23 -22.19
C GLY A 626 8.97 27.15 -22.61
N ASP A 627 8.89 27.65 -23.85
CA ASP A 627 9.96 28.41 -24.51
C ASP A 627 9.90 29.87 -24.05
N ASN A 628 10.96 30.62 -24.33
CA ASN A 628 10.99 32.04 -23.95
C ASN A 628 9.94 32.91 -24.60
N LYS A 629 9.67 34.05 -23.97
CA LYS A 629 8.55 34.89 -24.37
C LYS A 629 8.78 35.62 -25.71
N GLY A 630 10.00 36.11 -25.92
CA GLY A 630 10.35 36.77 -27.16
C GLY A 630 10.10 35.87 -28.37
N THR A 631 10.49 34.60 -28.28
CA THR A 631 10.39 33.65 -29.37
C THR A 631 8.94 33.28 -29.56
N ALA A 632 8.28 33.01 -28.44
CA ALA A 632 6.86 32.71 -28.40
C ALA A 632 6.06 33.79 -29.13
N ILE A 633 6.27 35.07 -28.78
CA ILE A 633 5.53 36.14 -29.44
C ILE A 633 5.86 36.19 -30.94
N ALA A 634 7.14 36.08 -31.27
CA ALA A 634 7.60 36.12 -32.65
C ALA A 634 6.95 35.05 -33.51
N ILE A 635 6.86 33.83 -32.99
CA ILE A 635 6.16 32.77 -33.70
C ILE A 635 4.66 33.09 -33.82
N CYS A 636 4.05 33.57 -32.74
CA CYS A 636 2.64 34.04 -32.76
C CYS A 636 2.40 35.03 -33.89
N ARG A 637 3.35 35.92 -34.09
CA ARG A 637 3.22 36.90 -35.17
C ARG A 637 3.31 36.17 -36.50
N ARG A 638 4.30 35.31 -36.67
CA ARG A 638 4.43 34.60 -37.96
C ARG A 638 3.18 33.76 -38.29
N ILE A 639 2.53 33.19 -37.28
CA ILE A 639 1.38 32.32 -37.54
C ILE A 639 0.03 33.01 -37.41
N GLY A 640 0.02 34.33 -37.23
CA GLY A 640 -1.21 35.10 -37.23
C GLY A 640 -2.03 35.04 -35.94
N ILE A 641 -1.47 34.50 -34.86
CA ILE A 641 -2.12 34.66 -33.57
C ILE A 641 -2.10 36.15 -33.15
N PHE A 642 -1.01 36.85 -33.44
CA PHE A 642 -0.95 38.31 -33.24
C PHE A 642 -0.69 38.94 -34.59
N GLY A 643 -1.08 40.20 -34.75
CA GLY A 643 -0.74 40.93 -35.97
C GLY A 643 0.74 41.26 -35.93
N GLU A 644 1.34 41.51 -37.09
CA GLU A 644 2.78 41.75 -37.15
C GLU A 644 3.27 42.98 -36.39
N ASN A 645 2.37 43.95 -36.18
CA ASN A 645 2.68 45.14 -35.39
C ASN A 645 1.81 45.30 -34.15
N GLU A 646 0.95 44.32 -33.88
CA GLU A 646 0.07 44.38 -32.73
C GLU A 646 0.89 44.55 -31.46
N GLU A 647 0.38 45.36 -30.55
CA GLU A 647 0.99 45.56 -29.25
C GLU A 647 0.41 44.51 -28.31
N VAL A 648 1.28 43.75 -27.65
CA VAL A 648 0.84 42.59 -26.89
C VAL A 648 1.17 42.64 -25.39
N ALA A 649 1.40 43.84 -24.87
CA ALA A 649 1.71 44.03 -23.45
C ALA A 649 0.87 43.15 -22.53
N ASP A 650 -0.46 43.24 -22.65
CA ASP A 650 -1.35 42.43 -21.83
C ASP A 650 -1.99 41.28 -22.59
N ARG A 651 -1.36 40.85 -23.68
CA ARG A 651 -1.85 39.68 -24.39
C ARG A 651 -0.88 38.54 -24.37
N ALA A 652 0.28 38.77 -23.76
CA ALA A 652 1.30 37.73 -23.70
C ALA A 652 1.95 37.72 -22.32
N TYR A 653 2.01 36.55 -21.69
CA TYR A 653 2.55 36.48 -20.34
C TYR A 653 3.52 35.35 -20.20
N THR A 654 4.58 35.55 -19.42
CA THR A 654 5.29 34.40 -18.87
C THR A 654 4.37 33.75 -17.84
N GLY A 655 4.70 32.52 -17.48
CA GLY A 655 4.01 31.84 -16.40
C GLY A 655 4.11 32.66 -15.13
N ARG A 656 5.28 33.22 -14.86
CA ARG A 656 5.49 34.04 -13.66
C ARG A 656 4.61 35.29 -13.67
N GLU A 657 4.63 36.05 -14.76
CA GLU A 657 3.80 37.25 -14.90
C GLU A 657 2.32 36.89 -14.74
N PHE A 658 1.96 35.74 -15.28
CA PHE A 658 0.60 35.23 -15.12
C PHE A 658 0.31 34.87 -13.65
N ASP A 659 1.29 34.27 -12.98
CA ASP A 659 1.14 33.91 -11.58
C ASP A 659 0.99 35.17 -10.70
N ASP A 660 1.68 36.25 -11.07
CA ASP A 660 1.65 37.49 -10.31
C ASP A 660 0.31 38.22 -10.30
N LEU A 661 -0.58 37.85 -11.21
CA LEU A 661 -1.86 38.55 -11.29
C LEU A 661 -2.76 38.08 -10.15
N PRO A 662 -3.59 38.98 -9.62
CA PRO A 662 -4.66 38.59 -8.70
C PRO A 662 -5.44 37.43 -9.30
N LEU A 663 -5.99 36.54 -8.47
CA LEU A 663 -6.68 35.36 -8.97
C LEU A 663 -7.82 35.70 -9.94
N ALA A 664 -8.50 36.81 -9.71
CA ALA A 664 -9.56 37.27 -10.60
C ALA A 664 -8.98 37.62 -11.98
N GLU A 665 -7.87 38.35 -11.98
CA GLU A 665 -7.25 38.80 -13.22
C GLU A 665 -6.62 37.67 -14.00
N GLN A 666 -6.19 36.62 -13.31
CA GLN A 666 -5.67 35.43 -13.97
C GLN A 666 -6.75 34.81 -14.84
N ARG A 667 -7.98 34.85 -14.36
CA ARG A 667 -9.08 34.26 -15.09
C ARG A 667 -9.36 35.09 -16.34
N GLU A 668 -9.40 36.41 -16.17
CA GLU A 668 -9.63 37.33 -17.29
C GLU A 668 -8.49 37.32 -18.32
N ALA A 669 -7.26 37.16 -17.85
CA ALA A 669 -6.10 37.09 -18.73
C ALA A 669 -6.29 35.96 -19.73
N CYS A 670 -6.86 34.85 -19.26
CA CYS A 670 -7.10 33.68 -20.09
C CYS A 670 -8.10 33.91 -21.21
N ARG A 671 -8.89 34.98 -21.09
CA ARG A 671 -9.85 35.32 -22.13
C ARG A 671 -9.28 36.35 -23.10
N ARG A 672 -8.30 37.12 -22.64
CA ARG A 672 -7.75 38.23 -23.41
C ARG A 672 -6.45 37.86 -24.13
N ALA A 673 -5.64 37.00 -23.52
CA ALA A 673 -4.26 36.76 -23.97
C ALA A 673 -4.16 35.46 -24.76
N CYS A 674 -3.17 35.39 -25.64
CA CYS A 674 -3.12 34.27 -26.58
C CYS A 674 -1.75 33.66 -26.62
N CYS A 675 -0.88 34.10 -25.72
CA CYS A 675 0.48 33.57 -25.66
C CYS A 675 0.93 33.53 -24.22
N PHE A 676 1.19 32.32 -23.74
CA PHE A 676 1.78 32.16 -22.43
C PHE A 676 3.10 31.44 -22.58
N ALA A 677 4.16 32.05 -22.06
CA ALA A 677 5.50 31.52 -22.26
C ALA A 677 6.28 31.21 -20.98
N ARG A 678 7.39 30.50 -21.15
CA ARG A 678 8.28 30.13 -20.06
C ARG A 678 7.49 29.50 -18.90
N VAL A 679 6.72 28.49 -19.27
CA VAL A 679 5.65 27.95 -18.49
C VAL A 679 6.08 26.56 -17.99
N GLU A 680 5.54 26.15 -16.85
CA GLU A 680 5.74 24.78 -16.34
C GLU A 680 4.55 23.90 -16.69
N PRO A 681 4.71 22.56 -16.61
CA PRO A 681 3.59 21.70 -17.01
C PRO A 681 2.27 22.09 -16.32
N SER A 682 2.34 22.49 -15.06
CA SER A 682 1.18 22.95 -14.28
C SER A 682 0.50 24.21 -14.82
N HIS A 683 1.27 25.14 -15.37
CA HIS A 683 0.69 26.37 -15.88
C HIS A 683 -0.29 26.05 -17.00
N LYS A 684 0.06 25.07 -17.82
CA LYS A 684 -0.77 24.74 -18.97
C LYS A 684 -2.11 24.21 -18.52
N SER A 685 -2.12 23.33 -17.53
CA SER A 685 -3.41 22.81 -17.04
C SER A 685 -4.20 23.88 -16.30
N LYS A 686 -3.50 24.74 -15.58
CA LYS A 686 -4.11 25.87 -14.90
C LYS A 686 -4.88 26.79 -15.86
N ILE A 687 -4.29 27.05 -17.02
CA ILE A 687 -4.90 27.91 -18.02
C ILE A 687 -6.14 27.23 -18.60
N VAL A 688 -6.00 25.96 -18.91
CA VAL A 688 -7.11 25.16 -19.41
C VAL A 688 -8.25 25.17 -18.39
N GLU A 689 -7.88 25.06 -17.13
CA GLU A 689 -8.85 25.04 -16.06
C GLU A 689 -9.57 26.39 -15.96
N TYR A 690 -8.84 27.48 -16.11
CA TYR A 690 -9.48 28.80 -16.09
C TYR A 690 -10.48 28.94 -17.24
N LEU A 691 -10.02 28.60 -18.44
CA LEU A 691 -10.88 28.59 -19.61
C LEU A 691 -12.14 27.81 -19.35
N GLN A 692 -12.01 26.61 -18.79
CA GLN A 692 -13.17 25.76 -18.53
C GLN A 692 -14.11 26.38 -17.50
N SER A 693 -13.58 27.28 -16.67
CA SER A 693 -14.38 27.90 -15.62
C SER A 693 -15.16 29.09 -16.16
N TYR A 694 -15.18 29.24 -17.48
CA TYR A 694 -16.10 30.12 -18.17
C TYR A 694 -17.03 29.22 -18.95
N ASP A 695 -16.93 27.92 -18.68
CA ASP A 695 -17.70 26.90 -19.37
C ASP A 695 -17.33 26.78 -20.84
N GLU A 696 -16.19 27.33 -21.20
CA GLU A 696 -15.63 27.10 -22.53
C GLU A 696 -15.24 25.63 -22.65
N ILE A 697 -15.67 25.00 -23.73
CA ILE A 697 -15.20 23.68 -24.09
C ILE A 697 -13.85 23.89 -24.74
N THR A 698 -12.81 23.37 -24.10
CA THR A 698 -11.45 23.68 -24.52
C THR A 698 -10.61 22.47 -24.93
N ALA A 699 -9.82 22.70 -25.97
CA ALA A 699 -8.94 21.68 -26.50
C ALA A 699 -7.49 22.02 -26.14
N MET A 700 -6.65 21.00 -26.04
CA MET A 700 -5.22 21.23 -25.90
C MET A 700 -4.53 20.40 -26.97
N THR A 701 -3.53 20.99 -27.61
CA THR A 701 -2.73 20.33 -28.63
C THR A 701 -1.30 20.33 -28.13
N GLY A 702 -0.63 19.20 -28.22
CA GLY A 702 0.73 19.12 -27.76
C GLY A 702 1.47 17.89 -28.25
N ASP A 703 2.74 17.79 -27.86
CA ASP A 703 3.57 16.67 -28.24
C ASP A 703 4.44 16.22 -27.09
N GLY A 704 4.53 17.04 -26.05
CA GLY A 704 5.53 16.81 -25.02
C GLY A 704 4.96 16.21 -23.75
N VAL A 705 5.85 15.60 -22.97
CA VAL A 705 5.52 15.19 -21.61
C VAL A 705 4.97 16.39 -20.83
N ASN A 706 5.53 17.58 -21.06
CA ASN A 706 5.08 18.79 -20.33
C ASN A 706 3.70 19.25 -20.75
N ASP A 707 3.15 18.64 -21.80
CA ASP A 707 1.78 18.95 -22.19
C ASP A 707 0.81 17.94 -21.60
N ALA A 708 1.33 16.86 -21.01
CA ALA A 708 0.44 15.79 -20.54
C ALA A 708 -0.66 16.29 -19.58
N PRO A 709 -0.30 17.06 -18.55
CA PRO A 709 -1.40 17.52 -17.68
C PRO A 709 -2.48 18.33 -18.42
N ALA A 710 -2.11 19.29 -19.25
CA ALA A 710 -3.12 20.04 -19.98
C ALA A 710 -3.91 19.14 -20.94
N LEU A 711 -3.21 18.21 -21.59
CA LEU A 711 -3.90 17.25 -22.46
C LEU A 711 -4.98 16.49 -21.68
N LYS A 712 -4.68 16.09 -20.44
CA LYS A 712 -5.70 15.37 -19.68
C LYS A 712 -6.84 16.28 -19.25
N LYS A 713 -6.50 17.47 -18.79
CA LYS A 713 -7.47 18.41 -18.24
C LYS A 713 -8.47 18.91 -19.30
N ALA A 714 -7.99 19.15 -20.51
CA ALA A 714 -8.87 19.67 -21.55
C ALA A 714 -9.99 18.68 -21.87
N GLU A 715 -11.14 19.20 -22.29
CA GLU A 715 -12.21 18.32 -22.77
C GLU A 715 -11.65 17.42 -23.85
N ILE A 716 -10.86 18.00 -24.76
CA ILE A 716 -10.22 17.19 -25.78
C ILE A 716 -8.72 17.45 -25.90
N GLY A 717 -7.93 16.43 -25.63
CA GLY A 717 -6.51 16.49 -25.82
C GLY A 717 -6.09 15.94 -27.17
N ILE A 718 -5.21 16.67 -27.86
CA ILE A 718 -4.79 16.29 -29.20
C ILE A 718 -3.28 16.22 -29.29
N ALA A 719 -2.77 15.06 -29.66
CA ALA A 719 -1.32 14.87 -29.70
C ALA A 719 -0.76 14.79 -31.13
N MET A 720 0.47 15.25 -31.29
CA MET A 720 1.14 15.12 -32.58
C MET A 720 1.65 13.70 -32.78
N GLY A 721 1.44 13.18 -33.98
CA GLY A 721 1.92 11.86 -34.33
C GLY A 721 3.39 11.65 -34.04
N SER A 722 4.21 12.67 -34.19
CA SER A 722 5.64 12.48 -34.02
C SER A 722 6.09 12.93 -32.64
N GLY A 723 5.14 13.21 -31.78
CA GLY A 723 5.47 13.62 -30.42
C GLY A 723 5.66 12.44 -29.50
N THR A 724 5.64 12.69 -28.20
CA THR A 724 5.95 11.66 -27.23
C THR A 724 4.81 10.67 -27.02
N ALA A 725 5.17 9.44 -26.63
CA ALA A 725 4.20 8.41 -26.28
C ALA A 725 3.33 8.89 -25.13
N VAL A 726 3.93 9.67 -24.22
CA VAL A 726 3.20 10.17 -23.06
C VAL A 726 2.08 11.10 -23.49
N ALA A 727 2.41 12.06 -24.36
CA ALA A 727 1.37 12.95 -24.87
C ALA A 727 0.30 12.16 -25.65
N LYS A 728 0.71 11.22 -26.48
CA LYS A 728 -0.29 10.43 -27.20
C LYS A 728 -1.24 9.69 -26.28
N THR A 729 -0.71 9.00 -25.28
CA THR A 729 -1.58 8.24 -24.35
C THR A 729 -2.37 9.15 -23.42
N ALA A 730 -1.99 10.42 -23.35
CA ALA A 730 -2.77 11.39 -22.59
C ALA A 730 -3.89 12.04 -23.43
N SER A 731 -3.94 11.72 -24.73
CA SER A 731 -4.87 12.37 -25.65
C SER A 731 -6.10 11.57 -26.04
N GLU A 732 -7.05 12.27 -26.65
CA GLU A 732 -8.25 11.63 -27.19
C GLU A 732 -8.09 11.42 -28.67
N MET A 733 -7.14 12.14 -29.27
CA MET A 733 -6.96 12.11 -30.71
C MET A 733 -5.50 12.39 -31.03
N VAL A 734 -4.98 11.75 -32.08
CA VAL A 734 -3.58 11.91 -32.47
C VAL A 734 -3.53 12.26 -33.95
N LEU A 735 -2.83 13.33 -34.30
CA LEU A 735 -2.64 13.69 -35.70
C LEU A 735 -1.42 12.95 -36.23
N ALA A 736 -1.65 11.85 -36.93
CA ALA A 736 -0.56 10.95 -37.27
C ALA A 736 0.47 11.55 -38.21
N ASP A 737 0.06 12.52 -39.01
CA ASP A 737 0.95 13.11 -39.99
C ASP A 737 1.36 14.51 -39.61
N ASP A 738 1.14 14.86 -38.34
CA ASP A 738 1.46 16.18 -37.79
C ASP A 738 0.75 17.35 -38.47
N ASN A 739 -0.26 17.08 -39.26
CA ASN A 739 -0.92 18.12 -40.04
C ASN A 739 -1.91 18.93 -39.19
N PHE A 740 -1.56 20.16 -38.86
CA PHE A 740 -2.38 20.98 -37.98
C PHE A 740 -3.77 21.25 -38.57
N SER A 741 -3.85 21.34 -39.89
CA SER A 741 -5.11 21.45 -40.62
C SER A 741 -6.15 20.42 -40.23
N THR A 742 -5.70 19.26 -39.78
CA THR A 742 -6.60 18.16 -39.51
C THR A 742 -7.51 18.52 -38.35
N ILE A 743 -7.01 19.35 -37.44
CA ILE A 743 -7.82 19.84 -36.33
C ILE A 743 -9.04 20.62 -36.83
N VAL A 744 -8.84 21.46 -37.83
CA VAL A 744 -9.92 22.24 -38.41
C VAL A 744 -10.95 21.29 -39.00
N ALA A 745 -10.46 20.26 -39.68
CA ALA A 745 -11.29 19.24 -40.29
C ALA A 745 -12.03 18.42 -39.25
N ALA A 746 -11.37 18.12 -38.14
CA ALA A 746 -12.00 17.40 -37.04
C ALA A 746 -13.13 18.21 -36.37
N VAL A 747 -13.01 19.54 -36.37
CA VAL A 747 -14.05 20.39 -35.82
C VAL A 747 -15.30 20.35 -36.70
N GLU A 748 -15.09 20.44 -38.01
CA GLU A 748 -16.20 20.34 -38.94
C GLU A 748 -16.90 19.00 -38.81
N GLU A 749 -16.11 17.93 -38.77
CA GLU A 749 -16.70 16.60 -38.65
C GLU A 749 -17.53 16.52 -37.37
N GLY A 750 -16.97 17.06 -36.29
CA GLY A 750 -17.62 17.05 -34.99
C GLY A 750 -18.88 17.88 -34.94
N ARG A 751 -18.95 18.92 -35.76
CA ARG A 751 -20.14 19.74 -35.82
C ARG A 751 -21.23 19.05 -36.66
N ALA A 752 -20.81 18.46 -37.78
CA ALA A 752 -21.70 17.62 -38.57
C ALA A 752 -22.29 16.52 -37.70
N ILE A 753 -21.42 15.80 -37.01
CA ILE A 753 -21.86 14.72 -36.13
C ILE A 753 -22.84 15.20 -35.06
N TYR A 754 -22.57 16.35 -34.45
CA TYR A 754 -23.44 16.87 -33.40
C TYR A 754 -24.84 17.14 -33.91
N ASN A 755 -24.94 17.77 -35.08
CA ASN A 755 -26.23 18.07 -35.70
C ASN A 755 -27.06 16.81 -35.95
N ASN A 756 -26.42 15.80 -36.54
CA ASN A 756 -27.10 14.54 -36.83
C ASN A 756 -27.49 13.81 -35.55
N MET A 757 -26.61 13.82 -34.55
CA MET A 757 -26.95 13.20 -33.28
C MET A 757 -28.21 13.80 -32.65
N LYS A 758 -28.22 15.11 -32.43
CA LYS A 758 -29.33 15.73 -31.71
C LYS A 758 -30.68 15.44 -32.36
N GLN A 759 -30.70 15.34 -33.68
CA GLN A 759 -31.96 15.11 -34.36
C GLN A 759 -32.35 13.63 -34.45
N PHE A 760 -31.38 12.72 -34.51
CA PHE A 760 -31.75 11.31 -34.45
C PHE A 760 -32.10 10.90 -33.03
N ILE A 761 -31.70 11.73 -32.07
CA ILE A 761 -32.09 11.53 -30.68
C ILE A 761 -33.52 12.02 -30.47
N ARG A 762 -33.87 13.10 -31.17
CA ARG A 762 -35.24 13.60 -31.16
C ARG A 762 -36.17 12.60 -31.84
N TYR A 763 -35.76 12.11 -33.00
CA TYR A 763 -36.56 11.14 -33.74
C TYR A 763 -36.81 9.89 -32.91
N LEU A 764 -35.77 9.39 -32.25
CA LEU A 764 -35.86 8.21 -31.40
C LEU A 764 -36.66 8.46 -30.13
N ILE A 765 -36.70 9.70 -29.67
CA ILE A 765 -37.40 10.00 -28.42
C ILE A 765 -38.86 10.40 -28.65
N SER A 766 -39.17 10.93 -29.83
CA SER A 766 -40.54 11.23 -30.20
C SER A 766 -41.31 9.92 -30.23
N SER A 767 -40.62 8.87 -30.65
CA SER A 767 -41.17 7.53 -30.64
C SER A 767 -41.53 7.10 -29.23
N ASN A 768 -40.53 7.10 -28.34
CA ASN A 768 -40.73 6.69 -26.96
C ASN A 768 -41.79 7.48 -26.21
N VAL A 769 -42.16 8.64 -26.76
CA VAL A 769 -43.20 9.46 -26.17
C VAL A 769 -44.57 8.87 -26.48
N GLY A 770 -44.83 8.63 -27.76
CA GLY A 770 -46.07 8.05 -28.19
C GLY A 770 -46.35 6.73 -27.51
N GLU A 771 -45.34 5.87 -27.46
CA GLU A 771 -45.45 4.59 -26.77
C GLU A 771 -45.95 4.78 -25.35
N VAL A 772 -45.32 5.67 -24.59
CA VAL A 772 -45.76 5.94 -23.23
C VAL A 772 -47.19 6.46 -23.18
N VAL A 773 -47.51 7.40 -24.07
CA VAL A 773 -48.88 7.90 -24.19
C VAL A 773 -49.83 6.73 -24.46
N CYS A 774 -49.41 5.82 -25.32
CA CYS A 774 -50.19 4.61 -25.63
C CYS A 774 -50.32 3.68 -24.42
N ILE A 775 -49.18 3.27 -23.86
CA ILE A 775 -49.16 2.36 -22.72
C ILE A 775 -49.85 2.98 -21.48
N PHE A 776 -50.11 4.28 -21.54
CA PHE A 776 -50.87 4.96 -20.49
C PHE A 776 -52.35 5.08 -20.84
N LEU A 777 -52.65 5.32 -22.12
CA LEU A 777 -54.03 5.41 -22.58
C LEU A 777 -54.73 4.07 -22.40
N THR A 778 -54.07 3.00 -22.85
CA THR A 778 -54.64 1.67 -22.75
C THR A 778 -54.40 1.05 -21.37
N ALA A 779 -54.23 1.90 -20.35
CA ALA A 779 -54.06 1.44 -18.99
C ALA A 779 -55.03 2.17 -18.06
N ALA A 780 -55.07 3.49 -18.19
CA ALA A 780 -55.92 4.34 -17.36
C ALA A 780 -57.39 4.05 -17.64
N LEU A 781 -57.71 3.93 -18.93
CA LEU A 781 -59.09 3.74 -19.37
C LEU A 781 -59.60 2.33 -19.07
N GLY A 782 -58.68 1.41 -18.82
CA GLY A 782 -59.04 0.03 -18.59
C GLY A 782 -59.19 -0.73 -19.89
N LEU A 783 -58.25 -0.50 -20.80
CA LEU A 783 -58.28 -1.11 -22.12
C LEU A 783 -57.23 -2.23 -22.23
N PRO A 784 -57.45 -3.18 -23.15
CA PRO A 784 -56.44 -4.23 -23.39
C PRO A 784 -55.24 -3.64 -24.12
N GLU A 785 -54.05 -3.73 -23.50
CA GLU A 785 -52.84 -3.10 -24.02
C GLU A 785 -52.64 -3.22 -25.53
N ALA A 786 -52.58 -2.06 -26.20
CA ALA A 786 -52.44 -2.01 -27.65
C ALA A 786 -51.07 -2.53 -28.11
N LEU A 787 -50.07 -2.39 -27.24
CA LEU A 787 -48.73 -2.91 -27.50
C LEU A 787 -48.16 -3.54 -26.23
N ILE A 788 -47.34 -4.58 -26.41
CA ILE A 788 -46.66 -5.23 -25.30
C ILE A 788 -45.14 -5.19 -25.55
N PRO A 789 -44.33 -5.21 -24.47
CA PRO A 789 -42.87 -5.01 -24.52
C PRO A 789 -42.10 -5.66 -25.69
N VAL A 790 -42.35 -6.93 -25.98
CA VAL A 790 -41.59 -7.64 -27.00
C VAL A 790 -41.70 -6.96 -28.37
N GLN A 791 -42.79 -6.24 -28.58
CA GLN A 791 -43.02 -5.53 -29.83
C GLN A 791 -42.37 -4.16 -29.77
N LEU A 792 -42.55 -3.49 -28.64
CA LEU A 792 -41.92 -2.20 -28.40
C LEU A 792 -40.41 -2.31 -28.52
N LEU A 793 -39.86 -3.38 -27.96
CA LEU A 793 -38.42 -3.61 -28.02
C LEU A 793 -37.93 -3.76 -29.44
N TRP A 794 -38.70 -4.46 -30.27
CA TRP A 794 -38.33 -4.58 -31.68
C TRP A 794 -38.34 -3.22 -32.37
N VAL A 795 -39.37 -2.44 -32.11
CA VAL A 795 -39.51 -1.12 -32.71
C VAL A 795 -38.36 -0.19 -32.36
N ASN A 796 -38.14 -0.01 -31.07
CA ASN A 796 -37.13 0.90 -30.57
C ASN A 796 -35.71 0.50 -30.97
N LEU A 797 -35.46 -0.81 -31.01
CA LEU A 797 -34.14 -1.33 -31.30
C LEU A 797 -33.89 -1.46 -32.80
N VAL A 798 -34.90 -1.89 -33.54
CA VAL A 798 -34.73 -2.23 -34.96
C VAL A 798 -35.52 -1.33 -35.91
N THR A 799 -36.84 -1.26 -35.72
CA THR A 799 -37.70 -0.47 -36.60
C THR A 799 -37.28 0.99 -36.64
N ASP A 800 -37.01 1.56 -35.47
CA ASP A 800 -36.51 2.92 -35.39
C ASP A 800 -34.99 2.91 -35.42
N GLY A 801 -34.40 1.73 -35.21
CA GLY A 801 -32.97 1.57 -35.26
C GLY A 801 -32.36 2.06 -36.56
N LEU A 802 -32.70 1.39 -37.67
CA LEU A 802 -32.19 1.78 -38.98
C LEU A 802 -32.39 3.26 -39.33
N PRO A 803 -33.63 3.78 -39.24
CA PRO A 803 -33.87 5.18 -39.64
C PRO A 803 -33.06 6.17 -38.81
N ALA A 804 -32.87 5.90 -37.53
CA ALA A 804 -32.06 6.76 -36.68
C ALA A 804 -30.64 6.81 -37.21
N THR A 805 -30.11 5.63 -37.55
CA THR A 805 -28.76 5.52 -38.09
C THR A 805 -28.70 6.20 -39.47
N ALA A 806 -29.83 6.23 -40.17
CA ALA A 806 -29.86 6.88 -41.47
C ALA A 806 -29.71 8.39 -41.32
N LEU A 807 -30.32 8.94 -40.27
CA LEU A 807 -30.28 10.37 -40.00
C LEU A 807 -28.90 10.84 -39.57
N GLY A 808 -28.11 9.91 -39.03
CA GLY A 808 -26.72 10.19 -38.73
C GLY A 808 -25.86 10.21 -39.99
N PHE A 809 -26.51 10.15 -41.14
CA PHE A 809 -25.82 10.22 -42.42
C PHE A 809 -26.37 11.34 -43.28
N ASN A 810 -27.12 12.25 -42.66
CA ASN A 810 -27.61 13.43 -43.34
C ASN A 810 -26.47 14.37 -43.72
N PRO A 811 -26.63 15.13 -44.82
CA PRO A 811 -25.54 16.01 -45.27
C PRO A 811 -25.32 17.17 -44.31
N PRO A 812 -24.06 17.42 -43.92
CA PRO A 812 -23.73 18.59 -43.09
C PRO A 812 -24.03 19.89 -43.81
N ASP A 813 -24.36 20.93 -43.05
CA ASP A 813 -24.68 22.25 -43.60
C ASP A 813 -23.50 22.89 -44.33
N LEU A 814 -23.80 23.94 -45.08
CA LEU A 814 -22.80 24.60 -45.90
C LEU A 814 -22.08 25.70 -45.13
N ASP A 815 -22.76 26.28 -44.14
CA ASP A 815 -22.19 27.34 -43.33
C ASP A 815 -21.69 26.77 -42.01
N ILE A 816 -21.52 25.44 -41.98
CA ILE A 816 -21.26 24.72 -40.74
C ILE A 816 -20.03 25.25 -40.00
N MET A 817 -19.07 25.79 -40.75
CA MET A 817 -17.83 26.30 -40.19
C MET A 817 -17.77 27.82 -40.24
N ASP A 818 -18.93 28.44 -40.36
CA ASP A 818 -19.01 29.90 -40.35
C ASP A 818 -19.86 30.40 -39.18
N ARG A 819 -20.39 29.45 -38.41
CA ARG A 819 -21.08 29.76 -37.17
C ARG A 819 -20.06 29.72 -36.03
N PRO A 820 -20.29 30.49 -34.97
CA PRO A 820 -19.51 30.34 -33.74
C PRO A 820 -19.79 28.97 -33.12
N PRO A 821 -18.94 28.53 -32.17
CA PRO A 821 -19.25 27.26 -31.50
C PRO A 821 -20.57 27.39 -30.77
N ARG A 822 -21.36 26.32 -30.71
CA ARG A 822 -22.56 26.33 -29.91
C ARG A 822 -22.22 26.41 -28.42
N SER A 823 -23.10 27.01 -27.63
CA SER A 823 -22.96 27.01 -26.19
C SER A 823 -23.09 25.59 -25.63
N PRO A 824 -22.27 25.26 -24.62
CA PRO A 824 -22.31 23.93 -24.01
C PRO A 824 -23.60 23.72 -23.23
N LYS A 825 -24.19 24.80 -22.74
CA LYS A 825 -25.40 24.73 -21.91
C LYS A 825 -26.63 24.39 -22.73
N GLU A 826 -26.59 24.71 -24.02
CA GLU A 826 -27.69 24.47 -24.96
C GLU A 826 -28.31 23.09 -24.78
N PRO A 827 -29.63 23.04 -24.54
CA PRO A 827 -30.34 21.78 -24.25
C PRO A 827 -30.42 20.86 -25.47
N LEU A 828 -31.50 20.11 -25.57
CA LEU A 828 -31.77 19.29 -26.74
C LEU A 828 -33.17 19.58 -27.23
N ILE A 829 -33.95 20.23 -26.36
CA ILE A 829 -35.29 20.72 -26.68
C ILE A 829 -35.58 22.03 -25.95
N SER A 830 -36.33 22.93 -26.59
CA SER A 830 -36.70 24.17 -25.95
C SER A 830 -38.08 24.65 -26.38
N GLY A 831 -38.92 24.92 -25.38
CA GLY A 831 -40.24 25.49 -25.58
C GLY A 831 -41.02 24.92 -26.75
N TRP A 832 -40.83 25.53 -27.92
CA TRP A 832 -41.52 25.13 -29.14
C TRP A 832 -41.24 23.68 -29.51
N LEU A 833 -39.97 23.27 -29.40
CA LEU A 833 -39.54 21.96 -29.86
C LEU A 833 -39.99 20.83 -28.92
N PHE A 834 -40.12 21.15 -27.64
CA PHE A 834 -40.58 20.18 -26.66
C PHE A 834 -42.02 19.78 -26.96
N PHE A 835 -42.91 20.77 -26.96
CA PHE A 835 -44.32 20.56 -27.25
C PHE A 835 -44.54 20.17 -28.71
N ARG A 836 -43.51 20.34 -29.54
CA ARG A 836 -43.59 19.99 -30.95
C ARG A 836 -43.90 18.50 -31.15
N TYR A 837 -43.09 17.64 -30.54
CA TYR A 837 -43.35 16.20 -30.64
C TYR A 837 -44.04 15.61 -29.40
N MET A 838 -44.42 16.49 -28.47
CA MET A 838 -45.40 16.11 -27.46
C MET A 838 -46.76 16.17 -28.15
N ALA A 839 -46.80 16.91 -29.25
CA ALA A 839 -47.95 16.94 -30.13
C ALA A 839 -47.87 15.74 -31.07
N ILE A 840 -46.72 15.52 -31.69
CA ILE A 840 -46.52 14.34 -32.52
C ILE A 840 -46.66 13.10 -31.64
N GLY A 841 -46.12 13.16 -30.43
CA GLY A 841 -46.23 12.07 -29.48
C GLY A 841 -47.65 11.85 -28.98
N GLY A 842 -48.41 12.92 -28.86
CA GLY A 842 -49.81 12.82 -28.46
C GLY A 842 -50.62 12.16 -29.55
N TYR A 843 -50.10 12.20 -30.78
CA TYR A 843 -50.77 11.60 -31.93
C TYR A 843 -50.52 10.10 -32.04
N VAL A 844 -49.24 9.71 -32.01
CA VAL A 844 -48.89 8.29 -32.07
C VAL A 844 -49.47 7.53 -30.89
N GLY A 845 -49.40 8.14 -29.71
CA GLY A 845 -49.93 7.54 -28.50
C GLY A 845 -51.43 7.29 -28.57
N ALA A 846 -52.13 8.12 -29.34
CA ALA A 846 -53.57 7.97 -29.49
C ALA A 846 -53.93 7.10 -30.69
N ALA A 847 -53.33 7.39 -31.84
CA ALA A 847 -53.62 6.68 -33.09
C ALA A 847 -53.32 5.19 -33.03
N THR A 848 -52.46 4.78 -32.09
CA THR A 848 -52.17 3.36 -31.90
C THR A 848 -53.25 2.68 -31.06
N VAL A 849 -53.62 3.30 -29.95
CA VAL A 849 -54.72 2.80 -29.13
C VAL A 849 -56.02 2.97 -29.92
N GLY A 850 -56.01 3.94 -30.83
CA GLY A 850 -57.20 4.26 -31.61
C GLY A 850 -57.47 3.34 -32.78
N ALA A 851 -56.43 2.71 -33.30
CA ALA A 851 -56.59 1.78 -34.42
C ALA A 851 -56.67 0.33 -33.92
N ALA A 852 -56.30 0.12 -32.67
CA ALA A 852 -56.43 -1.18 -32.04
C ALA A 852 -57.85 -1.38 -31.51
N ALA A 853 -58.37 -0.33 -30.86
CA ALA A 853 -59.74 -0.35 -30.36
C ALA A 853 -60.74 -0.18 -31.50
N TRP A 854 -60.26 0.35 -32.62
CA TRP A 854 -61.07 0.45 -33.84
C TRP A 854 -61.46 -0.94 -34.29
N TRP A 855 -60.50 -1.85 -34.24
CA TRP A 855 -60.73 -3.23 -34.67
C TRP A 855 -61.82 -3.89 -33.84
N PHE A 856 -62.02 -3.41 -32.62
CA PHE A 856 -63.13 -3.87 -31.80
C PHE A 856 -64.46 -3.34 -32.32
N MET A 857 -64.73 -2.06 -32.06
CA MET A 857 -66.03 -1.46 -32.35
C MET A 857 -66.33 -1.25 -33.83
N TYR A 858 -65.88 -0.12 -34.38
CA TYR A 858 -66.28 0.32 -35.72
C TYR A 858 -65.58 -0.39 -36.88
N ALA A 859 -64.99 -1.56 -36.62
CA ALA A 859 -64.37 -2.33 -37.68
C ALA A 859 -65.14 -3.60 -37.98
N GLU A 860 -64.81 -4.21 -39.11
CA GLU A 860 -65.60 -5.30 -39.69
C GLU A 860 -65.43 -6.66 -39.01
N ASP A 861 -64.18 -7.07 -38.80
CA ASP A 861 -63.91 -8.40 -38.23
C ASP A 861 -63.00 -8.36 -37.01
N GLY A 862 -63.45 -7.82 -35.88
CA GLY A 862 -64.77 -7.24 -35.70
C GLY A 862 -65.71 -8.02 -34.79
N PRO A 863 -65.30 -8.28 -33.54
CA PRO A 863 -66.09 -9.14 -32.65
C PRO A 863 -67.56 -8.73 -32.35
N GLY A 864 -67.88 -7.48 -31.99
CA GLY A 864 -66.95 -6.38 -31.85
C GLY A 864 -67.51 -5.20 -31.07
N VAL A 865 -68.43 -4.47 -31.69
CA VAL A 865 -69.03 -3.28 -31.09
C VAL A 865 -69.52 -3.51 -29.66
N THR A 866 -68.69 -3.14 -28.68
CA THR A 866 -69.02 -3.32 -27.27
C THR A 866 -69.07 -1.99 -26.50
N TYR A 867 -68.36 -0.99 -27.01
CA TYR A 867 -68.33 0.36 -26.44
C TYR A 867 -67.80 0.44 -25.00
N HIS A 868 -68.70 0.70 -24.06
CA HIS A 868 -68.33 0.82 -22.65
C HIS A 868 -67.85 -0.53 -22.11
N GLN A 869 -68.30 -1.60 -22.74
CA GLN A 869 -67.90 -2.95 -22.34
C GLN A 869 -66.44 -3.25 -22.68
N LEU A 870 -65.91 -2.59 -23.71
CA LEU A 870 -64.50 -2.76 -24.07
C LEU A 870 -63.59 -2.22 -22.98
N THR A 871 -64.01 -1.13 -22.34
CA THR A 871 -63.25 -0.56 -21.21
C THR A 871 -63.55 -1.32 -19.92
N HIS A 872 -64.07 -2.53 -20.06
CA HIS A 872 -64.40 -3.38 -18.91
C HIS A 872 -64.27 -4.86 -19.26
N PHE A 873 -63.05 -5.28 -19.62
CA PHE A 873 -62.81 -6.67 -20.00
C PHE A 873 -62.49 -7.56 -18.80
N MET A 874 -62.25 -6.94 -17.65
CA MET A 874 -61.91 -7.69 -16.45
C MET A 874 -63.08 -8.54 -15.97
N GLN A 875 -64.30 -8.13 -16.34
CA GLN A 875 -65.50 -8.85 -15.93
C GLN A 875 -66.20 -9.52 -17.11
N CYS A 876 -65.43 -10.25 -17.92
CA CYS A 876 -66.01 -11.07 -18.98
C CYS A 876 -66.09 -12.51 -18.50
N THR A 877 -65.15 -12.91 -17.65
CA THR A 877 -65.16 -14.22 -17.05
C THR A 877 -66.26 -14.28 -16.00
N GLU A 878 -66.29 -13.27 -15.13
CA GLU A 878 -67.27 -13.18 -14.07
C GLU A 878 -68.63 -12.73 -14.62
N ASP A 879 -68.70 -11.45 -14.97
CA ASP A 879 -69.94 -10.84 -15.45
C ASP A 879 -70.17 -11.12 -16.94
N HIS A 880 -70.20 -12.41 -17.30
CA HIS A 880 -70.41 -12.81 -18.69
C HIS A 880 -71.71 -12.36 -19.37
N PRO A 881 -72.87 -12.42 -18.66
CA PRO A 881 -74.13 -12.00 -19.28
C PRO A 881 -74.09 -10.65 -20.02
N HIS A 882 -73.28 -9.71 -19.53
CA HIS A 882 -73.06 -8.45 -20.24
C HIS A 882 -72.58 -8.71 -21.66
N PHE A 883 -71.51 -9.49 -21.76
CA PHE A 883 -70.90 -9.80 -23.05
C PHE A 883 -71.63 -10.93 -23.77
N GLU A 884 -72.81 -10.63 -24.30
CA GLU A 884 -73.52 -11.58 -25.14
C GLU A 884 -73.30 -11.25 -26.61
N GLY A 885 -73.19 -12.28 -27.43
CA GLY A 885 -72.90 -12.10 -28.84
C GLY A 885 -71.40 -11.99 -29.08
N LEU A 886 -70.62 -12.43 -28.09
CA LEU A 886 -69.17 -12.44 -28.23
C LEU A 886 -68.49 -13.49 -27.34
N ASP A 887 -67.27 -13.85 -27.71
CA ASP A 887 -66.46 -14.80 -26.96
C ASP A 887 -65.68 -14.06 -25.87
N CYS A 888 -65.18 -14.79 -24.88
CA CYS A 888 -64.32 -14.20 -23.86
C CYS A 888 -62.87 -14.64 -24.05
N GLU A 889 -62.27 -14.22 -25.15
CA GLU A 889 -60.89 -14.52 -25.48
C GLU A 889 -60.43 -13.61 -26.62
N ILE A 890 -61.39 -13.13 -27.39
CA ILE A 890 -61.10 -12.28 -28.55
C ILE A 890 -60.62 -10.88 -28.12
N PHE A 891 -60.58 -10.65 -26.81
CA PHE A 891 -59.98 -9.45 -26.26
C PHE A 891 -58.46 -9.57 -26.21
N GLU A 892 -57.95 -10.74 -26.60
CA GLU A 892 -56.52 -11.00 -26.64
C GLU A 892 -56.10 -11.40 -28.05
N ALA A 893 -56.70 -10.75 -29.05
CA ALA A 893 -56.44 -11.09 -30.44
C ALA A 893 -55.18 -10.39 -30.95
N PRO A 894 -54.45 -11.06 -31.86
CA PRO A 894 -53.24 -10.47 -32.43
C PRO A 894 -53.52 -9.35 -33.44
N GLU A 895 -54.64 -9.43 -34.15
CA GLU A 895 -54.98 -8.42 -35.16
C GLU A 895 -55.04 -6.95 -34.66
N PRO A 896 -55.72 -6.70 -33.53
CA PRO A 896 -55.78 -5.31 -33.08
C PRO A 896 -54.43 -4.75 -32.66
N MET A 897 -53.58 -5.58 -32.07
CA MET A 897 -52.24 -5.15 -31.70
C MET A 897 -51.38 -4.99 -32.95
N THR A 898 -51.64 -5.82 -33.95
CA THR A 898 -50.99 -5.69 -35.25
C THR A 898 -51.38 -4.37 -35.89
N MET A 899 -52.65 -4.00 -35.71
CA MET A 899 -53.12 -2.69 -36.14
C MET A 899 -52.34 -1.59 -35.45
N ALA A 900 -52.21 -1.71 -34.12
CA ALA A 900 -51.51 -0.72 -33.30
C ALA A 900 -50.05 -0.61 -33.68
N LEU A 901 -49.39 -1.75 -33.81
CA LEU A 901 -47.98 -1.79 -34.17
C LEU A 901 -47.76 -1.23 -35.57
N SER A 902 -48.62 -1.62 -36.52
CA SER A 902 -48.53 -1.15 -37.89
C SER A 902 -48.73 0.36 -37.99
N VAL A 903 -49.45 0.93 -37.03
CA VAL A 903 -49.62 2.38 -36.95
C VAL A 903 -48.33 3.02 -36.45
N LEU A 904 -47.81 2.53 -35.33
CA LEU A 904 -46.57 3.02 -34.76
C LEU A 904 -45.45 2.97 -35.78
N VAL A 905 -45.27 1.81 -36.40
CA VAL A 905 -44.24 1.64 -37.41
C VAL A 905 -44.44 2.63 -38.56
N THR A 906 -45.69 2.78 -39.00
CA THR A 906 -45.98 3.69 -40.10
C THR A 906 -45.79 5.17 -39.71
N ILE A 907 -46.20 5.51 -38.48
CA ILE A 907 -46.02 6.87 -37.98
C ILE A 907 -44.55 7.23 -37.86
N GLU A 908 -43.77 6.34 -37.25
CA GLU A 908 -42.35 6.59 -37.06
C GLU A 908 -41.59 6.64 -38.39
N MET A 909 -41.98 5.81 -39.35
CA MET A 909 -41.35 5.87 -40.67
C MET A 909 -41.61 7.22 -41.33
N CYS A 910 -42.82 7.73 -41.18
CA CYS A 910 -43.13 9.07 -41.66
C CYS A 910 -42.39 10.10 -40.80
N ASN A 911 -42.33 9.84 -39.49
CA ASN A 911 -41.67 10.73 -38.55
C ASN A 911 -40.17 10.84 -38.80
N ALA A 912 -39.64 9.95 -39.65
CA ALA A 912 -38.24 9.98 -40.03
C ALA A 912 -38.00 10.99 -41.15
N LEU A 913 -39.00 11.16 -42.00
CA LEU A 913 -38.92 12.13 -43.10
C LEU A 913 -38.94 13.55 -42.56
N ASN A 914 -39.89 13.83 -41.66
CA ASN A 914 -39.96 15.14 -41.02
C ASN A 914 -38.79 15.38 -40.08
N SER A 915 -37.98 14.34 -39.90
CA SER A 915 -36.78 14.44 -39.08
C SER A 915 -35.55 14.77 -39.94
N LEU A 916 -35.70 14.70 -41.25
CA LEU A 916 -34.64 15.07 -42.19
C LEU A 916 -34.18 16.51 -41.94
N SER A 917 -35.14 17.36 -41.57
CA SER A 917 -34.89 18.76 -41.28
C SER A 917 -35.67 19.18 -40.04
N GLU A 918 -35.22 20.24 -39.38
CA GLU A 918 -35.92 20.74 -38.20
C GLU A 918 -37.04 21.71 -38.56
N ASN A 919 -36.77 22.60 -39.53
CA ASN A 919 -37.72 23.64 -39.90
C ASN A 919 -38.15 23.60 -41.36
N GLN A 920 -37.21 23.30 -42.25
CA GLN A 920 -37.53 23.27 -43.68
C GLN A 920 -38.56 22.20 -44.03
N SER A 921 -39.71 22.64 -44.53
CA SER A 921 -40.76 21.73 -44.99
C SER A 921 -40.21 20.73 -45.99
N LEU A 922 -40.90 19.60 -46.13
CA LEU A 922 -40.50 18.59 -47.10
C LEU A 922 -40.69 19.13 -48.52
N MET A 923 -41.54 20.15 -48.64
CA MET A 923 -41.73 20.85 -49.91
C MET A 923 -40.41 21.46 -50.36
N ARG A 924 -39.78 22.20 -49.45
CA ARG A 924 -38.58 22.97 -49.76
C ARG A 924 -37.31 22.15 -49.58
N MET A 925 -37.38 21.10 -48.78
CA MET A 925 -36.31 20.11 -48.71
C MET A 925 -36.83 18.72 -49.04
N PRO A 926 -36.46 18.19 -50.22
CA PRO A 926 -36.98 16.93 -50.76
C PRO A 926 -36.77 15.75 -49.83
N PRO A 927 -37.69 14.77 -49.88
CA PRO A 927 -37.51 13.52 -49.14
C PRO A 927 -36.49 12.62 -49.82
N TRP A 928 -36.03 13.02 -51.01
CA TRP A 928 -35.06 12.24 -51.75
C TRP A 928 -33.62 12.68 -51.50
N VAL A 929 -33.45 13.63 -50.58
CA VAL A 929 -32.13 14.16 -50.25
C VAL A 929 -31.20 13.07 -49.73
N ASN A 930 -31.55 12.47 -48.59
CA ASN A 930 -30.76 11.39 -48.01
C ASN A 930 -31.25 10.03 -48.49
N ILE A 931 -30.67 9.55 -49.58
CA ILE A 931 -31.03 8.27 -50.17
C ILE A 931 -30.96 7.13 -49.17
N TRP A 932 -29.94 7.17 -48.31
CA TRP A 932 -29.76 6.12 -47.31
C TRP A 932 -30.89 6.07 -46.28
N LEU A 933 -31.64 7.16 -46.16
CA LEU A 933 -32.83 7.14 -45.32
C LEU A 933 -33.93 6.33 -46.00
N LEU A 934 -33.96 6.39 -47.32
CA LEU A 934 -34.95 5.65 -48.10
C LEU A 934 -34.74 4.16 -47.99
N GLY A 935 -33.49 3.72 -48.20
CA GLY A 935 -33.15 2.32 -48.07
C GLY A 935 -33.33 1.85 -46.65
N SER A 936 -33.18 2.78 -45.70
CA SER A 936 -33.32 2.48 -44.28
C SER A 936 -34.77 2.17 -43.89
N ILE A 937 -35.71 2.98 -44.37
CA ILE A 937 -37.12 2.76 -44.09
C ILE A 937 -37.67 1.53 -44.80
N CYS A 938 -37.34 1.40 -46.09
CA CYS A 938 -37.77 0.26 -46.88
C CYS A 938 -37.29 -1.05 -46.26
N LEU A 939 -36.17 -0.99 -45.55
CA LEU A 939 -35.69 -2.12 -44.78
C LEU A 939 -36.56 -2.32 -43.55
N SER A 940 -36.82 -1.24 -42.82
CA SER A 940 -37.66 -1.30 -41.63
C SER A 940 -39.06 -1.79 -41.97
N MET A 941 -39.59 -1.31 -43.09
CA MET A 941 -40.91 -1.76 -43.53
C MET A 941 -40.92 -3.24 -43.92
N SER A 942 -39.94 -3.65 -44.72
CA SER A 942 -39.83 -5.04 -45.14
C SER A 942 -39.53 -5.97 -43.96
N LEU A 943 -38.99 -5.42 -42.88
CA LEU A 943 -38.82 -6.17 -41.64
C LEU A 943 -40.15 -6.25 -40.89
N HIS A 944 -40.95 -5.19 -40.99
CA HIS A 944 -42.26 -5.19 -40.36
C HIS A 944 -43.13 -6.26 -40.99
N PHE A 945 -43.16 -6.28 -42.33
CA PHE A 945 -43.93 -7.27 -43.08
C PHE A 945 -43.52 -8.68 -42.71
N LEU A 946 -42.23 -8.85 -42.41
CA LEU A 946 -41.67 -10.15 -42.10
C LEU A 946 -42.28 -10.76 -40.85
N ILE A 947 -42.17 -10.04 -39.74
CA ILE A 947 -42.69 -10.51 -38.45
C ILE A 947 -44.21 -10.70 -38.51
N LEU A 948 -44.83 -10.16 -39.56
CA LEU A 948 -46.24 -10.41 -39.81
C LEU A 948 -46.45 -11.71 -40.61
N TYR A 949 -45.43 -12.14 -41.36
CA TYR A 949 -45.60 -13.24 -42.31
C TYR A 949 -44.52 -14.33 -42.27
N VAL A 950 -44.08 -14.75 -41.08
CA VAL A 950 -43.18 -15.91 -40.98
C VAL A 950 -43.51 -16.76 -39.76
N ASP A 951 -44.05 -17.96 -40.00
CA ASP A 951 -44.65 -18.86 -39.00
C ASP A 951 -44.28 -18.68 -37.51
N PRO A 952 -42.97 -18.67 -37.18
CA PRO A 952 -42.64 -18.38 -35.77
C PRO A 952 -42.95 -16.94 -35.39
N LEU A 953 -42.42 -15.99 -36.16
CA LEU A 953 -42.42 -14.57 -35.83
C LEU A 953 -43.70 -13.94 -35.23
N PRO A 954 -44.88 -14.23 -35.80
CA PRO A 954 -46.07 -13.57 -35.23
C PRO A 954 -46.57 -14.17 -33.92
N MET A 955 -46.03 -15.31 -33.49
CA MET A 955 -46.42 -15.89 -32.20
C MET A 955 -45.57 -15.32 -31.07
N ILE A 956 -44.28 -15.13 -31.33
CA ILE A 956 -43.36 -14.54 -30.38
C ILE A 956 -43.62 -13.05 -30.20
N PHE A 957 -44.28 -12.44 -31.18
CA PHE A 957 -44.52 -11.01 -31.17
C PHE A 957 -46.00 -10.68 -31.04
N LYS A 958 -46.83 -11.73 -30.98
CA LYS A 958 -48.28 -11.61 -30.91
C LYS A 958 -48.88 -10.71 -31.99
N LEU A 959 -48.64 -11.09 -33.24
CA LEU A 959 -49.16 -10.35 -34.37
C LEU A 959 -49.92 -11.28 -35.29
N LYS A 960 -50.90 -10.74 -36.02
CA LYS A 960 -51.55 -11.48 -37.08
C LYS A 960 -51.78 -10.54 -38.25
N ALA A 961 -51.29 -10.94 -39.43
CA ALA A 961 -51.22 -10.09 -40.61
C ALA A 961 -52.49 -9.29 -40.92
N LEU A 962 -52.33 -8.20 -41.66
CA LEU A 962 -53.43 -7.30 -41.97
C LEU A 962 -53.91 -7.43 -43.41
N ASP A 963 -55.22 -7.33 -43.62
CA ASP A 963 -55.79 -7.30 -44.96
C ASP A 963 -55.42 -5.98 -45.62
N LEU A 964 -55.72 -5.85 -46.92
CA LEU A 964 -55.42 -4.62 -47.65
C LEU A 964 -56.39 -3.49 -47.27
N THR A 965 -57.41 -3.84 -46.50
CA THR A 965 -58.36 -2.86 -45.96
C THR A 965 -57.89 -2.49 -44.56
N GLN A 966 -57.19 -3.43 -43.93
CA GLN A 966 -56.59 -3.23 -42.63
C GLN A 966 -55.31 -2.39 -42.77
N TRP A 967 -54.87 -2.19 -44.00
CA TRP A 967 -53.70 -1.37 -44.28
C TRP A 967 -54.09 -0.01 -44.85
N LEU A 968 -55.19 0.02 -45.59
CA LEU A 968 -55.77 1.29 -46.04
C LEU A 968 -56.15 2.09 -44.80
N MET A 969 -56.67 1.39 -43.79
CA MET A 969 -57.04 2.02 -42.54
C MET A 969 -55.80 2.50 -41.79
N VAL A 970 -54.71 1.73 -41.88
CA VAL A 970 -53.46 2.11 -41.23
C VAL A 970 -52.86 3.38 -41.86
N LEU A 971 -52.81 3.41 -43.19
CA LEU A 971 -52.20 4.54 -43.89
C LEU A 971 -53.01 5.83 -43.70
N LYS A 972 -54.33 5.72 -43.76
CA LYS A 972 -55.20 6.89 -43.59
C LYS A 972 -55.25 7.36 -42.14
N ILE A 973 -54.63 6.61 -41.24
CA ILE A 973 -54.63 6.95 -39.82
C ILE A 973 -53.20 7.22 -39.32
N SER A 974 -52.24 7.14 -40.24
CA SER A 974 -50.84 7.37 -39.92
C SER A 974 -50.22 8.51 -40.73
N LEU A 975 -50.43 8.47 -42.04
CA LEU A 975 -49.89 9.48 -42.96
C LEU A 975 -50.11 10.95 -42.56
N PRO A 976 -51.30 11.29 -42.02
CA PRO A 976 -51.50 12.66 -41.52
C PRO A 976 -50.45 13.18 -40.54
N VAL A 977 -49.65 12.30 -39.93
CA VAL A 977 -48.57 12.75 -39.03
C VAL A 977 -47.57 13.62 -39.79
N ILE A 978 -47.45 13.41 -41.09
CA ILE A 978 -46.59 14.23 -41.93
C ILE A 978 -47.13 15.66 -41.97
N GLY A 979 -48.36 15.80 -42.46
CA GLY A 979 -49.00 17.09 -42.57
C GLY A 979 -49.10 17.84 -41.25
N LEU A 980 -49.16 17.09 -40.15
CA LEU A 980 -49.20 17.69 -38.81
C LEU A 980 -47.93 18.45 -38.52
N ASP A 981 -46.81 17.74 -38.57
CA ASP A 981 -45.51 18.35 -38.30
C ASP A 981 -45.15 19.29 -39.45
N GLU A 982 -45.65 18.99 -40.65
CA GLU A 982 -45.36 19.81 -41.82
C GLU A 982 -45.92 21.21 -41.65
N ILE A 983 -47.09 21.29 -41.02
CA ILE A 983 -47.68 22.57 -40.69
C ILE A 983 -47.00 23.16 -39.46
N LEU A 984 -46.48 22.28 -38.59
CA LEU A 984 -45.65 22.72 -37.46
C LEU A 984 -44.33 23.33 -37.93
N LYS A 985 -43.96 23.04 -39.18
CA LYS A 985 -42.77 23.65 -39.77
C LYS A 985 -43.11 24.99 -40.41
N PHE A 986 -44.33 25.10 -40.95
CA PHE A 986 -44.80 26.35 -41.51
C PHE A 986 -45.04 27.38 -40.40
N ILE A 987 -45.41 26.89 -39.22
CA ILE A 987 -45.62 27.76 -38.06
C ILE A 987 -44.36 27.77 -37.15
N ALA A 988 -43.22 27.97 -37.79
CA ALA A 988 -41.94 27.99 -37.10
C ALA A 988 -40.89 28.67 -37.97
N ARG A 989 -41.11 28.60 -39.28
CA ARG A 989 -40.19 29.13 -40.27
C ARG A 989 -40.59 30.58 -40.61
N ASN A 990 -41.74 30.99 -40.11
CA ASN A 990 -42.28 32.30 -40.42
C ASN A 990 -42.74 33.11 -39.20
N TYR A 991 -43.70 32.57 -38.46
CA TYR A 991 -44.32 33.31 -37.36
C TYR A 991 -43.73 33.01 -35.98
N LEU A 992 -42.68 32.21 -35.92
CA LEU A 992 -42.05 31.87 -34.65
C LEU A 992 -40.72 32.59 -34.50
N GLU A 993 -39.70 32.09 -35.20
CA GLU A 993 -38.37 32.64 -35.11
C GLU A 993 -37.65 32.53 -36.45
N ASP A 994 -38.34 32.91 -37.51
CA ASP A 994 -37.77 32.86 -38.85
C ASP A 994 -38.38 33.91 -39.78
N MET B 1 -3.79 14.74 43.29
CA MET B 1 -2.73 15.72 42.90
C MET B 1 -1.71 15.36 41.78
N GLU B 2 -1.91 15.92 40.58
CA GLU B 2 -1.04 15.62 39.46
C GLU B 2 0.24 16.47 39.52
N ALA B 3 1.34 15.91 39.01
CA ALA B 3 2.60 16.63 38.92
C ALA B 3 3.13 17.12 40.27
N ALA B 4 2.92 16.32 41.30
CA ALA B 4 3.48 16.63 42.61
C ALA B 4 4.99 16.79 42.56
N HIS B 5 5.67 16.06 41.67
CA HIS B 5 7.13 16.06 41.63
C HIS B 5 7.68 17.41 41.18
N SER B 6 6.86 18.18 40.47
CA SER B 6 7.34 19.44 39.92
C SER B 6 7.02 20.62 40.84
N LYS B 7 6.17 20.36 41.83
CA LYS B 7 5.80 21.37 42.80
C LYS B 7 6.81 21.36 43.92
N SER B 8 6.96 22.50 44.58
CA SER B 8 7.75 22.57 45.79
C SER B 8 7.01 21.86 46.93
N THR B 9 7.71 21.54 48.03
CA THR B 9 7.04 20.98 49.21
C THR B 9 5.91 21.89 49.68
N GLU B 10 6.17 23.20 49.84
CA GLU B 10 5.10 24.08 50.33
C GLU B 10 3.88 24.10 49.40
N GLU B 11 4.10 24.04 48.10
CA GLU B 11 2.97 23.97 47.15
C GLU B 11 2.16 22.68 47.26
N CYS B 12 2.83 21.57 47.56
CA CYS B 12 2.15 20.30 47.83
C CYS B 12 1.30 20.36 49.09
N LEU B 13 1.85 20.88 50.18
CA LEU B 13 1.02 21.08 51.37
C LEU B 13 -0.18 21.99 51.06
N ALA B 14 0.07 23.09 50.35
CA ALA B 14 -1.01 24.04 50.06
C ALA B 14 -2.08 23.41 49.18
N TYR B 15 -1.68 22.56 48.24
CA TYR B 15 -2.66 21.91 47.36
C TYR B 15 -3.78 21.26 48.15
N PHE B 16 -3.41 20.71 49.30
CA PHE B 16 -4.34 19.96 50.14
C PHE B 16 -4.76 20.72 51.39
N GLY B 17 -4.09 21.82 51.70
CA GLY B 17 -4.44 22.58 52.89
C GLY B 17 -4.18 21.79 54.15
N VAL B 18 -2.94 21.30 54.28
CA VAL B 18 -2.54 20.50 55.42
C VAL B 18 -1.26 21.07 55.99
N SER B 19 -1.14 20.93 57.31
CA SER B 19 0.09 21.29 58.00
C SER B 19 0.96 20.05 58.03
N GLU B 20 2.24 20.23 57.73
CA GLU B 20 3.19 19.12 57.76
C GLU B 20 3.31 18.55 59.16
N THR B 21 3.11 19.39 60.17
CA THR B 21 3.22 18.95 61.55
C THR B 21 1.86 18.80 62.20
N THR B 22 0.88 18.29 61.46
CA THR B 22 -0.45 18.00 62.04
C THR B 22 -1.11 16.89 61.25
N GLY B 23 -1.06 17.00 59.93
CA GLY B 23 -1.76 16.09 59.06
C GLY B 23 -3.24 16.42 58.98
N LEU B 24 -3.98 15.59 58.28
CA LEU B 24 -5.39 15.82 58.01
C LEU B 24 -6.25 15.68 59.28
N THR B 25 -7.34 16.44 59.33
CA THR B 25 -8.34 16.28 60.36
C THR B 25 -9.21 15.06 60.00
N PRO B 26 -9.93 14.49 60.97
CA PRO B 26 -10.88 13.42 60.64
C PRO B 26 -11.83 13.77 59.49
N ASP B 27 -12.34 15.00 59.49
CA ASP B 27 -13.26 15.47 58.44
C ASP B 27 -12.57 15.52 57.08
N GLN B 28 -11.35 16.04 57.05
CA GLN B 28 -10.57 16.07 55.82
C GLN B 28 -10.38 14.64 55.32
N VAL B 29 -10.14 13.72 56.24
CA VAL B 29 -9.90 12.34 55.87
C VAL B 29 -11.16 11.76 55.25
N LYS B 30 -12.29 12.03 55.88
CA LYS B 30 -13.57 11.51 55.38
C LYS B 30 -13.90 12.12 54.02
N ARG B 31 -13.60 13.42 53.86
CA ARG B 31 -13.88 14.13 52.62
C ARG B 31 -13.00 13.60 51.47
N HIS B 32 -11.71 13.44 51.73
CA HIS B 32 -10.81 12.92 50.74
C HIS B 32 -11.10 11.44 50.42
N LEU B 33 -11.52 10.70 51.43
CA LEU B 33 -11.91 9.30 51.24
C LEU B 33 -13.13 9.22 50.31
N GLU B 34 -14.01 10.21 50.41
CA GLU B 34 -15.18 10.25 49.54
C GLU B 34 -14.74 10.60 48.13
N LYS B 35 -13.87 11.59 48.01
CA LYS B 35 -13.47 12.09 46.71
C LYS B 35 -12.57 11.13 45.94
N TYR B 36 -11.59 10.56 46.63
CA TYR B 36 -10.51 9.80 45.98
C TYR B 36 -10.65 8.29 46.08
N GLY B 37 -11.67 7.83 46.81
CA GLY B 37 -11.84 6.42 47.07
C GLY B 37 -10.72 5.89 47.96
N HIS B 38 -10.81 4.63 48.34
CA HIS B 38 -9.78 4.00 49.16
C HIS B 38 -8.47 3.73 48.42
N ASN B 39 -7.39 3.56 49.18
CA ASN B 39 -6.07 3.34 48.59
C ASN B 39 -5.79 1.87 48.32
N GLU B 40 -6.34 1.36 47.23
CA GLU B 40 -6.18 -0.05 46.91
C GLU B 40 -6.42 -0.29 45.43
N LEU B 41 -5.90 -1.41 44.92
CA LEU B 41 -6.16 -1.81 43.55
C LEU B 41 -7.34 -2.77 43.52
N PRO B 42 -8.30 -2.55 42.61
CA PRO B 42 -9.43 -3.46 42.49
C PRO B 42 -8.95 -4.88 42.20
N ALA B 43 -9.74 -5.88 42.57
CA ALA B 43 -9.39 -7.27 42.28
C ALA B 43 -10.09 -7.71 41.01
N GLU B 44 -9.54 -8.74 40.37
CA GLU B 44 -10.11 -9.26 39.13
C GLU B 44 -10.29 -10.78 39.20
N GLU B 45 -11.52 -11.23 38.96
CA GLU B 45 -11.84 -12.66 38.95
C GLU B 45 -11.65 -13.26 37.56
N GLY B 46 -12.39 -12.74 36.59
CA GLY B 46 -12.24 -13.16 35.21
C GLY B 46 -13.03 -14.40 34.83
N LYS B 47 -14.35 -14.31 34.99
CA LYS B 47 -15.29 -15.36 34.53
C LYS B 47 -15.16 -16.71 35.23
N SER B 48 -16.30 -17.27 35.64
CA SER B 48 -16.31 -18.61 36.20
C SER B 48 -16.18 -19.66 35.09
N LEU B 49 -16.07 -20.92 35.49
CA LEU B 49 -16.01 -22.03 34.53
C LEU B 49 -17.30 -22.09 33.73
N TRP B 50 -18.38 -21.63 34.33
CA TRP B 50 -19.69 -21.56 33.67
C TRP B 50 -19.64 -20.73 32.40
N GLU B 51 -19.10 -19.51 32.51
CA GLU B 51 -19.03 -18.60 31.38
C GLU B 51 -17.99 -19.02 30.35
N LEU B 52 -16.89 -19.62 30.81
CA LEU B 52 -15.84 -20.09 29.91
C LEU B 52 -16.25 -21.32 29.10
N VAL B 53 -17.23 -22.06 29.61
CA VAL B 53 -17.75 -23.24 28.94
C VAL B 53 -18.85 -22.85 27.95
N ILE B 54 -19.65 -21.86 28.34
CA ILE B 54 -20.72 -21.36 27.47
C ILE B 54 -20.13 -20.61 26.26
N GLU B 55 -19.03 -19.91 26.49
CA GLU B 55 -18.34 -19.22 25.40
C GLU B 55 -17.73 -20.22 24.40
N GLN B 56 -17.49 -21.44 24.86
CA GLN B 56 -16.96 -22.49 23.99
C GLN B 56 -17.93 -22.88 22.88
N PHE B 57 -19.22 -22.62 23.11
CA PHE B 57 -20.25 -22.94 22.13
C PHE B 57 -20.73 -21.71 21.37
N GLU B 58 -20.22 -20.55 21.75
CA GLU B 58 -20.66 -19.31 21.13
C GLU B 58 -20.09 -19.10 19.73
N ASP B 59 -19.02 -19.82 19.39
CA ASP B 59 -18.45 -19.69 18.05
C ASP B 59 -19.13 -20.63 17.06
N LEU B 60 -19.17 -20.20 15.80
CA LEU B 60 -20.07 -20.76 14.81
C LEU B 60 -19.84 -22.25 14.50
N LEU B 61 -18.58 -22.64 14.35
CA LEU B 61 -18.24 -24.01 13.98
C LEU B 61 -18.78 -25.02 15.00
N VAL B 62 -18.89 -24.60 16.24
CA VAL B 62 -19.44 -25.43 17.30
C VAL B 62 -20.96 -25.43 17.25
N ARG B 63 -21.53 -24.28 16.90
CA ARG B 63 -22.98 -24.15 16.76
C ARG B 63 -23.51 -25.11 15.71
N ILE B 64 -22.81 -25.20 14.59
CA ILE B 64 -23.19 -26.11 13.52
C ILE B 64 -23.29 -27.54 14.02
N LEU B 65 -22.23 -28.00 14.69
CA LEU B 65 -22.17 -29.37 15.17
C LEU B 65 -23.17 -29.61 16.31
N LEU B 66 -23.42 -28.56 17.09
CA LEU B 66 -24.40 -28.63 18.17
C LEU B 66 -25.80 -28.69 17.60
N LEU B 67 -26.04 -27.90 16.57
CA LEU B 67 -27.29 -27.94 15.83
C LEU B 67 -27.49 -29.35 15.30
N ALA B 68 -26.40 -29.95 14.83
CA ALA B 68 -26.45 -31.28 14.26
C ALA B 68 -26.84 -32.33 15.30
N ALA B 69 -26.30 -32.21 16.51
CA ALA B 69 -26.55 -33.20 17.56
C ALA B 69 -28.01 -33.23 17.98
N CYS B 70 -28.70 -32.11 17.80
CA CYS B 70 -30.12 -32.02 18.11
C CYS B 70 -30.95 -32.68 17.02
N ILE B 71 -30.68 -32.30 15.77
CA ILE B 71 -31.34 -32.92 14.63
C ILE B 71 -31.11 -34.43 14.65
N SER B 72 -29.89 -34.83 14.99
CA SER B 72 -29.56 -36.24 15.11
C SER B 72 -30.39 -36.91 16.21
N PHE B 73 -30.58 -36.20 17.32
CA PHE B 73 -31.32 -36.72 18.46
C PHE B 73 -32.80 -36.83 18.12
N VAL B 74 -33.36 -35.75 17.58
CA VAL B 74 -34.74 -35.71 17.13
C VAL B 74 -35.06 -36.87 16.17
N LEU B 75 -34.10 -37.19 15.31
CA LEU B 75 -34.24 -38.31 14.39
C LEU B 75 -34.25 -39.65 15.14
N ALA B 76 -33.23 -39.89 15.95
CA ALA B 76 -33.12 -41.13 16.71
C ALA B 76 -34.26 -41.32 17.71
N TRP B 77 -34.80 -40.22 18.22
CA TRP B 77 -35.90 -40.26 19.17
C TRP B 77 -37.21 -40.64 18.49
N PHE B 78 -37.43 -40.06 17.31
CA PHE B 78 -38.58 -40.42 16.50
C PHE B 78 -38.16 -41.39 15.40
N GLU B 79 -37.18 -42.23 15.75
CA GLU B 79 -36.74 -43.31 14.88
C GLU B 79 -37.70 -44.48 14.98
N GLU B 80 -38.06 -45.03 13.82
CA GLU B 80 -39.01 -46.13 13.72
C GLU B 80 -38.67 -47.30 14.65
N GLY B 81 -39.68 -48.05 15.07
CA GLY B 81 -39.48 -49.20 15.93
C GLY B 81 -38.65 -50.28 15.26
N GLU B 82 -37.44 -49.92 14.88
CA GLU B 82 -36.53 -50.81 14.18
C GLU B 82 -35.37 -51.19 15.10
N GLU B 83 -34.43 -50.27 15.28
CA GLU B 83 -33.33 -50.47 16.20
C GLU B 83 -33.01 -49.18 16.96
N THR B 84 -33.96 -48.71 17.77
CA THR B 84 -33.71 -47.54 18.61
C THR B 84 -32.84 -47.92 19.80
N ILE B 85 -32.44 -49.20 19.83
CA ILE B 85 -31.45 -49.68 20.78
C ILE B 85 -30.12 -48.96 20.55
N THR B 86 -29.76 -48.79 19.29
CA THR B 86 -28.50 -48.16 18.91
C THR B 86 -28.70 -47.06 17.87
N ALA B 87 -29.86 -46.40 17.92
CA ALA B 87 -30.12 -45.27 17.06
C ALA B 87 -29.56 -44.02 17.72
N PHE B 88 -29.53 -44.03 19.04
CA PHE B 88 -29.07 -42.89 19.83
C PHE B 88 -27.56 -42.79 19.95
N VAL B 89 -26.83 -43.69 19.30
CA VAL B 89 -25.38 -43.65 19.33
C VAL B 89 -24.87 -42.39 18.64
N GLU B 90 -25.43 -42.10 17.48
CA GLU B 90 -25.05 -40.93 16.71
C GLU B 90 -25.21 -39.59 17.46
N PRO B 91 -26.36 -39.36 18.13
CA PRO B 91 -26.44 -38.13 18.93
C PRO B 91 -25.47 -38.11 20.12
N PHE B 92 -25.42 -39.19 20.89
CA PHE B 92 -24.62 -39.21 22.12
C PHE B 92 -23.12 -39.26 21.86
N VAL B 93 -22.72 -39.52 20.62
CA VAL B 93 -21.31 -39.41 20.27
C VAL B 93 -20.98 -37.96 19.88
N ILE B 94 -21.80 -37.38 19.01
CA ILE B 94 -21.63 -35.98 18.63
C ILE B 94 -21.63 -35.09 19.86
N LEU B 95 -22.60 -35.30 20.74
CA LEU B 95 -22.69 -34.54 21.99
C LEU B 95 -21.44 -34.71 22.83
N LEU B 96 -20.96 -35.94 22.96
CA LEU B 96 -19.79 -36.23 23.78
C LEU B 96 -18.52 -35.59 23.24
N ILE B 97 -18.47 -35.37 21.93
CA ILE B 97 -17.33 -34.73 21.32
C ILE B 97 -17.41 -33.24 21.61
N LEU B 98 -18.61 -32.68 21.50
CA LEU B 98 -18.86 -31.30 21.88
C LEU B 98 -18.43 -31.04 23.33
N ILE B 99 -18.71 -32.00 24.21
CA ILE B 99 -18.33 -31.86 25.61
C ILE B 99 -16.81 -31.95 25.78
N ALA B 100 -16.23 -33.08 25.34
CA ALA B 100 -14.80 -33.31 25.47
C ALA B 100 -13.97 -32.19 24.88
N ASN B 101 -14.37 -31.69 23.71
CA ASN B 101 -13.68 -30.57 23.08
C ASN B 101 -13.85 -29.28 23.85
N ALA B 102 -15.02 -29.09 24.44
CA ALA B 102 -15.32 -27.85 25.17
C ALA B 102 -14.42 -27.72 26.38
N ILE B 103 -14.27 -28.80 27.14
CA ILE B 103 -13.43 -28.78 28.33
C ILE B 103 -11.94 -28.72 27.96
N VAL B 104 -11.57 -29.42 26.89
CA VAL B 104 -10.21 -29.34 26.37
C VAL B 104 -9.92 -27.91 25.93
N GLY B 105 -10.96 -27.23 25.44
CA GLY B 105 -10.84 -25.84 25.03
C GLY B 105 -10.56 -24.90 26.17
N VAL B 106 -11.22 -25.12 27.30
CA VAL B 106 -11.03 -24.29 28.48
C VAL B 106 -9.69 -24.56 29.17
N TRP B 107 -9.35 -25.84 29.34
CA TRP B 107 -8.10 -26.24 29.98
C TRP B 107 -6.85 -25.63 29.33
N GLN B 108 -6.74 -25.73 28.01
CA GLN B 108 -5.56 -25.22 27.30
C GLN B 108 -5.65 -23.72 27.00
N GLU B 109 -6.40 -22.99 27.83
CA GLU B 109 -6.65 -21.57 27.58
C GLU B 109 -6.83 -20.81 28.90
N ARG B 110 -7.04 -21.53 29.98
CA ARG B 110 -7.21 -20.93 31.30
C ARG B 110 -5.92 -20.88 32.11
N ASN B 111 -5.62 -19.71 32.68
CA ASN B 111 -4.49 -19.56 33.59
C ASN B 111 -4.96 -19.49 35.05
N ALA B 112 -4.40 -20.35 35.90
CA ALA B 112 -4.81 -20.45 37.29
C ALA B 112 -4.30 -19.29 38.15
N GLU B 113 -2.98 -19.07 38.14
CA GLU B 113 -2.38 -18.02 38.97
C GLU B 113 -2.47 -16.63 38.35
N ASN B 114 -3.15 -15.73 39.05
CA ASN B 114 -3.41 -14.39 38.56
C ASN B 114 -2.29 -13.41 38.91
N ALA B 115 -1.83 -12.67 37.90
CA ALA B 115 -0.71 -11.74 38.10
C ALA B 115 -1.12 -10.52 38.92
N ILE B 116 -2.35 -10.06 38.75
CA ILE B 116 -2.89 -8.95 39.56
C ILE B 116 -2.82 -9.24 41.06
N GLU B 117 -2.98 -10.51 41.44
CA GLU B 117 -2.86 -10.90 42.85
C GLU B 117 -1.41 -10.91 43.32
N ALA B 118 -0.52 -11.43 42.50
CA ALA B 118 0.90 -11.42 42.84
C ALA B 118 1.36 -10.00 43.04
N LEU B 119 0.73 -9.07 42.34
CA LEU B 119 1.14 -7.68 42.40
C LEU B 119 0.75 -7.07 43.76
N LYS B 120 -0.31 -7.61 44.35
CA LYS B 120 -0.77 -7.12 45.65
C LYS B 120 0.16 -7.49 46.79
N GLU B 121 1.02 -8.48 46.59
CA GLU B 121 2.13 -8.69 47.50
C GLU B 121 2.98 -7.44 47.75
N TYR B 122 2.91 -6.43 46.87
CA TYR B 122 3.68 -5.19 47.06
C TYR B 122 2.83 -4.07 47.65
N GLU B 123 1.64 -4.44 48.13
CA GLU B 123 0.74 -3.52 48.81
C GLU B 123 0.71 -3.80 50.32
N PRO B 124 1.35 -2.93 51.12
CA PRO B 124 1.36 -3.11 52.57
C PRO B 124 -0.03 -3.11 53.18
N GLU B 125 -0.20 -3.96 54.18
CA GLU B 125 -1.40 -3.95 54.97
C GLU B 125 -1.53 -2.58 55.64
N MET B 126 -0.43 -2.14 56.25
CA MET B 126 -0.44 -0.94 57.08
C MET B 126 0.43 0.17 56.54
N GLY B 127 0.13 1.38 56.97
CA GLY B 127 1.02 2.48 56.76
C GLY B 127 0.99 3.34 57.99
N LYS B 128 1.74 4.42 57.97
CA LYS B 128 1.88 5.28 59.12
C LYS B 128 1.54 6.71 58.71
N VAL B 129 0.61 7.33 59.41
CA VAL B 129 0.29 8.70 59.13
C VAL B 129 0.33 9.54 60.39
N TYR B 130 0.59 10.83 60.22
CA TYR B 130 0.30 11.79 61.27
C TYR B 130 -1.01 12.46 60.90
N ARG B 131 -1.99 12.35 61.80
CA ARG B 131 -3.25 13.05 61.60
C ARG B 131 -3.52 13.96 62.79
N ALA B 132 -4.50 14.83 62.64
CA ALA B 132 -4.70 15.93 63.56
C ALA B 132 -5.16 15.48 64.95
N ASP B 133 -5.88 14.36 65.00
CA ASP B 133 -6.45 13.86 66.25
C ASP B 133 -5.40 13.35 67.27
N ARG B 134 -4.25 12.91 66.80
CA ARG B 134 -3.18 12.47 67.69
C ARG B 134 -1.85 13.04 67.24
N LYS B 135 -1.01 13.44 68.17
CA LYS B 135 0.28 13.99 67.80
C LYS B 135 1.31 12.89 67.44
N SER B 136 1.16 11.72 68.05
CA SER B 136 2.01 10.58 67.74
C SER B 136 1.61 9.95 66.40
N VAL B 137 2.56 9.28 65.75
CA VAL B 137 2.29 8.64 64.47
C VAL B 137 1.20 7.58 64.64
N GLN B 138 0.31 7.47 63.66
CA GLN B 138 -0.73 6.45 63.73
C GLN B 138 -0.46 5.37 62.69
N ARG B 139 -0.54 4.13 63.12
CA ARG B 139 -0.35 2.98 62.24
C ARG B 139 -1.75 2.53 61.84
N ILE B 140 -2.10 2.74 60.57
CA ILE B 140 -3.43 2.42 60.10
C ILE B 140 -3.38 1.52 58.86
N LYS B 141 -4.55 1.07 58.44
CA LYS B 141 -4.67 0.27 57.24
C LYS B 141 -4.25 1.12 56.05
N ALA B 142 -3.44 0.56 55.17
CA ALA B 142 -2.90 1.36 54.08
C ALA B 142 -4.03 1.79 53.13
N ARG B 143 -5.08 0.98 53.06
CA ARG B 143 -6.17 1.26 52.16
C ARG B 143 -6.94 2.49 52.63
N ASP B 144 -6.69 2.88 53.88
CA ASP B 144 -7.36 4.03 54.46
C ASP B 144 -6.57 5.33 54.28
N ILE B 145 -5.38 5.24 53.70
CA ILE B 145 -4.62 6.46 53.41
C ILE B 145 -5.27 7.22 52.26
N VAL B 146 -5.23 8.54 52.31
CA VAL B 146 -5.81 9.38 51.24
C VAL B 146 -4.80 10.43 50.76
N PRO B 147 -4.98 10.94 49.51
CA PRO B 147 -4.13 12.06 49.09
C PRO B 147 -4.25 13.20 50.09
N GLY B 148 -3.11 13.77 50.48
CA GLY B 148 -3.09 14.81 51.49
C GLY B 148 -2.54 14.34 52.82
N ASP B 149 -2.60 13.03 53.06
CA ASP B 149 -2.04 12.46 54.28
C ASP B 149 -0.55 12.73 54.42
N ILE B 150 -0.17 13.12 55.63
CA ILE B 150 1.21 13.15 56.03
C ILE B 150 1.58 11.74 56.43
N VAL B 151 2.54 11.16 55.71
CA VAL B 151 3.00 9.80 55.96
C VAL B 151 4.46 9.73 56.33
N GLU B 152 4.77 8.69 57.07
CA GLU B 152 6.12 8.45 57.51
C GLU B 152 6.56 7.10 56.98
N VAL B 153 7.77 7.04 56.44
CA VAL B 153 8.29 5.76 56.04
C VAL B 153 9.65 5.63 56.63
N ALA B 154 10.04 4.39 56.91
CA ALA B 154 11.36 4.14 57.46
C ALA B 154 11.90 2.84 56.89
N VAL B 155 13.19 2.60 57.12
CA VAL B 155 13.86 1.39 56.64
C VAL B 155 13.01 0.11 56.77
N GLY B 156 12.87 -0.63 55.68
CA GLY B 156 12.14 -1.88 55.73
C GLY B 156 10.72 -1.70 55.24
N ASP B 157 10.23 -0.47 55.27
CA ASP B 157 8.83 -0.23 54.88
C ASP B 157 8.60 -0.44 53.40
N LYS B 158 7.45 -1.02 53.08
CA LYS B 158 6.93 -0.92 51.73
C LYS B 158 6.19 0.41 51.69
N VAL B 159 6.50 1.21 50.67
CA VAL B 159 5.84 2.49 50.49
C VAL B 159 4.36 2.27 50.16
N PRO B 160 3.45 2.94 50.88
CA PRO B 160 2.01 2.61 50.85
C PRO B 160 1.15 3.40 49.85
N ALA B 161 1.65 4.50 49.32
CA ALA B 161 0.91 5.29 48.33
C ALA B 161 1.94 6.11 47.54
N ASP B 162 1.57 6.80 46.46
CA ASP B 162 2.58 7.63 45.79
C ASP B 162 2.70 8.97 46.51
N ILE B 163 3.91 9.25 46.98
CA ILE B 163 4.15 10.29 47.96
C ILE B 163 5.21 11.32 47.50
N ARG B 164 4.91 12.60 47.71
CA ARG B 164 5.90 13.66 47.58
C ARG B 164 6.67 13.75 48.90
N ILE B 165 8.01 13.67 48.83
CA ILE B 165 8.81 13.70 50.02
C ILE B 165 8.89 15.14 50.54
N LEU B 166 8.58 15.33 51.82
CA LEU B 166 8.55 16.66 52.43
C LEU B 166 9.85 16.92 53.15
N SER B 167 10.30 15.90 53.87
CA SER B 167 11.45 16.06 54.72
C SER B 167 12.16 14.73 54.96
N ILE B 168 13.48 14.71 54.79
CA ILE B 168 14.27 13.51 55.04
C ILE B 168 14.96 13.65 56.39
N LYS B 169 14.75 12.68 57.27
CA LYS B 169 15.18 12.81 58.66
C LYS B 169 16.57 12.22 58.86
N SER B 170 16.86 11.20 58.08
CA SER B 170 18.14 10.53 58.13
C SER B 170 19.09 11.27 57.19
N THR B 171 20.36 10.91 57.23
CA THR B 171 21.33 11.54 56.34
C THR B 171 21.01 11.32 54.86
N THR B 172 20.49 10.13 54.55
CA THR B 172 19.92 9.83 53.24
C THR B 172 18.68 8.95 53.34
N LEU B 173 17.85 9.06 52.32
CA LEU B 173 16.76 8.13 52.14
C LEU B 173 17.10 7.28 50.93
N ARG B 174 17.24 5.99 51.14
CA ARG B 174 17.63 5.07 50.06
C ARG B 174 16.45 4.18 49.71
N VAL B 175 16.09 4.17 48.43
CA VAL B 175 14.90 3.46 48.00
C VAL B 175 15.22 2.44 46.93
N ASP B 176 14.62 1.27 47.09
CA ASP B 176 14.69 0.22 46.09
C ASP B 176 13.43 0.33 45.23
N GLN B 177 13.57 0.87 44.01
CA GLN B 177 12.43 1.07 43.11
C GLN B 177 12.38 0.03 42.02
N SER B 178 12.90 -1.15 42.31
CA SER B 178 13.01 -2.19 41.30
C SER B 178 11.68 -2.64 40.69
N ILE B 179 10.56 -2.40 41.37
CA ILE B 179 9.30 -2.79 40.75
C ILE B 179 8.91 -1.81 39.63
N LEU B 180 9.53 -0.64 39.61
CA LEU B 180 9.29 0.34 38.54
C LEU B 180 10.45 0.45 37.55
N THR B 181 11.65 0.05 37.98
CA THR B 181 12.82 0.22 37.14
C THR B 181 13.54 -1.06 36.78
N GLY B 182 13.28 -2.12 37.54
CA GLY B 182 14.01 -3.38 37.38
C GLY B 182 15.34 -3.39 38.14
N GLU B 183 15.77 -2.22 38.62
CA GLU B 183 17.10 -2.08 39.25
C GLU B 183 16.99 -2.04 40.76
N SER B 184 17.79 -2.83 41.45
CA SER B 184 17.77 -2.82 42.91
C SER B 184 18.67 -1.77 43.54
N VAL B 185 19.53 -1.16 42.72
CA VAL B 185 20.40 -0.11 43.23
C VAL B 185 19.57 0.92 44.00
N SER B 186 20.08 1.34 45.15
CA SER B 186 19.35 2.31 45.95
C SER B 186 19.34 3.65 45.24
N VAL B 187 18.16 4.21 45.12
CA VAL B 187 18.00 5.57 44.63
C VAL B 187 18.12 6.46 45.86
N ILE B 188 18.95 7.49 45.77
CA ILE B 188 19.10 8.47 46.83
C ILE B 188 18.12 9.63 46.65
N LYS B 189 17.02 9.60 47.41
CA LYS B 189 15.98 10.62 47.21
C LYS B 189 16.38 12.00 47.75
N HIS B 190 15.70 13.04 47.29
CA HIS B 190 15.84 14.39 47.85
C HIS B 190 14.45 15.02 47.93
N THR B 191 14.35 16.31 48.25
CA THR B 191 13.03 16.91 48.40
C THR B 191 12.78 18.10 47.49
N GLU B 192 13.78 18.45 46.69
CA GLU B 192 13.70 19.58 45.75
C GLU B 192 12.82 19.29 44.52
N PRO B 193 12.20 20.33 43.94
CA PRO B 193 11.32 20.10 42.78
C PRO B 193 12.07 19.55 41.59
N VAL B 194 11.38 18.69 40.85
CA VAL B 194 11.82 18.20 39.55
C VAL B 194 10.92 18.84 38.48
N PRO B 195 11.35 19.96 37.90
CA PRO B 195 10.47 20.79 37.07
C PRO B 195 9.87 20.11 35.85
N ASP B 196 10.60 19.18 35.22
CA ASP B 196 10.11 18.58 33.99
C ASP B 196 8.80 17.85 34.26
N PRO B 197 7.71 18.33 33.64
CA PRO B 197 6.36 17.77 33.76
C PRO B 197 6.32 16.34 33.24
N ARG B 198 7.16 16.04 32.26
CA ARG B 198 7.19 14.68 31.70
C ARG B 198 8.26 13.77 32.31
N ALA B 199 8.84 14.21 33.41
CA ALA B 199 9.82 13.39 34.12
C ALA B 199 9.35 11.95 34.29
N VAL B 200 10.30 11.06 34.11
CA VAL B 200 10.07 9.64 34.18
C VAL B 200 10.31 9.27 35.66
N ASN B 201 9.88 8.09 36.10
CA ASN B 201 10.06 7.72 37.52
C ASN B 201 11.50 7.88 37.98
N GLN B 202 12.45 7.39 37.17
CA GLN B 202 13.87 7.45 37.50
C GLN B 202 14.33 8.89 37.76
N ASP B 203 13.67 9.87 37.15
CA ASP B 203 14.00 11.28 37.39
C ASP B 203 13.31 11.85 38.60
N LYS B 204 12.24 11.19 39.06
CA LYS B 204 11.40 11.78 40.12
C LYS B 204 11.97 11.46 41.48
N LYS B 205 13.10 12.11 41.77
CA LYS B 205 13.91 11.77 42.92
C LYS B 205 13.39 12.36 44.24
N ASN B 206 12.26 13.06 44.15
CA ASN B 206 11.61 13.61 45.33
C ASN B 206 10.28 12.93 45.58
N MET B 207 10.07 11.77 44.95
CA MET B 207 8.83 11.04 45.08
C MET B 207 9.11 9.66 45.65
N LEU B 208 8.16 9.12 46.41
CA LEU B 208 8.21 7.73 46.82
C LEU B 208 7.02 7.08 46.17
N PHE B 209 7.26 5.95 45.55
CA PHE B 209 6.21 5.27 44.82
C PHE B 209 5.71 4.04 45.52
N SER B 210 4.39 3.91 45.53
CA SER B 210 3.73 2.81 46.20
C SER B 210 4.25 1.49 45.70
N GLY B 211 4.60 0.61 46.62
CA GLY B 211 4.99 -0.72 46.26
C GLY B 211 6.50 -0.87 46.27
N THR B 212 7.23 0.24 46.20
CA THR B 212 8.68 0.17 46.30
C THR B 212 9.00 0.03 47.77
N ASN B 213 10.27 -0.06 48.12
CA ASN B 213 10.54 -0.20 49.53
C ASN B 213 11.78 0.55 49.99
N ILE B 214 11.83 0.87 51.27
CA ILE B 214 12.85 1.75 51.83
C ILE B 214 14.07 0.95 52.27
N ALA B 215 15.20 1.15 51.60
CA ALA B 215 16.38 0.36 51.89
C ALA B 215 17.13 0.93 53.07
N ALA B 216 16.99 2.23 53.28
CA ALA B 216 17.60 2.85 54.46
C ALA B 216 17.03 4.24 54.68
N GLY B 217 17.00 4.65 55.94
CA GLY B 217 16.61 6.00 56.26
C GLY B 217 15.18 6.17 56.73
N LYS B 218 14.79 7.43 56.88
CA LYS B 218 13.47 7.75 57.38
C LYS B 218 13.07 9.08 56.78
N ALA B 219 11.80 9.21 56.42
CA ALA B 219 11.31 10.44 55.83
C ALA B 219 9.86 10.66 56.11
N LEU B 220 9.44 11.90 55.90
CA LEU B 220 8.06 12.27 55.97
C LEU B 220 7.66 12.80 54.60
N GLY B 221 6.43 12.52 54.20
CA GLY B 221 5.95 13.03 52.94
C GLY B 221 4.47 13.24 52.93
N ILE B 222 3.97 13.80 51.85
CA ILE B 222 2.55 14.00 51.68
C ILE B 222 2.08 13.12 50.55
N VAL B 223 0.96 12.44 50.77
CA VAL B 223 0.46 11.53 49.77
C VAL B 223 -0.05 12.35 48.60
N ALA B 224 0.40 12.02 47.40
CA ALA B 224 -0.02 12.73 46.21
C ALA B 224 -1.15 12.01 45.47
N THR B 225 -1.00 10.70 45.29
CA THR B 225 -2.06 9.90 44.69
C THR B 225 -2.15 8.52 45.39
N THR B 226 -3.30 7.86 45.22
CA THR B 226 -3.56 6.57 45.83
C THR B 226 -4.30 5.70 44.80
N GLY B 227 -4.53 4.45 45.16
CA GLY B 227 -5.25 3.54 44.27
C GLY B 227 -4.65 3.41 42.89
N VAL B 228 -5.51 3.22 41.90
CA VAL B 228 -5.09 3.02 40.52
C VAL B 228 -4.35 4.22 39.91
N SER B 229 -4.41 5.37 40.57
CA SER B 229 -3.74 6.56 40.05
C SER B 229 -2.27 6.61 40.47
N THR B 230 -1.72 5.47 40.85
CA THR B 230 -0.30 5.43 41.22
C THR B 230 0.46 4.69 40.16
N GLU B 231 1.77 4.69 40.27
CA GLU B 231 2.62 4.03 39.32
C GLU B 231 2.36 2.53 39.33
N ILE B 232 2.19 1.95 40.52
CA ILE B 232 1.87 0.52 40.59
C ILE B 232 0.44 0.25 40.10
N GLY B 233 -0.44 1.23 40.26
CA GLY B 233 -1.79 1.14 39.69
C GLY B 233 -1.79 1.13 38.16
N LYS B 234 -0.89 1.89 37.54
CA LYS B 234 -0.75 1.86 36.09
C LYS B 234 -0.37 0.47 35.63
N ILE B 235 0.51 -0.20 36.39
CA ILE B 235 0.90 -1.56 36.06
C ILE B 235 -0.31 -2.48 36.17
N ARG B 236 -1.04 -2.37 37.29
CA ARG B 236 -2.21 -3.20 37.48
C ARG B 236 -3.19 -2.99 36.35
N ASP B 237 -3.37 -1.73 35.94
CA ASP B 237 -4.36 -1.43 34.92
C ASP B 237 -4.01 -2.10 33.59
N GLN B 238 -2.73 -2.08 33.25
CA GLN B 238 -2.29 -2.67 31.98
C GLN B 238 -2.46 -4.19 31.99
N MET B 239 -2.20 -4.81 33.13
CA MET B 239 -2.34 -6.24 33.25
C MET B 239 -3.80 -6.67 33.29
N ALA B 240 -4.69 -5.73 33.56
CA ALA B 240 -6.12 -6.05 33.63
C ALA B 240 -6.76 -5.98 32.25
N ALA B 241 -6.09 -5.29 31.33
CA ALA B 241 -6.55 -5.21 29.96
C ALA B 241 -6.43 -6.59 29.29
N THR B 242 -7.35 -7.48 29.63
CA THR B 242 -7.35 -8.86 29.13
C THR B 242 -8.18 -8.93 27.85
N GLU B 243 -8.15 -7.83 27.10
CA GLU B 243 -8.91 -7.67 25.86
C GLU B 243 -8.65 -8.78 24.84
N GLN B 244 -9.24 -9.94 25.08
CA GLN B 244 -9.10 -11.09 24.20
C GLN B 244 -7.63 -11.42 23.99
N ASP B 245 -7.10 -10.97 22.85
CA ASP B 245 -5.69 -11.10 22.47
C ASP B 245 -5.07 -12.45 22.86
N LYS B 246 -5.61 -13.52 22.30
CA LYS B 246 -5.08 -14.86 22.57
C LYS B 246 -4.19 -15.32 21.41
N THR B 247 -3.40 -16.36 21.67
CA THR B 247 -2.33 -16.82 20.80
C THR B 247 -2.66 -16.81 19.30
N PRO B 248 -1.64 -16.60 18.44
CA PRO B 248 -1.84 -16.69 16.99
C PRO B 248 -2.24 -18.11 16.55
N LEU B 249 -2.19 -19.07 17.48
CA LEU B 249 -2.74 -20.40 17.23
C LEU B 249 -4.26 -20.31 17.26
N GLN B 250 -4.80 -20.07 18.45
CA GLN B 250 -6.24 -19.91 18.64
C GLN B 250 -6.84 -18.86 17.70
N GLN B 251 -6.00 -17.96 17.21
CA GLN B 251 -6.41 -16.98 16.21
C GLN B 251 -6.53 -17.62 14.84
N LYS B 252 -5.52 -18.39 14.44
CA LYS B 252 -5.55 -19.04 13.13
C LYS B 252 -6.59 -20.18 13.08
N LEU B 253 -6.99 -20.67 14.26
CA LEU B 253 -8.05 -21.67 14.35
C LEU B 253 -9.41 -21.01 14.15
N ASP B 254 -9.71 -20.02 15.00
CA ASP B 254 -10.96 -19.28 14.91
C ASP B 254 -11.13 -18.60 13.56
N GLU B 255 -10.03 -18.40 12.84
CA GLU B 255 -10.09 -17.91 11.47
C GLU B 255 -10.73 -18.98 10.60
N PHE B 256 -10.30 -20.21 10.80
CA PHE B 256 -10.86 -21.33 10.06
C PHE B 256 -12.21 -21.76 10.64
N GLY B 257 -12.36 -21.59 11.96
CA GLY B 257 -13.61 -21.90 12.64
C GLY B 257 -14.78 -21.05 12.21
N GLU B 258 -14.51 -20.00 11.44
CA GLU B 258 -15.57 -19.18 10.88
C GLU B 258 -15.66 -19.42 9.38
N GLN B 259 -14.50 -19.64 8.75
CA GLN B 259 -14.43 -19.94 7.33
C GLN B 259 -15.30 -21.15 7.01
N LEU B 260 -14.98 -22.26 7.68
CA LEU B 260 -15.65 -23.53 7.44
C LEU B 260 -17.15 -23.46 7.74
N SER B 261 -17.50 -22.82 8.85
CA SER B 261 -18.89 -22.76 9.30
C SER B 261 -19.80 -22.00 8.34
N LYS B 262 -19.20 -21.17 7.50
CA LYS B 262 -19.96 -20.50 6.45
C LYS B 262 -19.73 -21.14 5.09
N VAL B 263 -18.83 -22.12 5.03
CA VAL B 263 -18.68 -22.94 3.83
C VAL B 263 -19.68 -24.10 3.90
N ILE B 264 -19.90 -24.60 5.11
CA ILE B 264 -20.90 -25.64 5.35
C ILE B 264 -22.27 -25.16 4.93
N SER B 265 -22.66 -23.99 5.43
CA SER B 265 -23.98 -23.43 5.14
C SER B 265 -24.17 -23.20 3.64
N LEU B 266 -23.13 -22.71 2.97
CA LEU B 266 -23.20 -22.46 1.53
C LEU B 266 -23.11 -23.75 0.71
N ILE B 267 -22.94 -24.87 1.40
CA ILE B 267 -23.07 -26.19 0.78
C ILE B 267 -24.47 -26.72 1.09
N CYS B 268 -24.92 -26.43 2.30
CA CYS B 268 -26.28 -26.79 2.72
C CYS B 268 -27.31 -26.05 1.89
N VAL B 269 -26.92 -24.91 1.33
CA VAL B 269 -27.82 -24.16 0.45
C VAL B 269 -27.76 -24.69 -0.98
N ALA B 270 -26.59 -25.19 -1.38
CA ALA B 270 -26.41 -25.75 -2.73
C ALA B 270 -26.97 -27.17 -2.79
N VAL B 271 -27.10 -27.79 -1.61
CA VAL B 271 -27.76 -29.08 -1.50
C VAL B 271 -29.26 -28.88 -1.66
N TRP B 272 -29.76 -27.81 -1.05
CA TRP B 272 -31.19 -27.50 -1.10
C TRP B 272 -31.66 -27.12 -2.50
N LEU B 273 -30.73 -26.63 -3.32
CA LEU B 273 -31.08 -26.24 -4.70
C LEU B 273 -31.38 -27.44 -5.59
N ILE B 274 -30.61 -28.52 -5.43
CA ILE B 274 -30.85 -29.74 -6.18
C ILE B 274 -31.90 -30.60 -5.49
N ASN B 275 -32.05 -30.39 -4.17
CA ASN B 275 -33.06 -31.09 -3.39
C ASN B 275 -34.47 -30.60 -3.72
N ILE B 276 -34.54 -29.36 -4.19
CA ILE B 276 -35.81 -28.79 -4.65
C ILE B 276 -35.95 -29.02 -6.15
N GLY B 277 -34.88 -29.52 -6.76
CA GLY B 277 -34.87 -29.83 -8.18
C GLY B 277 -35.88 -30.91 -8.53
N HIS B 278 -35.92 -31.96 -7.70
CA HIS B 278 -36.95 -32.99 -7.87
C HIS B 278 -38.02 -32.95 -6.78
N PHE B 279 -38.50 -31.75 -6.48
CA PHE B 279 -39.69 -31.56 -5.67
C PHE B 279 -40.89 -31.47 -6.62
N ASN B 280 -40.59 -31.29 -7.91
CA ASN B 280 -41.60 -31.28 -8.94
C ASN B 280 -42.11 -32.68 -9.30
N ASP B 281 -41.54 -33.69 -8.66
CA ASP B 281 -41.98 -35.08 -8.86
C ASP B 281 -41.83 -35.96 -7.61
N PRO B 282 -42.51 -35.61 -6.50
CA PRO B 282 -42.39 -36.47 -5.31
C PRO B 282 -43.34 -37.65 -5.39
N VAL B 283 -44.13 -37.71 -6.47
CA VAL B 283 -45.21 -38.68 -6.66
C VAL B 283 -46.40 -38.40 -5.70
N HIS B 284 -46.16 -37.55 -4.71
CA HIS B 284 -47.14 -37.19 -3.69
C HIS B 284 -47.90 -38.38 -3.10
N GLY B 285 -47.18 -39.50 -2.98
CA GLY B 285 -47.69 -40.69 -2.33
C GLY B 285 -46.68 -41.11 -1.27
N GLY B 286 -45.73 -40.22 -1.01
CA GLY B 286 -44.71 -40.45 0.00
C GLY B 286 -44.84 -39.48 1.16
N SER B 287 -45.87 -38.64 1.10
CA SER B 287 -46.17 -37.65 2.14
C SER B 287 -45.06 -36.59 2.32
N TRP B 288 -45.33 -35.62 3.18
CA TRP B 288 -44.39 -34.52 3.41
C TRP B 288 -43.40 -34.84 4.53
N ILE B 289 -43.04 -36.12 4.64
CA ILE B 289 -42.10 -36.55 5.66
C ILE B 289 -40.97 -37.44 5.09
N ARG B 290 -41.29 -38.22 4.05
CA ARG B 290 -40.31 -39.11 3.42
C ARG B 290 -39.15 -38.36 2.76
N GLY B 291 -39.31 -37.05 2.60
CA GLY B 291 -38.30 -36.23 1.97
C GLY B 291 -37.58 -35.32 2.94
N ALA B 292 -38.36 -34.61 3.76
CA ALA B 292 -37.81 -33.64 4.70
C ALA B 292 -36.91 -34.28 5.76
N ILE B 293 -37.03 -35.60 5.90
CA ILE B 293 -36.23 -36.36 6.84
C ILE B 293 -35.06 -37.02 6.10
N TYR B 294 -35.19 -37.12 4.78
CA TYR B 294 -34.05 -37.47 3.94
C TYR B 294 -33.11 -36.28 3.87
N TYR B 295 -33.67 -35.08 4.07
CA TYR B 295 -32.91 -33.85 4.03
C TYR B 295 -31.97 -33.73 5.23
N PHE B 296 -32.53 -33.82 6.43
CA PHE B 296 -31.75 -33.66 7.65
C PHE B 296 -30.77 -34.79 7.86
N LYS B 297 -31.16 -35.98 7.44
CA LYS B 297 -30.29 -37.15 7.40
C LYS B 297 -29.01 -36.82 6.61
N ILE B 298 -29.15 -35.90 5.65
CA ILE B 298 -28.03 -35.43 4.84
C ILE B 298 -27.35 -34.23 5.51
N ALA B 299 -28.14 -33.35 6.09
CA ALA B 299 -27.61 -32.13 6.72
C ALA B 299 -26.71 -32.43 7.91
N VAL B 300 -27.05 -33.48 8.67
CA VAL B 300 -26.23 -33.92 9.78
C VAL B 300 -24.95 -34.58 9.27
N ALA B 301 -25.08 -35.36 8.20
CA ALA B 301 -23.94 -36.02 7.56
C ALA B 301 -23.00 -34.98 6.96
N LEU B 302 -23.58 -33.87 6.51
CA LEU B 302 -22.80 -32.80 5.92
C LEU B 302 -21.94 -32.11 6.97
N ALA B 303 -22.56 -31.71 8.08
CA ALA B 303 -21.86 -31.07 9.18
C ALA B 303 -20.74 -31.96 9.68
N VAL B 304 -21.07 -33.23 9.92
CA VAL B 304 -20.11 -34.21 10.41
C VAL B 304 -18.96 -34.44 9.42
N ALA B 305 -19.27 -34.52 8.13
CA ALA B 305 -18.23 -34.70 7.11
C ALA B 305 -17.31 -33.49 6.95
N ALA B 306 -17.87 -32.29 7.10
CA ALA B 306 -17.11 -31.06 6.87
C ALA B 306 -16.18 -30.73 8.03
N ILE B 307 -16.70 -30.84 9.24
CA ILE B 307 -15.94 -30.47 10.42
C ILE B 307 -14.91 -31.52 10.77
N PRO B 308 -13.64 -31.11 10.88
CA PRO B 308 -12.60 -32.04 11.31
C PRO B 308 -12.72 -32.22 12.81
N GLU B 309 -13.70 -32.99 13.27
CA GLU B 309 -13.79 -33.28 14.69
C GLU B 309 -12.50 -34.01 15.08
N GLY B 310 -12.11 -33.90 16.35
CA GLY B 310 -10.87 -34.52 16.77
C GLY B 310 -9.61 -33.78 16.32
N LEU B 311 -9.76 -32.77 15.49
CA LEU B 311 -8.67 -31.85 15.22
C LEU B 311 -8.15 -31.23 16.53
N PRO B 312 -9.06 -30.81 17.44
CA PRO B 312 -8.54 -30.36 18.73
C PRO B 312 -7.72 -31.42 19.44
N ALA B 313 -8.13 -32.67 19.36
CA ALA B 313 -7.40 -33.76 20.00
C ALA B 313 -5.97 -33.84 19.47
N VAL B 314 -5.82 -33.85 18.15
CA VAL B 314 -4.50 -33.99 17.55
C VAL B 314 -3.64 -32.73 17.75
N ILE B 315 -4.27 -31.56 17.77
CA ILE B 315 -3.56 -30.31 18.03
C ILE B 315 -3.07 -30.22 19.49
N THR B 316 -3.93 -30.60 20.43
CA THR B 316 -3.57 -30.60 21.84
C THR B 316 -2.44 -31.58 22.07
N THR B 317 -2.60 -32.79 21.53
CA THR B 317 -1.59 -33.81 21.66
C THR B 317 -0.24 -33.31 21.13
N CYS B 318 -0.28 -32.62 20.00
CA CYS B 318 0.92 -32.05 19.42
C CYS B 318 1.57 -31.02 20.35
N LEU B 319 0.77 -30.10 20.88
CA LEU B 319 1.28 -29.08 21.78
C LEU B 319 1.83 -29.71 23.04
N ALA B 320 1.08 -30.64 23.62
CA ALA B 320 1.49 -31.30 24.85
C ALA B 320 2.86 -31.99 24.74
N LEU B 321 3.16 -32.55 23.58
CA LEU B 321 4.45 -33.16 23.38
C LEU B 321 5.53 -32.09 23.33
N GLY B 322 5.27 -31.01 22.59
CA GLY B 322 6.21 -29.90 22.54
C GLY B 322 6.51 -29.36 23.93
N THR B 323 5.47 -29.30 24.75
CA THR B 323 5.56 -28.83 26.13
C THR B 323 6.39 -29.76 27.01
N ARG B 324 6.20 -31.07 26.84
CA ARG B 324 6.99 -32.05 27.57
C ARG B 324 8.44 -31.91 27.12
N ARG B 325 8.60 -31.72 25.82
CA ARG B 325 9.91 -31.54 25.24
C ARG B 325 10.65 -30.31 25.79
N MET B 326 9.93 -29.19 25.96
CA MET B 326 10.56 -27.99 26.51
C MET B 326 10.86 -28.12 28.00
N ALA B 327 10.05 -28.91 28.70
CA ALA B 327 10.27 -29.20 30.11
C ALA B 327 11.64 -29.85 30.33
N LYS B 328 12.06 -30.69 29.36
CA LYS B 328 13.36 -31.35 29.44
C LYS B 328 14.50 -30.34 29.34
N LYS B 329 14.20 -29.20 28.72
CA LYS B 329 15.17 -28.09 28.65
C LYS B 329 14.90 -27.06 29.72
N ASN B 330 14.12 -27.43 30.73
CA ASN B 330 13.80 -26.55 31.87
C ASN B 330 12.97 -25.32 31.53
N ALA B 331 12.29 -25.36 30.39
CA ALA B 331 11.30 -24.33 30.09
C ALA B 331 9.92 -24.82 30.49
N ILE B 332 9.28 -24.13 31.43
CA ILE B 332 7.96 -24.53 31.87
C ILE B 332 6.92 -23.74 31.09
N VAL B 333 6.20 -24.40 30.20
CA VAL B 333 5.19 -23.72 29.40
C VAL B 333 3.84 -23.76 30.10
N ARG B 334 3.27 -22.60 30.34
CA ARG B 334 2.05 -22.49 31.14
C ARG B 334 0.80 -22.50 30.26
N SER B 335 0.93 -22.00 29.04
CA SER B 335 -0.16 -22.10 28.06
C SER B 335 0.26 -22.97 26.88
N LEU B 336 -0.41 -24.10 26.69
CA LEU B 336 -0.07 -25.04 25.61
C LEU B 336 0.19 -24.43 24.21
N PRO B 337 -0.72 -23.56 23.72
CA PRO B 337 -0.47 -22.94 22.41
C PRO B 337 0.86 -22.20 22.30
N SER B 338 1.34 -21.70 23.42
CA SER B 338 2.51 -20.83 23.42
C SER B 338 3.79 -21.57 23.05
N VAL B 339 3.77 -22.89 23.15
CA VAL B 339 4.96 -23.66 22.84
C VAL B 339 5.29 -23.49 21.37
N GLU B 340 4.27 -23.10 20.61
CA GLU B 340 4.40 -22.87 19.18
C GLU B 340 4.58 -21.40 18.78
N THR B 341 3.99 -20.48 19.54
CA THR B 341 3.94 -19.08 19.09
C THR B 341 5.32 -18.48 18.93
N LEU B 342 6.27 -18.93 19.74
CA LEU B 342 7.67 -18.53 19.54
C LEU B 342 8.20 -18.95 18.16
N GLY B 343 7.57 -19.97 17.56
CA GLY B 343 7.96 -20.42 16.24
C GLY B 343 7.94 -19.29 15.24
N CYS B 344 6.88 -18.49 15.27
CA CYS B 344 6.66 -17.46 14.27
C CYS B 344 6.93 -16.06 14.82
N THR B 345 7.77 -15.98 15.84
CA THR B 345 8.12 -14.69 16.40
C THR B 345 9.17 -14.01 15.54
N SER B 346 9.01 -12.71 15.32
CA SER B 346 9.98 -12.00 14.50
C SER B 346 10.75 -11.00 15.34
N VAL B 347 10.21 -10.65 16.50
CA VAL B 347 10.90 -9.74 17.41
C VAL B 347 10.84 -10.24 18.82
N ILE B 348 12.00 -10.36 19.45
CA ILE B 348 12.11 -10.63 20.87
C ILE B 348 12.53 -9.36 21.63
N CYS B 349 11.58 -8.79 22.36
CA CYS B 349 11.90 -7.70 23.27
C CYS B 349 12.48 -8.29 24.54
N SER B 350 13.50 -7.64 25.09
CA SER B 350 14.07 -8.17 26.32
C SER B 350 14.49 -7.13 27.35
N ASP B 351 14.12 -7.40 28.58
CA ASP B 351 14.61 -6.66 29.72
C ASP B 351 16.11 -6.93 29.76
N LYS B 352 16.86 -6.00 30.31
CA LYS B 352 18.28 -6.25 30.53
C LYS B 352 18.48 -6.91 31.89
N THR B 353 18.37 -6.11 32.95
CA THR B 353 18.78 -6.52 34.32
C THR B 353 18.05 -7.73 34.90
N GLY B 354 18.81 -8.78 35.18
CA GLY B 354 18.21 -10.03 35.66
C GLY B 354 17.80 -10.98 34.56
N THR B 355 17.62 -10.45 33.35
CA THR B 355 17.19 -11.26 32.20
C THR B 355 18.36 -11.51 31.24
N LEU B 356 18.77 -10.47 30.53
CA LEU B 356 19.99 -10.51 29.74
C LEU B 356 21.25 -10.59 30.64
N THR B 357 21.20 -9.93 31.81
CA THR B 357 22.30 -9.98 32.78
C THR B 357 21.97 -10.81 34.04
N THR B 358 22.99 -11.06 34.87
CA THR B 358 22.84 -11.88 36.06
C THR B 358 22.21 -11.11 37.24
N ASN B 359 22.23 -9.79 37.15
CA ASN B 359 21.72 -8.96 38.23
C ASN B 359 22.51 -9.17 39.50
N GLN B 360 23.78 -9.46 39.34
CA GLN B 360 24.68 -9.58 40.47
C GLN B 360 25.85 -8.69 40.15
N MET B 361 25.96 -7.59 40.88
CA MET B 361 26.97 -6.58 40.57
C MET B 361 28.35 -7.21 40.81
N SER B 362 29.25 -7.07 39.84
CA SER B 362 30.58 -7.68 39.89
C SER B 362 31.71 -6.69 39.63
N VAL B 363 32.71 -6.70 40.50
CA VAL B 363 33.92 -5.96 40.24
C VAL B 363 34.71 -6.77 39.25
N CYS B 364 34.94 -6.21 38.07
CA CYS B 364 35.64 -6.94 37.04
C CYS B 364 36.97 -6.28 36.66
N LYS B 365 37.18 -5.04 37.10
CA LYS B 365 38.49 -4.39 36.92
C LYS B 365 38.86 -3.60 38.15
N MET B 366 40.16 -3.48 38.41
CA MET B 366 40.61 -2.63 39.50
C MET B 366 42.05 -2.20 39.21
N PHE B 367 42.50 -1.12 39.86
CA PHE B 367 43.91 -0.71 39.72
C PHE B 367 44.49 0.00 40.95
N ILE B 368 45.80 0.07 40.99
CA ILE B 368 46.53 0.75 42.05
C ILE B 368 47.76 1.37 41.37
N ILE B 369 48.42 2.30 42.05
CA ILE B 369 49.62 2.91 41.46
C ILE B 369 50.77 1.91 41.44
N ASP B 370 51.52 1.91 40.34
CA ASP B 370 52.68 1.04 40.20
C ASP B 370 53.92 1.85 40.52
N LYS B 371 54.26 2.81 39.65
CA LYS B 371 55.39 3.69 39.87
C LYS B 371 55.00 5.16 39.70
N VAL B 372 55.70 6.02 40.43
CA VAL B 372 55.60 7.46 40.25
C VAL B 372 57.02 8.00 40.14
N ASP B 373 57.30 8.75 39.07
CA ASP B 373 58.59 9.40 38.90
C ASP B 373 58.40 10.68 38.09
N GLY B 374 58.19 11.80 38.76
CA GLY B 374 57.94 13.06 38.10
C GLY B 374 56.70 13.01 37.24
N ASP B 375 56.85 13.30 35.96
CA ASP B 375 55.71 13.23 35.04
C ASP B 375 55.19 11.80 34.84
N PHE B 376 56.04 10.82 35.10
CA PHE B 376 55.66 9.44 34.83
C PHE B 376 54.86 8.83 35.99
N CYS B 377 53.61 8.46 35.70
CA CYS B 377 52.79 7.68 36.62
C CYS B 377 52.26 6.45 35.91
N SER B 378 52.55 5.27 36.45
CA SER B 378 52.02 4.06 35.85
C SER B 378 51.18 3.30 36.86
N LEU B 379 50.27 2.49 36.35
CA LEU B 379 49.34 1.78 37.19
C LEU B 379 49.62 0.29 37.14
N ASN B 380 49.13 -0.45 38.11
CA ASN B 380 49.05 -1.90 38.04
C ASN B 380 47.56 -2.18 37.89
N GLU B 381 47.14 -2.58 36.70
CA GLU B 381 45.73 -2.88 36.45
C GLU B 381 45.51 -4.37 36.53
N PHE B 382 44.31 -4.75 36.97
CA PHE B 382 43.98 -6.17 37.14
C PHE B 382 42.59 -6.40 36.58
N SER B 383 42.29 -7.64 36.20
CA SER B 383 40.91 -7.94 35.90
C SER B 383 40.51 -9.01 36.87
N ILE B 384 39.21 -9.17 37.07
CA ILE B 384 38.68 -10.17 37.98
C ILE B 384 37.56 -10.89 37.25
N THR B 385 37.60 -12.22 37.22
CA THR B 385 36.56 -12.98 36.57
C THR B 385 35.47 -13.34 37.56
N GLY B 386 34.35 -13.82 37.05
CA GLY B 386 33.19 -14.09 37.86
C GLY B 386 32.09 -13.08 37.61
N SER B 387 30.89 -13.59 37.36
CA SER B 387 29.72 -12.78 37.07
C SER B 387 28.68 -12.88 38.18
N THR B 388 29.03 -13.53 39.28
CA THR B 388 28.05 -13.66 40.38
C THR B 388 28.61 -13.17 41.70
N TYR B 389 27.79 -13.24 42.74
CA TYR B 389 28.20 -12.87 44.09
C TYR B 389 29.03 -13.98 44.75
N ALA B 390 29.10 -15.14 44.11
CA ALA B 390 29.88 -16.26 44.67
C ALA B 390 31.35 -15.87 44.72
N PRO B 391 32.04 -16.20 45.82
CA PRO B 391 33.48 -15.93 45.84
C PRO B 391 34.21 -16.90 44.92
N GLU B 392 33.80 -16.95 43.66
CA GLU B 392 34.42 -17.81 42.67
C GLU B 392 34.90 -16.92 41.53
N GLY B 393 36.13 -17.14 41.09
CA GLY B 393 36.76 -16.27 40.12
C GLY B 393 38.16 -15.96 40.58
N GLU B 394 38.96 -15.39 39.69
CA GLU B 394 40.34 -15.08 40.05
C GLU B 394 40.75 -13.67 39.61
N VAL B 395 41.85 -13.18 40.18
CA VAL B 395 42.40 -11.90 39.79
C VAL B 395 43.46 -12.11 38.71
N LEU B 396 43.32 -11.43 37.58
CA LEU B 396 44.26 -11.59 36.48
C LEU B 396 45.15 -10.37 36.28
N LYS B 397 46.41 -10.62 35.96
CA LYS B 397 47.33 -9.59 35.45
C LYS B 397 47.74 -10.10 34.07
N ASN B 398 47.40 -9.37 33.02
CA ASN B 398 47.68 -9.81 31.65
C ASN B 398 47.04 -11.15 31.34
N ASP B 399 45.76 -11.27 31.67
CA ASP B 399 45.00 -12.49 31.47
C ASP B 399 45.63 -13.72 32.11
N LYS B 400 46.47 -13.49 33.12
CA LYS B 400 47.06 -14.58 33.87
C LYS B 400 46.86 -14.38 35.38
N PRO B 401 46.55 -15.46 36.10
CA PRO B 401 46.18 -15.30 37.51
C PRO B 401 47.39 -14.94 38.36
N ILE B 402 47.19 -13.99 39.28
CA ILE B 402 48.20 -13.62 40.24
C ILE B 402 47.67 -13.82 41.65
N ARG B 403 48.54 -13.69 42.63
CA ARG B 403 48.13 -13.67 44.03
C ARG B 403 48.08 -12.22 44.46
N SER B 404 46.88 -11.75 44.80
CA SER B 404 46.71 -10.35 45.17
C SER B 404 47.67 -9.93 46.28
N GLY B 405 47.91 -10.84 47.23
CA GLY B 405 48.72 -10.53 48.40
C GLY B 405 50.16 -10.14 48.10
N GLN B 406 50.57 -10.35 46.85
CA GLN B 406 51.94 -10.04 46.45
C GLN B 406 52.11 -8.56 46.17
N PHE B 407 50.98 -7.86 46.10
CA PHE B 407 50.97 -6.42 45.85
C PHE B 407 50.45 -5.69 47.07
N ASP B 408 51.33 -4.96 47.75
CA ASP B 408 50.97 -4.23 48.96
C ASP B 408 49.73 -3.32 48.77
N GLY B 409 49.63 -2.66 47.61
CA GLY B 409 48.48 -1.83 47.30
C GLY B 409 47.15 -2.57 47.26
N LEU B 410 47.14 -3.79 46.73
CA LEU B 410 45.94 -4.61 46.71
C LEU B 410 45.55 -5.02 48.12
N VAL B 411 46.55 -5.23 48.97
CA VAL B 411 46.28 -5.50 50.38
C VAL B 411 45.46 -4.36 50.97
N GLU B 412 45.89 -3.12 50.73
CA GLU B 412 45.16 -1.98 51.26
C GLU B 412 43.80 -1.84 50.56
N LEU B 413 43.79 -2.07 49.26
CA LEU B 413 42.55 -1.95 48.49
C LEU B 413 41.51 -2.95 49.00
N ALA B 414 41.93 -4.19 49.21
CA ALA B 414 41.04 -5.21 49.77
C ALA B 414 40.58 -4.78 51.14
N THR B 415 41.49 -4.13 51.88
CA THR B 415 41.20 -3.70 53.24
C THR B 415 40.14 -2.61 53.24
N ILE B 416 40.27 -1.64 52.35
CA ILE B 416 39.26 -0.59 52.26
C ILE B 416 37.91 -1.21 51.89
N CYS B 417 37.93 -2.12 50.92
CA CYS B 417 36.73 -2.81 50.44
C CYS B 417 36.04 -3.64 51.52
N ALA B 418 36.85 -4.26 52.36
CA ALA B 418 36.29 -5.14 53.37
C ALA B 418 35.59 -4.32 54.43
N LEU B 419 36.21 -3.20 54.81
CA LEU B 419 35.83 -2.41 55.98
C LEU B 419 34.89 -1.24 55.70
N CYS B 420 35.11 -0.56 54.58
CA CYS B 420 34.21 0.53 54.21
C CYS B 420 33.05 -0.06 53.43
N ASN B 421 32.10 -0.63 54.17
CA ASN B 421 31.17 -1.57 53.59
C ASN B 421 30.13 -1.90 54.67
N ASP B 422 28.85 -1.93 54.31
CA ASP B 422 27.80 -2.24 55.30
C ASP B 422 27.09 -3.52 54.91
N SER B 423 27.64 -4.23 53.95
CA SER B 423 26.98 -5.39 53.43
C SER B 423 27.82 -6.62 53.69
N SER B 424 27.27 -7.78 53.37
CA SER B 424 28.09 -8.96 53.40
C SER B 424 27.52 -9.94 52.43
N LEU B 425 28.00 -11.17 52.55
CA LEU B 425 27.61 -12.25 51.68
C LEU B 425 27.01 -13.33 52.57
N ASP B 426 26.11 -14.12 52.00
CA ASP B 426 25.52 -15.21 52.75
C ASP B 426 25.21 -16.36 51.80
N PHE B 427 25.51 -17.59 52.23
CA PHE B 427 25.17 -18.73 51.40
C PHE B 427 23.78 -19.23 51.77
N ASN B 428 22.96 -19.45 50.75
CA ASN B 428 21.59 -19.88 50.93
C ASN B 428 21.52 -21.39 50.71
N GLU B 429 21.57 -22.16 51.80
CA GLU B 429 21.66 -23.62 51.68
C GLU B 429 20.46 -24.22 50.95
N THR B 430 19.30 -23.58 51.09
CA THR B 430 18.09 -24.01 50.38
C THR B 430 18.22 -23.92 48.87
N LYS B 431 18.72 -22.79 48.38
CA LYS B 431 18.83 -22.53 46.93
C LYS B 431 20.16 -23.02 46.37
N GLY B 432 21.16 -23.20 47.21
CA GLY B 432 22.48 -23.61 46.76
C GLY B 432 23.27 -22.52 46.05
N VAL B 433 22.94 -21.25 46.33
CA VAL B 433 23.66 -20.14 45.73
C VAL B 433 24.06 -19.11 46.78
N TYR B 434 25.08 -18.32 46.47
CA TYR B 434 25.47 -17.18 47.31
C TYR B 434 24.53 -16.01 47.06
N GLU B 435 24.17 -15.31 48.13
CA GLU B 435 23.27 -14.18 48.01
C GLU B 435 23.86 -12.94 48.63
N LYS B 436 23.40 -11.78 48.17
CA LYS B 436 23.86 -10.53 48.75
C LYS B 436 23.07 -10.25 50.02
N VAL B 437 23.72 -9.61 50.99
CA VAL B 437 23.04 -9.08 52.16
C VAL B 437 23.34 -7.58 52.18
N GLY B 438 22.36 -6.76 51.81
CA GLY B 438 22.56 -5.32 51.68
C GLY B 438 22.66 -4.85 50.22
N GLU B 439 23.41 -3.77 49.97
CA GLU B 439 23.49 -3.16 48.64
C GLU B 439 24.30 -4.03 47.68
N ALA B 440 23.76 -4.21 46.49
CA ALA B 440 24.50 -4.87 45.40
C ALA B 440 25.88 -4.27 45.18
N THR B 441 25.98 -2.95 45.06
CA THR B 441 27.31 -2.34 44.80
C THR B 441 28.29 -2.58 45.95
N GLU B 442 27.79 -2.67 47.17
CA GLU B 442 28.70 -3.00 48.28
C GLU B 442 29.05 -4.47 48.37
N THR B 443 28.11 -5.35 48.04
CA THR B 443 28.41 -6.76 48.10
C THR B 443 29.45 -7.17 47.06
N ALA B 444 29.55 -6.40 45.96
CA ALA B 444 30.55 -6.68 44.93
C ALA B 444 31.94 -6.51 45.52
N LEU B 445 32.07 -5.52 46.40
CA LEU B 445 33.33 -5.32 47.12
C LEU B 445 33.59 -6.49 48.06
N THR B 446 32.56 -6.94 48.77
CA THR B 446 32.71 -8.12 49.62
C THR B 446 33.15 -9.36 48.86
N THR B 447 32.48 -9.63 47.74
CA THR B 447 32.84 -10.75 46.89
C THR B 447 34.25 -10.57 46.32
N LEU B 448 34.58 -9.34 45.94
CA LEU B 448 35.94 -9.06 45.45
C LEU B 448 36.99 -9.45 46.49
N VAL B 449 36.81 -9.02 47.74
CA VAL B 449 37.75 -9.33 48.80
C VAL B 449 37.91 -10.85 48.95
N GLU B 450 36.82 -11.58 48.76
CA GLU B 450 36.88 -13.04 48.87
C GLU B 450 37.67 -13.68 47.73
N LYS B 451 37.52 -13.15 46.52
CA LYS B 451 38.36 -13.60 45.40
C LYS B 451 39.81 -13.20 45.63
N MET B 452 40.03 -11.98 46.09
CA MET B 452 41.40 -11.49 46.24
C MET B 452 42.20 -12.26 47.27
N ASN B 453 41.60 -12.54 48.43
CA ASN B 453 42.25 -13.37 49.45
C ASN B 453 43.68 -12.92 49.70
N VAL B 454 43.82 -11.68 50.15
CA VAL B 454 45.11 -10.98 50.18
C VAL B 454 46.08 -11.51 51.22
N PHE B 455 45.56 -12.17 52.25
CA PHE B 455 46.45 -12.78 53.25
C PHE B 455 46.61 -14.29 53.07
N ASN B 456 46.37 -14.77 51.85
CA ASN B 456 46.43 -16.19 51.51
C ASN B 456 45.80 -17.09 52.57
N THR B 457 44.51 -16.90 52.81
CA THR B 457 43.80 -17.67 53.81
C THR B 457 43.36 -19.00 53.23
N GLU B 458 43.47 -20.06 54.02
CA GLU B 458 43.03 -21.37 53.57
C GLU B 458 41.51 -21.39 53.51
N VAL B 459 40.98 -21.57 52.30
CA VAL B 459 39.53 -21.53 52.10
C VAL B 459 39.01 -22.79 51.42
N ARG B 460 39.93 -23.63 50.94
CA ARG B 460 39.55 -24.86 50.26
C ARG B 460 38.74 -25.78 51.17
N ASN B 461 39.14 -25.85 52.45
CA ASN B 461 38.49 -26.71 53.43
C ASN B 461 37.08 -26.27 53.79
N LEU B 462 36.86 -24.97 53.78
CA LEU B 462 35.67 -24.35 54.36
C LEU B 462 34.33 -24.83 53.79
N SER B 463 33.29 -24.72 54.60
CA SER B 463 31.93 -24.94 54.14
C SER B 463 31.56 -23.71 53.34
N LYS B 464 30.51 -23.83 52.54
CA LYS B 464 30.15 -22.71 51.67
C LYS B 464 29.56 -21.55 52.45
N VAL B 465 29.07 -21.80 53.65
CA VAL B 465 28.51 -20.73 54.46
C VAL B 465 29.64 -20.00 55.17
N GLU B 466 30.73 -20.71 55.40
CA GLU B 466 31.91 -20.13 56.04
C GLU B 466 32.76 -19.44 54.98
N ARG B 467 32.78 -20.03 53.78
CA ARG B 467 33.50 -19.48 52.64
C ARG B 467 33.00 -18.10 52.27
N ALA B 468 31.69 -17.88 52.44
CA ALA B 468 31.05 -16.62 52.10
C ALA B 468 31.79 -15.36 52.56
N ASN B 469 32.26 -15.35 53.81
CA ASN B 469 32.85 -14.14 54.38
C ASN B 469 34.20 -14.38 55.03
N ALA B 470 34.87 -15.44 54.57
CA ALA B 470 36.09 -15.90 55.19
C ALA B 470 37.16 -14.83 55.15
N CYS B 471 37.41 -14.28 53.96
CA CYS B 471 38.51 -13.35 53.77
C CYS B 471 38.24 -11.95 54.31
N ASN B 472 36.98 -11.51 54.24
CA ASN B 472 36.61 -10.29 54.94
C ASN B 472 36.80 -10.47 56.47
N SER B 473 36.51 -11.65 56.98
CA SER B 473 36.65 -11.86 58.42
C SER B 473 38.09 -11.79 58.86
N VAL B 474 39.00 -12.21 58.00
CA VAL B 474 40.41 -12.10 58.33
C VAL B 474 40.83 -10.65 58.56
N ILE B 475 40.53 -9.80 57.59
CA ILE B 475 40.78 -8.37 57.73
C ILE B 475 40.14 -7.74 58.98
N ARG B 476 38.88 -8.10 59.29
CA ARG B 476 38.23 -7.56 60.47
C ARG B 476 38.94 -7.99 61.74
N GLN B 477 39.66 -9.10 61.66
CA GLN B 477 40.41 -9.59 62.79
C GLN B 477 41.71 -8.80 62.96
N LEU B 478 42.12 -8.12 61.90
CA LEU B 478 43.30 -7.25 61.92
C LEU B 478 42.98 -5.79 62.24
N MET B 479 41.85 -5.28 61.75
CA MET B 479 41.48 -3.87 61.96
C MET B 479 40.03 -3.75 62.41
N LYS B 480 39.82 -3.18 63.60
CA LYS B 480 38.47 -2.93 64.04
C LYS B 480 37.91 -1.64 63.43
N LYS B 481 36.73 -1.74 62.82
CA LYS B 481 35.97 -0.58 62.40
C LYS B 481 35.27 0.02 63.63
N GLU B 482 35.58 1.25 63.98
CA GLU B 482 35.01 1.81 65.20
C GLU B 482 33.70 2.53 64.96
N PHE B 483 33.60 3.24 63.84
CA PHE B 483 32.36 3.89 63.47
C PHE B 483 32.39 4.29 62.00
N THR B 484 31.24 4.65 61.46
CA THR B 484 31.12 5.00 60.07
C THR B 484 30.70 6.45 59.87
N LEU B 485 31.37 7.16 58.97
CA LEU B 485 30.85 8.42 58.43
C LEU B 485 30.02 8.06 57.18
N GLU B 486 28.72 7.87 57.38
CA GLU B 486 27.84 7.45 56.32
C GLU B 486 27.85 8.39 55.13
N PHE B 487 27.48 7.84 53.99
CA PHE B 487 27.35 8.53 52.73
C PHE B 487 26.44 9.74 52.85
N SER B 488 26.85 10.84 52.24
CA SER B 488 25.98 11.99 52.06
C SER B 488 26.05 12.53 50.63
N ARG B 489 24.93 13.02 50.13
CA ARG B 489 24.82 13.64 48.83
C ARG B 489 25.89 14.70 48.53
N ASP B 490 26.17 15.59 49.46
CA ASP B 490 27.13 16.65 49.22
C ASP B 490 28.54 16.17 48.86
N ARG B 491 28.92 14.98 49.29
CA ARG B 491 30.30 14.57 49.07
C ARG B 491 30.42 13.29 48.25
N LYS B 492 29.33 12.54 48.17
CA LYS B 492 29.30 11.32 47.37
C LYS B 492 30.45 10.41 47.75
N SER B 493 30.54 10.12 49.04
CA SER B 493 31.54 9.20 49.55
C SER B 493 31.19 8.83 50.99
N MET B 494 31.78 7.75 51.47
CA MET B 494 31.62 7.36 52.85
C MET B 494 32.96 6.90 53.36
N SER B 495 33.10 6.79 54.67
CA SER B 495 34.36 6.32 55.23
C SER B 495 34.14 5.64 56.52
N VAL B 496 35.17 4.95 56.98
CA VAL B 496 35.10 4.26 58.24
C VAL B 496 36.32 4.57 59.06
N TYR B 497 36.14 4.79 60.36
CA TYR B 497 37.28 5.03 61.21
C TYR B 497 37.69 3.69 61.83
N CYS B 498 38.98 3.37 61.70
CA CYS B 498 39.45 2.05 62.11
C CYS B 498 40.76 2.13 62.87
N SER B 499 41.01 1.09 63.65
CA SER B 499 42.25 1.03 64.40
C SER B 499 42.67 -0.43 64.53
N PRO B 500 43.97 -0.66 64.80
CA PRO B 500 44.45 -2.04 64.86
C PRO B 500 43.72 -2.84 65.92
N ALA B 501 43.37 -4.07 65.56
CA ALA B 501 42.74 -4.96 66.53
C ALA B 501 43.80 -5.71 67.28
N LYS B 502 45.07 -5.59 66.88
CA LYS B 502 46.19 -6.24 67.59
C LYS B 502 47.42 -5.34 67.68
N SER B 503 48.14 -5.43 68.81
CA SER B 503 49.35 -4.61 69.01
C SER B 503 50.48 -4.86 67.99
N SER B 504 50.58 -6.08 67.47
CA SER B 504 51.55 -6.33 66.41
C SER B 504 51.29 -5.43 65.18
N ARG B 505 50.03 -5.10 64.93
CA ARG B 505 49.65 -4.20 63.86
C ARG B 505 49.64 -2.73 64.29
N ALA B 506 50.12 -2.43 65.50
CA ALA B 506 50.04 -1.07 66.04
C ALA B 506 50.63 0.03 65.14
N ALA B 507 51.63 -0.31 64.36
CA ALA B 507 52.30 0.65 63.48
C ALA B 507 51.34 1.32 62.52
N VAL B 508 50.23 0.64 62.22
CA VAL B 508 49.22 1.15 61.33
C VAL B 508 48.43 2.28 61.96
N GLY B 509 48.11 2.13 63.24
CA GLY B 509 47.38 3.14 63.99
C GLY B 509 45.99 3.41 63.45
N ASN B 510 45.41 4.54 63.82
CA ASN B 510 44.10 4.93 63.33
C ASN B 510 44.13 5.30 61.84
N LYS B 511 43.22 4.72 61.06
CA LYS B 511 43.04 5.06 59.65
C LYS B 511 41.59 5.34 59.39
N MET B 512 41.33 6.25 58.45
CA MET B 512 40.02 6.30 57.82
C MET B 512 40.10 5.70 56.41
N PHE B 513 39.22 4.75 56.12
CA PHE B 513 39.15 4.18 54.79
C PHE B 513 37.92 4.73 54.08
N VAL B 514 38.16 5.31 52.91
CA VAL B 514 37.18 6.09 52.15
C VAL B 514 36.87 5.49 50.76
N LYS B 515 35.60 5.45 50.37
CA LYS B 515 35.26 5.12 49.00
C LYS B 515 34.19 6.08 48.51
N GLY B 516 34.27 6.43 47.23
CA GLY B 516 33.19 7.21 46.66
C GLY B 516 33.38 7.54 45.21
N ALA B 517 32.44 8.34 44.70
CA ALA B 517 32.53 8.90 43.38
C ALA B 517 33.96 9.42 43.25
N PRO B 518 34.68 8.96 42.22
CA PRO B 518 36.11 9.21 41.95
C PRO B 518 36.52 10.67 42.00
N GLU B 519 35.80 11.53 41.31
CA GLU B 519 36.16 12.94 41.22
C GLU B 519 36.32 13.58 42.59
N GLY B 520 35.26 13.51 43.41
CA GLY B 520 35.30 14.07 44.75
C GLY B 520 36.40 13.49 45.63
N VAL B 521 36.48 12.17 45.70
CA VAL B 521 37.53 11.56 46.50
C VAL B 521 38.92 11.98 46.06
N ILE B 522 39.19 11.89 44.77
CA ILE B 522 40.51 12.25 44.25
C ILE B 522 40.86 13.73 44.47
N ASP B 523 39.88 14.61 44.30
CA ASP B 523 40.06 16.02 44.66
C ASP B 523 40.56 16.21 46.10
N ARG B 524 40.21 15.29 46.99
CA ARG B 524 40.59 15.43 48.38
C ARG B 524 41.79 14.54 48.75
N CYS B 525 42.45 14.00 47.75
CA CYS B 525 43.72 13.33 47.99
C CYS B 525 44.90 14.28 47.77
N ASN B 526 45.81 14.30 48.74
CA ASN B 526 47.06 15.04 48.62
C ASN B 526 48.22 14.07 48.44
N TYR B 527 47.94 12.78 48.64
CA TYR B 527 48.96 11.76 48.46
C TYR B 527 48.42 10.60 47.66
N VAL B 528 49.36 9.78 47.17
CA VAL B 528 49.04 8.57 46.45
C VAL B 528 49.85 7.43 47.06
N ARG B 529 49.19 6.29 47.28
CA ARG B 529 49.91 5.15 47.85
C ARG B 529 50.65 4.45 46.74
N VAL B 530 51.90 4.09 46.99
CA VAL B 530 52.66 3.24 46.07
C VAL B 530 53.25 2.04 46.83
N GLY B 531 52.59 0.89 46.71
CA GLY B 531 52.95 -0.23 47.55
C GLY B 531 52.64 0.11 49.00
N THR B 532 53.66 0.20 49.84
CA THR B 532 53.45 0.64 51.23
C THR B 532 53.97 2.05 51.45
N THR B 533 54.60 2.63 50.44
CA THR B 533 55.05 4.00 50.56
C THR B 533 53.95 4.96 50.15
N ARG B 534 54.25 6.24 50.24
CA ARG B 534 53.30 7.28 49.87
C ARG B 534 54.08 8.48 49.33
N VAL B 535 53.60 9.07 48.24
CA VAL B 535 54.27 10.23 47.65
C VAL B 535 53.17 11.25 47.29
N PRO B 536 53.55 12.53 47.12
CA PRO B 536 52.55 13.58 46.93
C PRO B 536 51.71 13.42 45.68
N MET B 537 50.43 13.78 45.75
CA MET B 537 49.58 13.82 44.57
C MET B 537 49.94 15.01 43.72
N THR B 538 50.47 14.78 42.53
CA THR B 538 50.77 15.87 41.61
C THR B 538 49.83 15.97 40.41
N GLY B 539 50.09 16.97 39.58
CA GLY B 539 49.41 17.10 38.30
C GLY B 539 49.43 15.84 37.46
N PRO B 540 50.63 15.35 37.10
CA PRO B 540 50.68 14.17 36.22
C PRO B 540 50.10 12.91 36.87
N VAL B 541 50.42 12.65 38.13
CA VAL B 541 49.83 11.48 38.79
C VAL B 541 48.31 11.49 38.71
N LYS B 542 47.72 12.63 39.06
CA LYS B 542 46.26 12.79 39.06
C LYS B 542 45.62 12.62 37.67
N GLU B 543 46.18 13.27 36.65
CA GLU B 543 45.58 13.17 35.30
C GLU B 543 45.69 11.75 34.74
N LYS B 544 46.72 11.02 35.14
CA LYS B 544 46.84 9.62 34.76
C LYS B 544 45.70 8.83 35.38
N ILE B 545 45.50 9.05 36.68
CA ILE B 545 44.44 8.36 37.43
C ILE B 545 43.06 8.66 36.86
N LEU B 546 42.77 9.94 36.63
CA LEU B 546 41.48 10.36 36.07
C LEU B 546 41.26 9.80 34.67
N SER B 547 42.31 9.69 33.88
CA SER B 547 42.12 9.30 32.49
C SER B 547 41.72 7.84 32.40
N VAL B 548 42.33 6.99 33.21
CA VAL B 548 41.94 5.60 33.20
C VAL B 548 40.53 5.42 33.78
N ILE B 549 40.19 6.20 34.80
CA ILE B 549 38.83 6.19 35.34
C ILE B 549 37.82 6.57 34.24
N LYS B 550 38.12 7.60 33.46
CA LYS B 550 37.25 7.98 32.35
C LYS B 550 37.11 6.89 31.28
N GLU B 551 38.22 6.21 31.00
CA GLU B 551 38.24 5.12 30.04
C GLU B 551 37.32 3.99 30.55
N TRP B 552 37.35 3.73 31.86
CA TRP B 552 36.59 2.63 32.42
C TRP B 552 35.09 2.89 32.48
N GLY B 553 34.70 4.15 32.61
CA GLY B 553 33.30 4.45 32.70
C GLY B 553 32.65 4.97 31.44
N THR B 554 33.27 4.77 30.27
CA THR B 554 32.65 5.24 29.04
C THR B 554 32.95 4.36 27.84
N GLY B 555 33.69 3.29 28.05
CA GLY B 555 34.25 2.65 26.87
C GLY B 555 33.33 1.62 26.27
N ARG B 556 33.93 0.54 25.80
CA ARG B 556 33.16 -0.68 25.77
C ARG B 556 33.05 -1.21 27.23
N ASP B 557 33.75 -0.55 28.15
CA ASP B 557 33.71 -0.90 29.57
C ASP B 557 32.41 -0.44 30.24
N THR B 558 32.20 0.88 30.27
CA THR B 558 31.12 1.54 30.99
C THR B 558 30.87 0.91 32.37
N LEU B 559 31.93 0.92 33.18
CA LEU B 559 31.87 0.41 34.53
C LEU B 559 31.44 1.51 35.52
N ARG B 560 30.80 1.11 36.61
CA ARG B 560 30.64 1.98 37.79
C ARG B 560 31.98 2.00 38.53
N CYS B 561 32.61 3.16 38.60
CA CYS B 561 33.90 3.24 39.28
C CYS B 561 33.83 3.85 40.66
N LEU B 562 34.54 3.27 41.61
CA LEU B 562 34.71 3.93 42.89
C LEU B 562 36.19 4.20 43.08
N ALA B 563 36.49 5.33 43.70
CA ALA B 563 37.84 5.57 44.15
C ALA B 563 37.96 5.16 45.63
N LEU B 564 39.07 4.53 45.96
CA LEU B 564 39.33 4.08 47.30
C LEU B 564 40.50 4.87 47.84
N ALA B 565 40.35 5.41 49.04
CA ALA B 565 41.40 6.21 49.63
C ALA B 565 41.51 6.00 51.14
N THR B 566 42.64 6.36 51.70
CA THR B 566 42.71 6.41 53.15
C THR B 566 43.30 7.70 53.63
N ARG B 567 42.79 8.15 54.77
CA ARG B 567 43.38 9.26 55.48
C ARG B 567 44.38 8.67 56.47
N ASP B 568 45.66 8.84 56.19
CA ASP B 568 46.70 8.28 57.06
C ASP B 568 46.77 8.92 58.45
N THR B 569 46.35 10.17 58.57
CA THR B 569 46.34 10.80 59.88
C THR B 569 44.98 11.40 60.18
N PRO B 570 44.05 10.55 60.61
CA PRO B 570 42.67 10.93 60.90
C PRO B 570 42.66 11.89 62.07
N PRO B 571 41.60 12.72 62.18
CA PRO B 571 41.45 13.50 63.42
C PRO B 571 41.28 12.57 64.61
N LYS B 572 41.45 13.08 65.83
CA LYS B 572 41.12 12.32 67.03
C LYS B 572 39.61 12.05 67.02
N ARG B 573 39.19 10.84 67.43
CA ARG B 573 37.78 10.54 67.67
C ARG B 573 37.04 11.68 68.36
N GLU B 574 37.67 12.27 69.37
CA GLU B 574 37.08 13.32 70.23
C GLU B 574 36.78 14.63 69.50
N GLU B 575 37.38 14.82 68.33
CA GLU B 575 37.28 16.08 67.58
C GLU B 575 36.36 15.93 66.38
N MET B 576 35.72 14.78 66.25
CA MET B 576 34.82 14.55 65.14
C MET B 576 33.38 14.58 65.60
N VAL B 577 32.55 15.41 64.98
CA VAL B 577 31.14 15.41 65.37
C VAL B 577 30.36 14.49 64.46
N LEU B 578 30.07 13.31 65.02
CA LEU B 578 29.64 12.14 64.27
C LEU B 578 28.16 12.14 63.97
N ASP B 579 27.44 13.10 64.51
CA ASP B 579 26.00 13.16 64.33
C ASP B 579 25.66 14.37 63.48
N ASP B 580 26.67 14.89 62.78
CA ASP B 580 26.45 15.98 61.84
C ASP B 580 27.19 15.72 60.53
N SER B 581 26.48 15.16 59.56
CA SER B 581 27.09 14.67 58.32
C SER B 581 27.72 15.79 57.49
N SER B 582 27.26 17.01 57.66
CA SER B 582 27.82 18.11 56.89
C SER B 582 29.30 18.32 57.20
N ARG B 583 29.74 17.80 58.34
CA ARG B 583 31.12 17.90 58.76
C ARG B 583 31.95 16.79 58.12
N PHE B 584 31.31 15.81 57.51
CA PHE B 584 32.03 14.61 57.09
C PHE B 584 33.04 14.85 55.99
N MET B 585 32.73 15.74 55.05
CA MET B 585 33.68 16.03 53.97
C MET B 585 35.02 16.51 54.54
N GLU B 586 34.98 17.39 55.54
CA GLU B 586 36.23 17.93 56.06
C GLU B 586 37.10 16.83 56.67
N TYR B 587 36.46 15.89 57.35
CA TYR B 587 37.17 14.80 58.01
C TYR B 587 37.79 13.91 56.98
N GLU B 588 37.21 13.91 55.78
CA GLU B 588 37.69 13.07 54.69
C GLU B 588 38.54 13.85 53.72
N THR B 589 39.50 14.60 54.25
CA THR B 589 40.42 15.36 53.42
C THR B 589 41.84 14.95 53.74
N ASP B 590 42.79 15.45 52.96
CA ASP B 590 44.19 15.09 53.12
C ASP B 590 44.37 13.59 52.96
N LEU B 591 43.63 13.02 52.03
CA LEU B 591 43.62 11.57 51.85
C LEU B 591 44.83 11.10 51.05
N THR B 592 45.07 9.79 51.12
CA THR B 592 46.04 9.14 50.27
C THR B 592 45.30 8.26 49.30
N PHE B 593 45.43 8.54 48.00
CA PHE B 593 44.74 7.71 47.03
C PHE B 593 45.31 6.29 47.00
N VAL B 594 44.45 5.29 47.00
CA VAL B 594 44.94 3.92 46.96
C VAL B 594 44.69 3.23 45.61
N GLY B 595 43.44 3.20 45.13
CA GLY B 595 43.07 2.47 43.94
C GLY B 595 41.67 2.76 43.46
N VAL B 596 41.25 2.07 42.41
CA VAL B 596 39.91 2.20 41.83
C VAL B 596 39.38 0.81 41.51
N VAL B 597 38.08 0.59 41.72
CA VAL B 597 37.42 -0.63 41.29
C VAL B 597 36.34 -0.25 40.33
N GLY B 598 36.12 -1.12 39.35
CA GLY B 598 35.14 -0.90 38.32
C GLY B 598 34.21 -2.09 38.32
N MET B 599 32.92 -1.81 38.50
CA MET B 599 31.98 -2.92 38.55
C MET B 599 30.85 -2.79 37.55
N LEU B 600 30.25 -3.92 37.18
CA LEU B 600 29.10 -3.89 36.29
C LEU B 600 28.19 -5.04 36.60
N ASP B 601 26.95 -4.94 36.12
CA ASP B 601 25.99 -6.03 36.15
C ASP B 601 26.15 -6.80 34.84
N PRO B 602 26.87 -7.94 34.89
CA PRO B 602 27.39 -8.59 33.68
C PRO B 602 26.40 -9.46 32.91
N PRO B 603 26.56 -9.53 31.59
CA PRO B 603 25.69 -10.43 30.80
C PRO B 603 25.80 -11.88 31.25
N ARG B 604 24.70 -12.63 31.20
CA ARG B 604 24.73 -14.08 31.31
C ARG B 604 25.57 -14.68 30.19
N LYS B 605 26.26 -15.78 30.48
CA LYS B 605 27.23 -16.34 29.53
C LYS B 605 26.64 -16.70 28.17
N GLU B 606 25.43 -17.23 28.13
CA GLU B 606 24.88 -17.71 26.86
C GLU B 606 24.07 -16.69 26.07
N VAL B 607 23.98 -15.46 26.57
CA VAL B 607 23.13 -14.47 25.91
C VAL B 607 23.69 -14.09 24.54
N MET B 608 24.99 -13.85 24.44
CA MET B 608 25.59 -13.46 23.18
C MET B 608 25.36 -14.47 22.07
N GLY B 609 25.59 -15.73 22.38
CA GLY B 609 25.38 -16.80 21.41
C GLY B 609 23.92 -16.92 21.03
N SER B 610 23.03 -16.60 21.96
CA SER B 610 21.61 -16.68 21.71
C SER B 610 21.18 -15.56 20.78
N ILE B 611 21.70 -14.36 21.00
CA ILE B 611 21.36 -13.22 20.15
C ILE B 611 21.71 -13.52 18.68
N GLN B 612 22.89 -14.09 18.44
CA GLN B 612 23.32 -14.40 17.09
C GLN B 612 22.46 -15.49 16.43
N LEU B 613 22.11 -16.53 17.18
CA LEU B 613 21.25 -17.58 16.66
C LEU B 613 19.89 -17.00 16.30
N CYS B 614 19.40 -16.07 17.11
CA CYS B 614 18.16 -15.38 16.80
C CYS B 614 18.26 -14.64 15.47
N ARG B 615 19.37 -13.94 15.29
CA ARG B 615 19.58 -13.18 14.08
C ARG B 615 19.61 -14.13 12.87
N ASP B 616 20.25 -15.29 13.03
CA ASP B 616 20.32 -16.28 11.94
C ASP B 616 18.92 -16.77 11.55
N ALA B 617 17.99 -16.72 12.50
CA ALA B 617 16.62 -17.15 12.32
C ALA B 617 15.74 -15.98 11.91
N GLY B 618 16.36 -14.86 11.61
CA GLY B 618 15.62 -13.68 11.20
C GLY B 618 14.81 -13.03 12.31
N ILE B 619 15.23 -13.22 13.56
CA ILE B 619 14.54 -12.62 14.69
C ILE B 619 15.35 -11.47 15.29
N ARG B 620 14.75 -10.29 15.34
CA ARG B 620 15.34 -9.10 15.98
C ARG B 620 15.23 -9.16 17.50
N VAL B 621 16.30 -8.73 18.16
CA VAL B 621 16.31 -8.62 19.60
C VAL B 621 16.42 -7.16 20.04
N ILE B 622 15.41 -6.71 20.79
CA ILE B 622 15.35 -5.35 21.28
C ILE B 622 15.53 -5.28 22.80
N MET B 623 16.54 -4.56 23.27
CA MET B 623 16.68 -4.38 24.70
C MET B 623 15.74 -3.28 25.19
N ILE B 624 14.93 -3.58 26.20
CA ILE B 624 14.09 -2.56 26.83
C ILE B 624 14.30 -2.54 28.33
N THR B 625 14.90 -1.48 28.85
CA THR B 625 15.38 -1.54 30.22
C THR B 625 15.11 -0.28 30.99
N GLY B 626 14.89 -0.42 32.31
CA GLY B 626 14.78 0.69 33.22
C GLY B 626 16.11 1.37 33.54
N ASP B 627 17.20 0.67 33.30
CA ASP B 627 18.56 1.15 33.57
C ASP B 627 18.93 2.29 32.62
N ASN B 628 20.11 2.85 32.80
CA ASN B 628 20.45 4.04 32.04
C ASN B 628 21.00 3.71 30.66
N LYS B 629 20.88 4.69 29.77
CA LYS B 629 21.24 4.54 28.36
C LYS B 629 22.70 4.12 28.15
N GLY B 630 23.64 4.82 28.80
CA GLY B 630 25.07 4.48 28.72
C GLY B 630 25.33 3.00 28.99
N THR B 631 24.79 2.50 30.11
CA THR B 631 24.95 1.09 30.46
C THR B 631 24.23 0.17 29.48
N ALA B 632 22.98 0.54 29.15
CA ALA B 632 22.15 -0.26 28.26
C ALA B 632 22.85 -0.48 26.91
N ILE B 633 23.38 0.61 26.34
CA ILE B 633 24.15 0.53 25.11
C ILE B 633 25.43 -0.31 25.23
N ALA B 634 26.18 -0.11 26.30
CA ALA B 634 27.43 -0.87 26.52
C ALA B 634 27.12 -2.35 26.60
N ILE B 635 26.00 -2.70 27.21
CA ILE B 635 25.62 -4.11 27.29
C ILE B 635 25.20 -4.61 25.93
N CYS B 636 24.59 -3.73 25.15
CA CYS B 636 24.20 -4.10 23.80
C CYS B 636 25.43 -4.46 22.98
N ARG B 637 26.54 -3.78 23.24
CA ARG B 637 27.74 -4.07 22.47
C ARG B 637 28.40 -5.36 22.99
N ARG B 638 28.40 -5.57 24.30
CA ARG B 638 28.94 -6.80 24.86
C ARG B 638 28.23 -8.04 24.31
N ILE B 639 26.91 -7.96 24.18
CA ILE B 639 26.13 -9.13 23.78
C ILE B 639 25.81 -9.15 22.29
N GLY B 640 26.30 -8.16 21.57
CA GLY B 640 26.21 -8.17 20.11
C GLY B 640 24.87 -7.77 19.51
N ILE B 641 24.06 -7.02 20.25
CA ILE B 641 22.89 -6.40 19.66
C ILE B 641 23.37 -5.24 18.78
N PHE B 642 24.42 -4.55 19.24
CA PHE B 642 25.10 -3.54 18.41
C PHE B 642 26.52 -3.98 18.15
N GLY B 643 27.10 -3.47 17.07
CA GLY B 643 28.49 -3.72 16.81
C GLY B 643 29.30 -2.85 17.76
N GLU B 644 30.58 -3.19 17.91
CA GLU B 644 31.43 -2.54 18.88
C GLU B 644 31.56 -1.06 18.59
N ASN B 645 31.54 -0.69 17.33
CA ASN B 645 31.62 0.71 16.94
C ASN B 645 30.37 1.22 16.20
N GLU B 646 29.32 0.41 16.15
CA GLU B 646 28.10 0.80 15.44
C GLU B 646 27.55 2.12 16.00
N GLU B 647 27.11 2.98 15.11
CA GLU B 647 26.55 4.26 15.49
C GLU B 647 25.10 4.08 15.96
N VAL B 648 24.75 4.55 17.15
CA VAL B 648 23.44 4.26 17.67
C VAL B 648 22.56 5.48 17.91
N ALA B 649 22.89 6.60 17.26
CA ALA B 649 22.18 7.87 17.44
C ALA B 649 20.66 7.78 17.35
N ASP B 650 20.17 6.99 16.41
CA ASP B 650 18.73 6.85 16.22
C ASP B 650 18.34 5.41 16.45
N ARG B 651 19.17 4.66 17.16
CA ARG B 651 18.92 3.25 17.40
C ARG B 651 18.79 2.97 18.88
N ALA B 652 19.00 4.00 19.70
CA ALA B 652 18.85 3.88 21.14
C ALA B 652 18.19 5.13 21.70
N TYR B 653 17.22 4.93 22.58
CA TYR B 653 16.43 6.04 23.13
C TYR B 653 16.14 5.87 24.59
N THR B 654 16.14 6.97 25.31
CA THR B 654 15.55 6.95 26.64
C THR B 654 14.06 6.97 26.45
N GLY B 655 13.32 6.52 27.46
CA GLY B 655 11.89 6.67 27.46
C GLY B 655 11.49 8.11 27.28
N ARG B 656 12.21 9.01 27.93
CA ARG B 656 11.91 10.43 27.75
C ARG B 656 12.10 10.89 26.31
N GLU B 657 13.20 10.48 25.67
CA GLU B 657 13.47 10.88 24.29
C GLU B 657 12.40 10.30 23.39
N PHE B 658 12.10 9.04 23.64
CA PHE B 658 11.03 8.35 22.94
C PHE B 658 9.72 9.10 23.08
N ASP B 659 9.42 9.58 24.28
CA ASP B 659 8.14 10.25 24.54
C ASP B 659 8.05 11.55 23.76
N ASP B 660 9.20 12.15 23.49
CA ASP B 660 9.31 13.40 22.77
C ASP B 660 9.12 13.25 21.26
N LEU B 661 9.10 12.03 20.77
CA LEU B 661 8.89 11.77 19.35
C LEU B 661 7.40 11.82 19.06
N PRO B 662 7.01 12.40 17.92
CA PRO B 662 5.63 12.34 17.41
C PRO B 662 5.18 10.89 17.33
N LEU B 663 3.88 10.64 17.43
CA LEU B 663 3.36 9.26 17.42
C LEU B 663 3.86 8.41 16.25
N ALA B 664 3.91 9.01 15.06
CA ALA B 664 4.37 8.25 13.89
C ALA B 664 5.83 7.87 13.99
N GLU B 665 6.64 8.74 14.61
CA GLU B 665 8.07 8.50 14.70
C GLU B 665 8.36 7.43 15.77
N GLN B 666 7.56 7.48 16.84
CA GLN B 666 7.61 6.46 17.89
C GLN B 666 7.42 5.08 17.30
N ARG B 667 6.44 5.00 16.40
CA ARG B 667 6.11 3.74 15.78
C ARG B 667 7.27 3.23 14.91
N GLU B 668 7.85 4.11 14.10
CA GLU B 668 8.99 3.70 13.28
C GLU B 668 10.24 3.41 14.11
N ALA B 669 10.40 4.14 15.21
CA ALA B 669 11.55 3.96 16.10
C ALA B 669 11.57 2.53 16.65
N CYS B 670 10.39 1.92 16.77
CA CYS B 670 10.32 0.58 17.34
C CYS B 670 10.83 -0.49 16.37
N ARG B 671 10.83 -0.15 15.07
CA ARG B 671 11.35 -1.05 14.06
C ARG B 671 12.85 -0.88 13.79
N ARG B 672 13.37 0.31 14.07
CA ARG B 672 14.76 0.63 13.76
C ARG B 672 15.70 0.55 14.97
N ALA B 673 15.17 0.84 16.15
CA ALA B 673 15.99 0.91 17.36
C ALA B 673 15.98 -0.42 18.11
N CYS B 674 17.08 -0.71 18.81
CA CYS B 674 17.23 -1.99 19.46
C CYS B 674 17.55 -1.79 20.91
N CYS B 675 17.54 -0.53 21.34
CA CYS B 675 17.81 -0.23 22.72
C CYS B 675 16.91 0.89 23.23
N PHE B 676 16.04 0.56 24.18
CA PHE B 676 15.24 1.59 24.86
C PHE B 676 15.59 1.55 26.33
N ALA B 677 15.95 2.69 26.90
CA ALA B 677 16.50 2.73 28.24
C ALA B 677 15.84 3.80 29.13
N ARG B 678 16.03 3.65 30.44
CA ARG B 678 15.46 4.57 31.41
C ARG B 678 13.95 4.71 31.16
N VAL B 679 13.31 3.57 30.92
CA VAL B 679 11.89 3.54 30.62
C VAL B 679 11.07 3.18 31.85
N GLU B 680 9.78 3.51 31.77
CA GLU B 680 8.78 3.10 32.76
C GLU B 680 8.10 1.85 32.25
N PRO B 681 7.39 1.11 33.13
CA PRO B 681 6.72 -0.12 32.69
C PRO B 681 5.82 0.06 31.45
N SER B 682 5.16 1.20 31.35
CA SER B 682 4.28 1.50 30.22
C SER B 682 5.02 1.64 28.89
N HIS B 683 6.27 2.09 28.95
CA HIS B 683 7.05 2.20 27.72
C HIS B 683 7.27 0.82 27.12
N LYS B 684 7.54 -0.18 27.96
CA LYS B 684 7.80 -1.53 27.45
C LYS B 684 6.60 -2.10 26.71
N SER B 685 5.42 -1.94 27.30
CA SER B 685 4.22 -2.46 26.65
C SER B 685 3.82 -1.60 25.46
N LYS B 686 4.19 -0.33 25.47
CA LYS B 686 3.90 0.57 24.35
C LYS B 686 4.73 0.17 23.16
N ILE B 687 5.99 -0.18 23.42
CA ILE B 687 6.90 -0.59 22.35
C ILE B 687 6.39 -1.87 21.69
N VAL B 688 6.00 -2.84 22.52
CA VAL B 688 5.43 -4.09 22.05
C VAL B 688 4.21 -3.82 21.19
N GLU B 689 3.40 -2.88 21.63
CA GLU B 689 2.18 -2.55 20.93
C GLU B 689 2.48 -1.97 19.55
N TYR B 690 3.51 -1.15 19.46
CA TYR B 690 3.86 -0.52 18.19
C TYR B 690 4.33 -1.61 17.21
N LEU B 691 5.23 -2.46 17.70
CA LEU B 691 5.67 -3.64 16.99
C LEU B 691 4.46 -4.45 16.50
N GLN B 692 3.50 -4.73 17.38
CA GLN B 692 2.37 -5.54 16.98
C GLN B 692 1.47 -4.84 15.96
N SER B 693 1.64 -3.52 15.81
CA SER B 693 0.83 -2.75 14.89
C SER B 693 1.37 -2.86 13.47
N TYR B 694 2.50 -3.55 13.31
CA TYR B 694 3.03 -3.86 12.00
C TYR B 694 2.74 -5.33 11.73
N ASP B 695 1.90 -5.91 12.59
CA ASP B 695 1.56 -7.31 12.51
C ASP B 695 2.75 -8.20 12.78
N GLU B 696 3.73 -7.69 13.52
CA GLU B 696 4.78 -8.58 14.02
C GLU B 696 4.29 -9.40 15.21
N ILE B 697 4.58 -10.70 15.16
CA ILE B 697 4.47 -11.54 16.33
C ILE B 697 5.62 -11.14 17.23
N THR B 698 5.32 -10.74 18.46
CA THR B 698 6.36 -10.23 19.36
C THR B 698 6.44 -11.00 20.66
N ALA B 699 7.67 -11.21 21.12
CA ALA B 699 7.91 -11.83 22.41
C ALA B 699 8.53 -10.82 23.37
N MET B 700 8.28 -11.02 24.66
CA MET B 700 8.92 -10.21 25.66
C MET B 700 9.57 -11.15 26.67
N THR B 701 10.82 -10.88 27.03
CA THR B 701 11.50 -11.62 28.09
C THR B 701 11.74 -10.70 29.26
N GLY B 702 11.50 -11.17 30.48
CA GLY B 702 11.67 -10.31 31.63
C GLY B 702 11.69 -11.07 32.93
N ASP B 703 11.86 -10.35 34.03
CA ASP B 703 11.94 -10.98 35.33
C ASP B 703 11.29 -10.14 36.41
N GLY B 704 11.03 -8.89 36.07
CA GLY B 704 10.63 -7.93 37.07
C GLY B 704 9.17 -7.58 36.99
N VAL B 705 8.67 -7.00 38.07
CA VAL B 705 7.36 -6.40 38.05
C VAL B 705 7.24 -5.40 36.91
N ASN B 706 8.29 -4.62 36.66
CA ASN B 706 8.25 -3.59 35.64
C ASN B 706 8.11 -4.16 34.20
N ASP B 707 8.31 -5.46 34.06
CA ASP B 707 8.14 -6.14 32.79
C ASP B 707 6.73 -6.67 32.57
N ALA B 708 5.95 -6.74 33.65
CA ALA B 708 4.64 -7.39 33.59
C ALA B 708 3.72 -6.88 32.48
N PRO B 709 3.56 -5.54 32.36
CA PRO B 709 2.66 -5.11 31.28
C PRO B 709 3.13 -5.59 29.91
N ALA B 710 4.42 -5.49 29.63
CA ALA B 710 4.97 -5.97 28.36
C ALA B 710 4.76 -7.47 28.19
N LEU B 711 5.07 -8.22 29.26
CA LEU B 711 4.89 -9.67 29.26
C LEU B 711 3.46 -10.06 28.91
N LYS B 712 2.49 -9.30 29.40
CA LYS B 712 1.07 -9.57 29.09
C LYS B 712 0.70 -9.18 27.66
N LYS B 713 1.17 -8.02 27.23
CA LYS B 713 0.79 -7.48 25.94
C LYS B 713 1.40 -8.29 24.77
N ALA B 714 2.55 -8.90 25.00
CA ALA B 714 3.26 -9.61 23.95
C ALA B 714 2.53 -10.89 23.61
N GLU B 715 2.67 -11.38 22.37
CA GLU B 715 2.04 -12.65 22.03
C GLU B 715 2.56 -13.74 22.98
N ILE B 716 3.84 -13.65 23.31
CA ILE B 716 4.41 -14.56 24.28
C ILE B 716 5.38 -13.87 25.22
N GLY B 717 5.09 -13.99 26.51
CA GLY B 717 5.93 -13.46 27.54
C GLY B 717 6.74 -14.59 28.16
N ILE B 718 8.04 -14.36 28.30
CA ILE B 718 8.96 -15.36 28.82
C ILE B 718 9.62 -14.81 30.07
N ALA B 719 9.43 -15.49 31.18
CA ALA B 719 9.95 -15.01 32.47
C ALA B 719 11.11 -15.82 32.98
N MET B 720 12.09 -15.14 33.57
CA MET B 720 13.22 -15.83 34.19
C MET B 720 12.86 -16.60 35.45
N GLY B 721 13.42 -17.78 35.61
CA GLY B 721 13.21 -18.60 36.78
C GLY B 721 13.50 -17.89 38.08
N SER B 722 14.63 -17.19 38.13
CA SER B 722 14.99 -16.45 39.34
C SER B 722 14.28 -15.09 39.39
N GLY B 723 13.26 -14.90 38.55
CA GLY B 723 12.58 -13.62 38.49
C GLY B 723 11.48 -13.47 39.53
N THR B 724 10.76 -12.35 39.50
CA THR B 724 9.65 -12.15 40.42
C THR B 724 8.46 -13.03 40.07
N ALA B 725 7.63 -13.28 41.08
CA ALA B 725 6.40 -14.00 40.89
C ALA B 725 5.48 -13.27 39.93
N VAL B 726 5.48 -11.93 39.98
CA VAL B 726 4.63 -11.17 39.07
C VAL B 726 4.97 -11.45 37.60
N ALA B 727 6.24 -11.36 37.24
CA ALA B 727 6.63 -11.61 35.87
C ALA B 727 6.32 -13.05 35.45
N LYS B 728 6.57 -14.01 36.34
CA LYS B 728 6.25 -15.41 36.04
C LYS B 728 4.76 -15.63 35.77
N THR B 729 3.91 -15.07 36.62
CA THR B 729 2.47 -15.29 36.49
C THR B 729 1.93 -14.57 35.27
N ALA B 730 2.60 -13.51 34.85
CA ALA B 730 2.23 -12.78 33.64
C ALA B 730 2.73 -13.47 32.37
N SER B 731 3.50 -14.55 32.54
CA SER B 731 4.16 -15.19 31.39
C SER B 731 3.61 -16.54 30.99
N GLU B 732 3.75 -16.86 29.71
CA GLU B 732 3.39 -18.18 29.21
C GLU B 732 4.50 -19.21 29.41
N MET B 733 5.73 -18.73 29.53
CA MET B 733 6.86 -19.63 29.62
C MET B 733 7.85 -19.13 30.65
N VAL B 734 8.40 -20.03 31.44
CA VAL B 734 9.35 -19.66 32.46
C VAL B 734 10.64 -20.42 32.21
N LEU B 735 11.75 -19.71 32.11
CA LEU B 735 13.05 -20.35 31.99
C LEU B 735 13.55 -20.72 33.39
N ALA B 736 13.25 -21.92 33.82
CA ALA B 736 13.46 -22.29 35.22
C ALA B 736 14.92 -22.24 35.67
N ASP B 737 15.85 -22.43 34.75
CA ASP B 737 17.27 -22.35 35.10
C ASP B 737 17.93 -21.08 34.55
N ASP B 738 17.13 -20.09 34.17
CA ASP B 738 17.62 -18.82 33.63
C ASP B 738 18.44 -18.94 32.35
N ASN B 739 18.36 -20.08 31.68
CA ASN B 739 19.14 -20.29 30.47
C ASN B 739 18.54 -19.58 29.28
N PHE B 740 19.12 -18.44 28.91
CA PHE B 740 18.64 -17.67 27.76
C PHE B 740 18.69 -18.46 26.43
N SER B 741 19.59 -19.43 26.31
CA SER B 741 19.61 -20.32 25.14
C SER B 741 18.26 -20.93 24.86
N THR B 742 17.58 -21.33 25.93
CA THR B 742 16.35 -22.10 25.81
C THR B 742 15.33 -21.42 24.91
N ILE B 743 15.37 -20.08 24.87
CA ILE B 743 14.47 -19.31 24.02
C ILE B 743 14.66 -19.72 22.57
N VAL B 744 15.92 -19.84 22.16
CA VAL B 744 16.26 -20.22 20.80
C VAL B 744 15.76 -21.62 20.48
N ALA B 745 15.95 -22.52 21.44
CA ALA B 745 15.48 -23.89 21.32
C ALA B 745 13.96 -23.93 21.23
N ALA B 746 13.30 -23.03 21.95
CA ALA B 746 11.84 -22.95 21.94
C ALA B 746 11.34 -22.41 20.62
N VAL B 747 12.16 -21.56 20.00
CA VAL B 747 11.85 -21.04 18.67
C VAL B 747 11.87 -22.17 17.64
N GLU B 748 12.90 -23.00 17.71
CA GLU B 748 13.03 -24.14 16.81
C GLU B 748 11.91 -25.13 17.05
N GLU B 749 11.62 -25.37 18.33
CA GLU B 749 10.57 -26.30 18.72
C GLU B 749 9.23 -25.81 18.17
N GLY B 750 8.97 -24.52 18.28
CA GLY B 750 7.71 -23.97 17.83
C GLY B 750 7.54 -24.01 16.33
N ARG B 751 8.62 -23.71 15.61
CA ARG B 751 8.67 -23.87 14.16
C ARG B 751 8.43 -25.33 13.72
N ALA B 752 9.04 -26.27 14.44
CA ALA B 752 8.83 -27.68 14.16
C ALA B 752 7.37 -28.04 14.37
N ILE B 753 6.78 -27.52 15.44
CA ILE B 753 5.36 -27.73 15.71
C ILE B 753 4.51 -27.19 14.56
N TYR B 754 4.81 -25.97 14.12
CA TYR B 754 4.04 -25.33 13.06
C TYR B 754 4.04 -26.19 11.80
N ASN B 755 5.22 -26.68 11.40
CA ASN B 755 5.35 -27.50 10.21
C ASN B 755 4.56 -28.81 10.27
N ASN B 756 4.61 -29.48 11.42
CA ASN B 756 3.80 -30.67 11.63
C ASN B 756 2.31 -30.37 11.64
N MET B 757 1.90 -29.33 12.36
CA MET B 757 0.48 -28.95 12.37
C MET B 757 -0.07 -28.68 10.97
N LYS B 758 0.61 -27.88 10.17
CA LYS B 758 0.08 -27.58 8.84
C LYS B 758 0.08 -28.82 7.91
N GLN B 759 0.98 -29.76 8.15
CA GLN B 759 0.98 -30.97 7.34
C GLN B 759 -0.10 -31.96 7.78
N PHE B 760 -0.50 -31.90 9.06
CA PHE B 760 -1.60 -32.76 9.48
C PHE B 760 -2.96 -32.07 9.44
N ILE B 761 -2.96 -30.74 9.45
CA ILE B 761 -4.21 -30.02 9.24
C ILE B 761 -4.61 -30.20 7.78
N ARG B 762 -3.62 -30.24 6.90
CA ARG B 762 -3.86 -30.52 5.50
C ARG B 762 -4.33 -31.96 5.33
N TYR B 763 -3.60 -32.90 5.90
CA TYR B 763 -3.96 -34.31 5.80
C TYR B 763 -5.39 -34.57 6.28
N LEU B 764 -5.79 -33.84 7.32
CA LEU B 764 -7.12 -34.00 7.89
C LEU B 764 -8.20 -33.29 7.08
N ILE B 765 -7.90 -32.07 6.62
CA ILE B 765 -8.89 -31.33 5.82
C ILE B 765 -9.02 -31.97 4.46
N SER B 766 -7.98 -32.71 4.05
CA SER B 766 -8.03 -33.49 2.83
C SER B 766 -9.13 -34.55 2.95
N SER B 767 -9.17 -35.25 4.08
CA SER B 767 -10.18 -36.26 4.34
C SER B 767 -11.59 -35.65 4.40
N ASN B 768 -11.74 -34.56 5.14
CA ASN B 768 -13.04 -33.92 5.31
C ASN B 768 -13.64 -33.46 4.00
N VAL B 769 -12.79 -33.21 3.01
CA VAL B 769 -13.28 -32.80 1.69
C VAL B 769 -13.93 -33.97 0.96
N GLY B 770 -13.20 -35.08 0.84
CA GLY B 770 -13.73 -36.28 0.23
C GLY B 770 -14.99 -36.80 0.90
N GLU B 771 -15.12 -36.54 2.20
CA GLU B 771 -16.31 -36.97 2.92
C GLU B 771 -17.52 -36.12 2.54
N VAL B 772 -17.30 -34.82 2.42
CA VAL B 772 -18.36 -33.91 1.97
C VAL B 772 -18.73 -34.20 0.51
N VAL B 773 -17.72 -34.50 -0.32
CA VAL B 773 -17.98 -34.83 -1.71
C VAL B 773 -18.84 -36.09 -1.80
N CYS B 774 -18.53 -37.07 -0.97
CA CYS B 774 -19.26 -38.33 -0.92
C CYS B 774 -20.72 -38.15 -0.51
N ILE B 775 -20.95 -37.31 0.50
CA ILE B 775 -22.30 -37.06 0.97
C ILE B 775 -23.04 -36.21 -0.03
N PHE B 776 -22.32 -35.30 -0.70
CA PHE B 776 -22.92 -34.44 -1.69
C PHE B 776 -23.24 -35.20 -2.97
N LEU B 777 -22.38 -36.16 -3.34
CA LEU B 777 -22.64 -37.03 -4.48
C LEU B 777 -23.82 -37.94 -4.18
N THR B 778 -23.81 -38.54 -3.00
CA THR B 778 -24.85 -39.47 -2.59
C THR B 778 -26.20 -38.74 -2.46
N ALA B 779 -26.13 -37.44 -2.24
CA ALA B 779 -27.35 -36.63 -2.10
C ALA B 779 -27.90 -36.22 -3.47
N ALA B 780 -27.09 -35.46 -4.21
CA ALA B 780 -27.53 -34.90 -5.50
C ALA B 780 -28.04 -35.96 -6.45
N LEU B 781 -27.26 -37.03 -6.60
CA LEU B 781 -27.61 -38.10 -7.52
C LEU B 781 -28.85 -38.88 -7.09
N GLY B 782 -29.07 -38.98 -5.79
CA GLY B 782 -30.23 -39.68 -5.27
C GLY B 782 -29.95 -41.15 -5.01
N LEU B 783 -28.73 -41.43 -4.56
CA LEU B 783 -28.30 -42.76 -4.22
C LEU B 783 -28.49 -42.97 -2.74
N PRO B 784 -28.49 -44.24 -2.28
CA PRO B 784 -28.51 -44.44 -0.84
C PRO B 784 -27.20 -43.95 -0.24
N GLU B 785 -27.22 -43.55 1.03
CA GLU B 785 -26.02 -43.06 1.69
C GLU B 785 -24.88 -44.08 1.64
N ALA B 786 -23.73 -43.64 1.14
CA ALA B 786 -22.52 -44.45 1.18
C ALA B 786 -21.93 -44.41 2.59
N LEU B 787 -22.04 -43.26 3.25
CA LEU B 787 -21.52 -43.07 4.60
C LEU B 787 -22.55 -42.40 5.52
N ILE B 788 -22.47 -42.69 6.81
CA ILE B 788 -23.33 -42.07 7.81
C ILE B 788 -22.48 -41.56 8.97
N PRO B 789 -22.96 -40.55 9.72
CA PRO B 789 -22.18 -39.88 10.78
C PRO B 789 -21.36 -40.80 11.66
N VAL B 790 -22.02 -41.81 12.21
CA VAL B 790 -21.41 -42.78 13.12
C VAL B 790 -20.10 -43.38 12.59
N GLN B 791 -19.98 -43.47 11.26
CA GLN B 791 -18.76 -43.97 10.64
C GLN B 791 -17.79 -42.83 10.38
N LEU B 792 -18.33 -41.70 9.93
CA LEU B 792 -17.51 -40.53 9.64
C LEU B 792 -16.82 -40.07 10.92
N LEU B 793 -17.60 -40.01 12.00
CA LEU B 793 -17.05 -39.64 13.30
C LEU B 793 -15.92 -40.57 13.69
N TRP B 794 -16.06 -41.85 13.36
CA TRP B 794 -15.02 -42.80 13.66
C TRP B 794 -13.74 -42.48 12.90
N VAL B 795 -13.87 -42.30 11.58
CA VAL B 795 -12.71 -42.02 10.74
C VAL B 795 -12.03 -40.73 11.15
N ASN B 796 -12.83 -39.70 11.41
CA ASN B 796 -12.29 -38.37 11.70
C ASN B 796 -11.71 -38.24 13.11
N LEU B 797 -12.23 -39.02 14.04
CA LEU B 797 -11.75 -39.00 15.41
C LEU B 797 -10.58 -39.96 15.57
N VAL B 798 -10.74 -41.17 15.04
CA VAL B 798 -9.85 -42.28 15.37
C VAL B 798 -8.97 -42.74 14.20
N THR B 799 -9.59 -43.13 13.08
CA THR B 799 -8.87 -43.69 11.95
C THR B 799 -7.91 -42.69 11.31
N ASP B 800 -8.26 -41.41 11.36
CA ASP B 800 -7.40 -40.35 10.82
C ASP B 800 -6.59 -39.68 11.93
N GLY B 801 -7.16 -39.66 13.14
CA GLY B 801 -6.54 -39.02 14.28
C GLY B 801 -5.19 -39.64 14.59
N LEU B 802 -5.12 -40.96 14.53
CA LEU B 802 -3.87 -41.67 14.80
C LEU B 802 -2.75 -41.37 13.78
N PRO B 803 -3.03 -41.44 12.46
CA PRO B 803 -1.97 -41.03 11.54
C PRO B 803 -1.64 -39.55 11.60
N ALA B 804 -2.65 -38.72 11.85
CA ALA B 804 -2.42 -37.29 12.02
C ALA B 804 -1.47 -37.02 13.19
N THR B 805 -1.66 -37.74 14.28
CA THR B 805 -0.80 -37.65 15.45
C THR B 805 0.62 -38.10 15.12
N ALA B 806 0.73 -39.14 14.31
CA ALA B 806 2.04 -39.68 13.94
C ALA B 806 2.71 -38.76 12.93
N LEU B 807 1.90 -37.98 12.21
CA LEU B 807 2.43 -36.98 11.31
C LEU B 807 3.11 -35.86 12.09
N GLY B 808 2.63 -35.62 13.31
CA GLY B 808 3.24 -34.64 14.19
C GLY B 808 4.58 -35.10 14.73
N PHE B 809 5.05 -36.27 14.30
CA PHE B 809 6.34 -36.81 14.75
C PHE B 809 7.38 -36.72 13.65
N ASN B 810 7.03 -36.07 12.55
CA ASN B 810 7.96 -35.92 11.44
C ASN B 810 9.10 -34.98 11.83
N PRO B 811 10.33 -35.52 11.92
CA PRO B 811 11.50 -34.77 12.38
C PRO B 811 11.70 -33.50 11.57
N PRO B 812 11.99 -32.37 12.24
CA PRO B 812 11.99 -31.06 11.62
C PRO B 812 12.95 -30.95 10.44
N ASP B 813 12.71 -29.98 9.57
CA ASP B 813 13.66 -29.66 8.51
C ASP B 813 15.00 -29.30 9.13
N LEU B 814 16.07 -29.60 8.41
CA LEU B 814 17.41 -29.34 8.94
C LEU B 814 17.74 -27.86 8.91
N ASP B 815 17.07 -27.11 8.05
CA ASP B 815 17.35 -25.69 7.85
C ASP B 815 16.33 -24.82 8.57
N ILE B 816 15.55 -25.46 9.45
CA ILE B 816 14.44 -24.84 10.15
C ILE B 816 14.79 -23.48 10.79
N MET B 817 16.01 -23.36 11.32
CA MET B 817 16.40 -22.18 12.05
C MET B 817 17.24 -21.25 11.19
N ASP B 818 17.25 -21.49 9.89
CA ASP B 818 18.00 -20.64 8.98
C ASP B 818 17.09 -19.89 8.00
N ARG B 819 15.79 -20.08 8.17
CA ARG B 819 14.82 -19.27 7.46
C ARG B 819 14.36 -18.11 8.36
N PRO B 820 13.94 -16.99 7.74
CA PRO B 820 13.28 -15.94 8.52
C PRO B 820 11.94 -16.47 9.01
N PRO B 821 11.29 -15.75 9.94
CA PRO B 821 10.00 -16.25 10.45
C PRO B 821 8.93 -16.23 9.36
N ARG B 822 7.98 -17.15 9.43
CA ARG B 822 6.88 -17.12 8.47
C ARG B 822 6.16 -15.78 8.57
N SER B 823 5.61 -15.32 7.46
CA SER B 823 4.80 -14.11 7.46
C SER B 823 3.55 -14.33 8.29
N PRO B 824 3.13 -13.30 9.03
CA PRO B 824 1.93 -13.40 9.87
C PRO B 824 0.71 -13.56 8.97
N LYS B 825 0.81 -13.02 7.76
CA LYS B 825 -0.26 -13.09 6.77
C LYS B 825 -0.46 -14.52 6.26
N GLU B 826 0.61 -15.07 5.65
CA GLU B 826 0.68 -16.42 5.09
C GLU B 826 -0.52 -17.35 5.30
N PRO B 827 -1.29 -17.61 4.23
CA PRO B 827 -2.43 -18.52 4.28
C PRO B 827 -1.98 -19.94 4.65
N LEU B 828 -2.90 -20.77 5.15
CA LEU B 828 -2.57 -22.17 5.41
C LEU B 828 -2.64 -22.98 4.11
N ILE B 829 -3.27 -22.39 3.08
CA ILE B 829 -3.30 -22.98 1.74
C ILE B 829 -3.37 -21.92 0.64
N SER B 830 -2.65 -22.15 -0.46
CA SER B 830 -2.70 -21.26 -1.61
C SER B 830 -3.46 -21.90 -2.75
N GLY B 831 -3.55 -21.18 -3.88
CA GLY B 831 -4.29 -21.64 -5.04
C GLY B 831 -3.87 -23.00 -5.57
N TRP B 832 -2.65 -23.41 -5.24
CA TRP B 832 -2.15 -24.71 -5.64
C TRP B 832 -2.55 -25.80 -4.66
N LEU B 833 -2.13 -25.65 -3.41
CA LEU B 833 -2.46 -26.61 -2.36
C LEU B 833 -3.97 -26.70 -2.12
N PHE B 834 -4.70 -25.66 -2.53
CA PHE B 834 -6.15 -25.71 -2.56
C PHE B 834 -6.56 -26.75 -3.59
N PHE B 835 -6.19 -26.50 -4.85
CA PHE B 835 -6.52 -27.39 -5.95
C PHE B 835 -5.79 -28.72 -5.87
N ARG B 836 -4.67 -28.76 -5.16
CA ARG B 836 -3.87 -29.99 -5.08
C ARG B 836 -4.56 -31.08 -4.25
N TYR B 837 -5.31 -30.68 -3.23
CA TYR B 837 -6.12 -31.69 -2.53
C TYR B 837 -7.61 -31.61 -2.85
N MET B 838 -7.95 -30.86 -3.91
CA MET B 838 -9.27 -30.97 -4.50
C MET B 838 -9.23 -32.09 -5.52
N ALA B 839 -8.02 -32.47 -5.90
CA ALA B 839 -7.82 -33.68 -6.68
C ALA B 839 -8.03 -34.87 -5.76
N ILE B 840 -7.36 -34.84 -4.61
CA ILE B 840 -7.50 -35.90 -3.61
C ILE B 840 -8.94 -35.92 -3.08
N GLY B 841 -9.49 -34.74 -2.88
CA GLY B 841 -10.86 -34.62 -2.39
C GLY B 841 -11.88 -35.23 -3.32
N GLY B 842 -11.86 -34.80 -4.57
CA GLY B 842 -12.76 -35.33 -5.58
C GLY B 842 -12.60 -36.83 -5.72
N TYR B 843 -11.35 -37.29 -5.78
CA TYR B 843 -11.08 -38.70 -6.00
C TYR B 843 -11.55 -39.58 -4.84
N VAL B 844 -11.52 -39.04 -3.63
CA VAL B 844 -12.00 -39.77 -2.46
C VAL B 844 -13.53 -39.89 -2.48
N GLY B 845 -14.20 -38.77 -2.73
CA GLY B 845 -15.66 -38.73 -2.73
C GLY B 845 -16.26 -39.58 -3.83
N ALA B 846 -15.55 -39.69 -4.94
CA ALA B 846 -16.03 -40.50 -6.07
C ALA B 846 -15.74 -41.98 -5.84
N ALA B 847 -14.63 -42.28 -5.19
CA ALA B 847 -14.26 -43.66 -4.91
C ALA B 847 -15.18 -44.28 -3.86
N THR B 848 -15.51 -43.49 -2.84
CA THR B 848 -16.40 -43.94 -1.79
C THR B 848 -17.78 -44.25 -2.35
N VAL B 849 -18.33 -43.30 -3.08
CA VAL B 849 -19.64 -43.48 -3.69
C VAL B 849 -19.60 -44.61 -4.73
N GLY B 850 -18.53 -44.62 -5.52
CA GLY B 850 -18.34 -45.65 -6.53
C GLY B 850 -18.27 -47.04 -5.93
N ALA B 851 -17.72 -47.13 -4.74
CA ALA B 851 -17.60 -48.41 -4.05
C ALA B 851 -18.97 -48.94 -3.66
N ALA B 852 -19.84 -48.05 -3.19
CA ALA B 852 -21.21 -48.43 -2.84
C ALA B 852 -22.00 -48.81 -4.09
N ALA B 853 -21.91 -47.96 -5.13
CA ALA B 853 -22.63 -48.17 -6.38
C ALA B 853 -22.17 -49.41 -7.13
N TRP B 854 -20.86 -49.68 -7.06
CA TRP B 854 -20.31 -50.88 -7.67
C TRP B 854 -20.94 -52.10 -7.04
N TRP B 855 -21.15 -52.05 -5.73
CA TRP B 855 -21.76 -53.15 -5.02
C TRP B 855 -23.22 -53.30 -5.44
N PHE B 856 -23.95 -52.19 -5.44
CA PHE B 856 -25.34 -52.22 -5.81
C PHE B 856 -25.58 -52.67 -7.25
N MET B 857 -24.60 -52.41 -8.11
CA MET B 857 -24.75 -52.76 -9.51
C MET B 857 -23.91 -53.96 -9.92
N TYR B 858 -22.69 -53.70 -10.32
CA TYR B 858 -21.88 -54.70 -11.02
C TYR B 858 -21.27 -55.80 -10.13
N ALA B 859 -21.57 -55.78 -8.84
CA ALA B 859 -20.96 -56.73 -7.91
C ALA B 859 -21.79 -57.99 -7.68
N GLU B 860 -21.09 -59.12 -7.62
CA GLU B 860 -21.69 -60.45 -7.62
C GLU B 860 -22.58 -60.80 -6.41
N ASP B 861 -22.15 -60.43 -5.20
CA ASP B 861 -22.93 -60.77 -4.00
C ASP B 861 -23.38 -59.54 -3.20
N GLY B 862 -24.33 -58.77 -3.72
CA GLY B 862 -24.93 -58.99 -5.02
C GLY B 862 -26.43 -58.74 -4.99
N PRO B 863 -26.84 -57.50 -5.24
CA PRO B 863 -28.25 -57.11 -5.28
C PRO B 863 -29.11 -57.87 -6.31
N GLY B 864 -28.72 -58.00 -7.58
CA GLY B 864 -27.52 -57.43 -8.17
C GLY B 864 -27.94 -56.60 -9.36
N VAL B 865 -27.17 -55.57 -9.67
CA VAL B 865 -27.48 -54.64 -10.77
C VAL B 865 -28.76 -53.86 -10.44
N THR B 866 -28.86 -52.63 -10.95
CA THR B 866 -30.04 -51.80 -10.75
C THR B 866 -30.11 -50.70 -11.81
N TYR B 867 -29.04 -49.92 -11.87
CA TYR B 867 -28.88 -48.78 -12.79
C TYR B 867 -29.74 -47.58 -12.40
N HIS B 868 -30.95 -47.55 -12.94
CA HIS B 868 -31.89 -46.46 -12.69
C HIS B 868 -32.56 -46.70 -11.34
N GLN B 869 -32.70 -47.97 -10.98
CA GLN B 869 -33.33 -48.33 -9.72
C GLN B 869 -32.52 -47.78 -8.56
N LEU B 870 -31.20 -47.79 -8.69
CA LEU B 870 -30.34 -47.30 -7.62
C LEU B 870 -30.64 -45.85 -7.30
N THR B 871 -30.70 -45.03 -8.35
CA THR B 871 -30.90 -43.59 -8.19
C THR B 871 -32.33 -43.23 -7.80
N HIS B 872 -33.18 -44.25 -7.70
CA HIS B 872 -34.60 -44.05 -7.38
C HIS B 872 -35.06 -45.05 -6.33
N PHE B 873 -34.12 -45.50 -5.51
CA PHE B 873 -34.39 -46.53 -4.52
C PHE B 873 -35.53 -46.14 -3.60
N MET B 874 -35.74 -44.84 -3.43
CA MET B 874 -36.78 -44.31 -2.55
C MET B 874 -38.17 -44.79 -2.98
N GLN B 875 -38.35 -44.94 -4.29
CA GLN B 875 -39.66 -45.31 -4.84
C GLN B 875 -39.90 -46.82 -4.82
N CYS B 876 -39.02 -47.57 -4.17
CA CYS B 876 -39.13 -49.03 -4.19
C CYS B 876 -40.41 -49.53 -3.51
N THR B 877 -40.74 -48.97 -2.35
CA THR B 877 -41.92 -49.41 -1.60
C THR B 877 -43.23 -49.13 -2.34
N GLU B 878 -43.33 -47.92 -2.92
CA GLU B 878 -44.53 -47.50 -3.64
C GLU B 878 -44.67 -48.18 -5.00
N ASP B 879 -43.55 -48.38 -5.68
CA ASP B 879 -43.54 -48.81 -7.08
C ASP B 879 -42.80 -50.14 -7.30
N HIS B 880 -43.12 -51.15 -6.51
CA HIS B 880 -42.35 -52.40 -6.50
C HIS B 880 -42.27 -53.20 -7.82
N PRO B 881 -43.27 -53.10 -8.70
CA PRO B 881 -43.06 -53.78 -9.98
C PRO B 881 -42.00 -53.14 -10.90
N HIS B 882 -41.09 -52.38 -10.31
CA HIS B 882 -39.94 -51.83 -11.04
C HIS B 882 -38.68 -52.22 -10.30
N PHE B 883 -38.87 -52.77 -9.12
CA PHE B 883 -37.80 -53.29 -8.30
C PHE B 883 -38.06 -54.79 -8.15
N GLU B 884 -38.40 -55.42 -9.28
CA GLU B 884 -38.75 -56.84 -9.32
C GLU B 884 -37.64 -57.71 -8.74
N GLY B 885 -38.04 -58.63 -7.86
CA GLY B 885 -37.12 -59.58 -7.26
C GLY B 885 -36.37 -58.99 -6.08
N LEU B 886 -36.20 -57.68 -6.08
CA LEU B 886 -35.47 -56.98 -5.04
C LEU B 886 -36.34 -56.77 -3.82
N ASP B 887 -35.78 -56.99 -2.64
CA ASP B 887 -36.45 -56.62 -1.41
C ASP B 887 -36.20 -55.13 -1.21
N CYS B 888 -37.23 -54.37 -0.87
CA CYS B 888 -37.06 -52.92 -0.69
C CYS B 888 -36.29 -52.60 0.58
N GLU B 889 -35.13 -53.23 0.73
CA GLU B 889 -34.35 -53.15 1.94
C GLU B 889 -32.88 -53.38 1.63
N ILE B 890 -32.62 -53.94 0.44
CA ILE B 890 -31.26 -54.12 -0.07
C ILE B 890 -30.57 -52.75 -0.12
N PHE B 891 -31.36 -51.70 -0.30
CA PHE B 891 -30.84 -50.35 -0.35
C PHE B 891 -30.45 -49.81 1.02
N GLU B 892 -30.51 -50.66 2.04
CA GLU B 892 -29.99 -50.31 3.36
C GLU B 892 -28.85 -51.24 3.78
N ALA B 893 -28.45 -52.14 2.86
CA ALA B 893 -27.40 -53.12 3.12
C ALA B 893 -26.11 -52.47 3.61
N PRO B 894 -25.43 -53.14 4.56
CA PRO B 894 -24.19 -52.62 5.14
C PRO B 894 -22.99 -52.85 4.22
N GLU B 895 -23.11 -53.78 3.28
CA GLU B 895 -22.04 -54.06 2.33
C GLU B 895 -21.60 -52.84 1.51
N PRO B 896 -22.54 -52.15 0.84
CA PRO B 896 -22.07 -51.02 0.04
C PRO B 896 -21.44 -49.92 0.89
N MET B 897 -21.96 -49.72 2.11
CA MET B 897 -21.36 -48.75 3.02
C MET B 897 -19.97 -49.21 3.42
N THR B 898 -19.83 -50.50 3.72
CA THR B 898 -18.54 -51.05 4.10
C THR B 898 -17.55 -50.92 2.94
N MET B 899 -18.05 -51.06 1.72
CA MET B 899 -17.25 -50.76 0.53
C MET B 899 -16.82 -49.30 0.56
N ALA B 900 -17.73 -48.41 0.94
CA ALA B 900 -17.45 -46.98 0.95
C ALA B 900 -16.46 -46.62 2.06
N LEU B 901 -16.74 -47.13 3.27
CA LEU B 901 -15.90 -46.87 4.43
C LEU B 901 -14.51 -47.45 4.30
N SER B 902 -14.42 -48.68 3.80
CA SER B 902 -13.14 -49.36 3.65
C SER B 902 -12.28 -48.71 2.56
N VAL B 903 -12.92 -48.02 1.63
CA VAL B 903 -12.20 -47.31 0.58
C VAL B 903 -11.65 -46.01 1.15
N LEU B 904 -12.50 -45.27 1.86
CA LEU B 904 -12.09 -44.06 2.56
C LEU B 904 -10.90 -44.31 3.47
N VAL B 905 -11.02 -45.32 4.32
CA VAL B 905 -9.95 -45.68 5.25
C VAL B 905 -8.68 -46.07 4.51
N THR B 906 -8.81 -46.96 3.54
CA THR B 906 -7.66 -47.37 2.74
C THR B 906 -7.01 -46.18 2.04
N ILE B 907 -7.82 -45.28 1.50
CA ILE B 907 -7.27 -44.09 0.87
C ILE B 907 -6.54 -43.22 1.89
N GLU B 908 -7.16 -42.97 3.04
CA GLU B 908 -6.55 -42.13 4.06
C GLU B 908 -5.24 -42.71 4.57
N MET B 909 -5.16 -44.03 4.67
CA MET B 909 -3.90 -44.65 5.08
C MET B 909 -2.82 -44.44 4.03
N CYS B 910 -3.16 -44.70 2.77
CA CYS B 910 -2.26 -44.39 1.65
C CYS B 910 -1.93 -42.89 1.65
N ASN B 911 -2.91 -42.08 2.04
CA ASN B 911 -2.79 -40.64 2.04
C ASN B 911 -1.92 -40.12 3.20
N ALA B 912 -1.85 -40.90 4.28
CA ALA B 912 -1.02 -40.55 5.42
C ALA B 912 0.45 -40.61 5.03
N LEU B 913 0.77 -41.47 4.06
CA LEU B 913 2.11 -41.55 3.50
C LEU B 913 2.37 -40.33 2.61
N ASN B 914 1.36 -39.98 1.81
CA ASN B 914 1.42 -38.80 0.95
C ASN B 914 1.75 -37.54 1.73
N SER B 915 1.34 -37.52 3.00
CA SER B 915 1.55 -36.36 3.87
C SER B 915 2.91 -36.38 4.58
N LEU B 916 3.75 -37.36 4.26
CA LEU B 916 5.12 -37.38 4.78
C LEU B 916 5.88 -36.18 4.26
N SER B 917 5.62 -35.85 3.01
CA SER B 917 6.26 -34.71 2.37
C SER B 917 5.24 -33.89 1.58
N GLU B 918 5.32 -32.57 1.69
CA GLU B 918 4.41 -31.69 0.98
C GLU B 918 4.62 -31.81 -0.53
N ASN B 919 5.88 -31.89 -0.94
CA ASN B 919 6.19 -31.94 -2.37
C ASN B 919 7.09 -33.11 -2.78
N GLN B 920 8.15 -33.34 -2.02
CA GLN B 920 9.12 -34.37 -2.40
C GLN B 920 8.49 -35.76 -2.44
N SER B 921 8.63 -36.42 -3.59
CA SER B 921 7.98 -37.69 -3.87
C SER B 921 8.20 -38.76 -2.80
N LEU B 922 7.27 -39.71 -2.74
CA LEU B 922 7.38 -40.83 -1.81
C LEU B 922 8.38 -41.86 -2.33
N MET B 923 8.87 -41.62 -3.55
CA MET B 923 9.95 -42.43 -4.10
C MET B 923 11.27 -41.93 -3.52
N ARG B 924 11.46 -40.61 -3.57
CA ARG B 924 12.72 -39.99 -3.19
C ARG B 924 12.77 -39.70 -1.69
N MET B 925 11.60 -39.58 -1.07
CA MET B 925 11.49 -39.58 0.39
C MET B 925 10.62 -40.76 0.82
N PRO B 926 11.25 -41.94 0.97
CA PRO B 926 10.60 -43.23 1.21
C PRO B 926 9.60 -43.20 2.36
N PRO B 927 8.44 -43.85 2.17
CA PRO B 927 7.38 -43.89 3.19
C PRO B 927 7.73 -44.71 4.42
N TRP B 928 8.98 -45.16 4.53
CA TRP B 928 9.41 -45.89 5.72
C TRP B 928 10.23 -45.01 6.66
N VAL B 929 10.22 -43.71 6.41
CA VAL B 929 10.94 -42.76 7.25
C VAL B 929 10.38 -42.73 8.67
N ASN B 930 9.07 -42.51 8.77
CA ASN B 930 8.39 -42.41 10.05
C ASN B 930 7.79 -43.73 10.49
N ILE B 931 8.48 -44.42 11.39
CA ILE B 931 8.06 -45.73 11.86
C ILE B 931 6.81 -45.61 12.72
N TRP B 932 6.62 -44.47 13.36
CA TRP B 932 5.43 -44.23 14.17
C TRP B 932 4.19 -44.13 13.28
N LEU B 933 4.35 -43.60 12.08
CA LEU B 933 3.25 -43.47 11.14
C LEU B 933 2.82 -44.83 10.60
N LEU B 934 3.79 -45.70 10.37
CA LEU B 934 3.52 -47.06 9.90
C LEU B 934 2.82 -47.85 11.00
N GLY B 935 3.35 -47.74 12.21
CA GLY B 935 2.73 -48.37 13.37
C GLY B 935 1.35 -47.79 13.54
N SER B 936 1.25 -46.48 13.28
CA SER B 936 -0.04 -45.79 13.33
C SER B 936 -1.03 -46.38 12.33
N ILE B 937 -0.63 -46.50 11.08
CA ILE B 937 -1.48 -47.05 10.04
C ILE B 937 -1.90 -48.48 10.36
N CYS B 938 -0.95 -49.26 10.87
CA CYS B 938 -1.24 -50.62 11.32
C CYS B 938 -2.28 -50.62 12.45
N LEU B 939 -2.22 -49.62 13.31
CA LEU B 939 -3.19 -49.51 14.38
C LEU B 939 -4.60 -49.21 13.85
N SER B 940 -4.73 -48.12 13.10
CA SER B 940 -6.01 -47.75 12.49
C SER B 940 -6.64 -48.88 11.70
N MET B 941 -5.81 -49.61 10.97
CA MET B 941 -6.27 -50.69 10.11
C MET B 941 -6.80 -51.84 10.96
N SER B 942 -6.10 -52.13 12.06
CA SER B 942 -6.54 -53.17 12.97
C SER B 942 -7.86 -52.77 13.60
N LEU B 943 -7.96 -51.53 14.07
CA LEU B 943 -9.19 -51.02 14.65
C LEU B 943 -10.34 -51.11 13.65
N HIS B 944 -10.02 -51.04 12.37
CA HIS B 944 -11.02 -51.10 11.32
C HIS B 944 -11.55 -52.53 11.17
N PHE B 945 -10.63 -53.49 11.09
CA PHE B 945 -11.01 -54.90 11.06
C PHE B 945 -11.64 -55.32 12.38
N LEU B 946 -11.33 -54.59 13.45
CA LEU B 946 -11.94 -54.85 14.74
C LEU B 946 -13.42 -54.52 14.68
N ILE B 947 -13.76 -53.56 13.82
CA ILE B 947 -15.14 -53.09 13.70
C ILE B 947 -15.96 -53.94 12.72
N LEU B 948 -15.27 -54.57 11.77
CA LEU B 948 -15.93 -55.41 10.78
C LEU B 948 -16.10 -56.86 11.23
N TYR B 949 -15.80 -57.15 12.49
CA TYR B 949 -15.82 -58.55 12.93
C TYR B 949 -16.36 -58.79 14.35
N VAL B 950 -16.00 -57.92 15.30
CA VAL B 950 -16.45 -58.08 16.68
C VAL B 950 -17.94 -57.79 16.87
N ASP B 951 -18.72 -58.88 16.95
CA ASP B 951 -20.19 -58.91 16.88
C ASP B 951 -21.06 -57.70 17.24
N PRO B 952 -20.75 -56.99 18.35
CA PRO B 952 -21.53 -55.77 18.57
C PRO B 952 -21.13 -54.64 17.60
N LEU B 953 -19.87 -54.61 17.19
CA LEU B 953 -19.33 -53.51 16.38
C LEU B 953 -19.93 -53.32 14.97
N PRO B 954 -20.07 -54.40 14.18
CA PRO B 954 -20.68 -54.18 12.86
C PRO B 954 -22.12 -53.68 12.93
N MET B 955 -22.84 -54.05 13.99
CA MET B 955 -24.24 -53.67 14.13
C MET B 955 -24.43 -52.20 14.49
N ILE B 956 -23.45 -51.59 15.16
CA ILE B 956 -23.55 -50.18 15.55
C ILE B 956 -22.97 -49.21 14.50
N PHE B 957 -22.00 -49.67 13.72
CA PHE B 957 -21.45 -48.89 12.62
C PHE B 957 -22.14 -49.18 11.31
N LYS B 958 -23.12 -50.10 11.35
CA LYS B 958 -23.82 -50.56 10.16
C LYS B 958 -22.85 -51.07 9.10
N LEU B 959 -22.01 -52.03 9.50
CA LEU B 959 -20.99 -52.60 8.60
C LEU B 959 -21.13 -54.11 8.47
N LYS B 960 -20.42 -54.67 7.51
CA LYS B 960 -20.41 -56.11 7.29
C LYS B 960 -19.09 -56.49 6.65
N ALA B 961 -18.38 -57.43 7.27
CA ALA B 961 -17.06 -57.84 6.82
C ALA B 961 -16.99 -58.13 5.32
N LEU B 962 -15.87 -57.77 4.71
CA LEU B 962 -15.71 -57.95 3.27
C LEU B 962 -15.08 -59.29 2.91
N ASP B 963 -15.36 -59.74 1.70
CA ASP B 963 -14.74 -60.92 1.12
C ASP B 963 -13.36 -60.52 0.60
N LEU B 964 -12.52 -61.50 0.31
CA LEU B 964 -11.20 -61.24 -0.28
C LEU B 964 -11.33 -60.61 -1.67
N THR B 965 -12.46 -60.83 -2.33
CA THR B 965 -12.70 -60.24 -3.64
C THR B 965 -13.15 -58.79 -3.48
N GLN B 966 -13.96 -58.54 -2.45
CA GLN B 966 -14.38 -57.18 -2.12
C GLN B 966 -13.18 -56.31 -1.72
N TRP B 967 -12.28 -56.88 -0.91
CA TRP B 967 -11.09 -56.15 -0.48
C TRP B 967 -10.17 -55.80 -1.64
N LEU B 968 -10.01 -56.74 -2.58
CA LEU B 968 -9.19 -56.51 -3.76
C LEU B 968 -9.78 -55.37 -4.59
N MET B 969 -11.09 -55.18 -4.46
CA MET B 969 -11.77 -54.09 -5.15
C MET B 969 -11.54 -52.79 -4.38
N VAL B 970 -11.60 -52.87 -3.05
CA VAL B 970 -11.30 -51.74 -2.19
C VAL B 970 -9.89 -51.23 -2.44
N LEU B 971 -8.93 -52.16 -2.48
CA LEU B 971 -7.53 -51.81 -2.70
C LEU B 971 -7.29 -51.22 -4.08
N LYS B 972 -7.74 -51.91 -5.12
CA LYS B 972 -7.51 -51.49 -6.49
C LYS B 972 -8.50 -50.41 -6.95
N ILE B 973 -8.85 -49.50 -6.03
CA ILE B 973 -9.65 -48.33 -6.35
C ILE B 973 -9.25 -47.24 -5.37
N SER B 974 -8.53 -47.66 -4.33
CA SER B 974 -8.03 -46.74 -3.32
C SER B 974 -6.56 -46.47 -3.54
N LEU B 975 -5.80 -47.53 -3.81
CA LEU B 975 -4.38 -47.43 -4.07
C LEU B 975 -3.98 -46.37 -5.12
N PRO B 976 -4.77 -46.21 -6.20
CA PRO B 976 -4.42 -45.14 -7.16
C PRO B 976 -4.43 -43.71 -6.61
N VAL B 977 -4.65 -43.52 -5.31
CA VAL B 977 -4.57 -42.19 -4.73
C VAL B 977 -3.12 -41.82 -4.46
N ILE B 978 -2.28 -42.84 -4.27
CA ILE B 978 -0.84 -42.62 -4.12
C ILE B 978 -0.33 -42.14 -5.47
N GLY B 979 -0.85 -42.75 -6.52
CA GLY B 979 -0.48 -42.39 -7.88
C GLY B 979 -0.92 -40.98 -8.23
N LEU B 980 -2.20 -40.69 -8.04
CA LEU B 980 -2.77 -39.38 -8.36
C LEU B 980 -2.00 -38.26 -7.68
N ASP B 981 -1.61 -38.49 -6.42
CA ASP B 981 -0.90 -37.49 -5.65
C ASP B 981 0.56 -37.44 -6.05
N GLU B 982 1.08 -38.57 -6.53
CA GLU B 982 2.46 -38.65 -6.98
C GLU B 982 2.65 -37.73 -8.20
N ILE B 983 1.62 -37.65 -9.03
CA ILE B 983 1.64 -36.78 -10.21
C ILE B 983 1.52 -35.32 -9.78
N LEU B 984 0.67 -35.08 -8.77
CA LEU B 984 0.51 -33.73 -8.23
C LEU B 984 1.82 -33.19 -7.68
N LYS B 985 2.76 -34.09 -7.40
CA LYS B 985 4.05 -33.70 -6.84
C LYS B 985 5.13 -33.57 -7.91
N PHE B 986 5.12 -34.47 -8.90
CA PHE B 986 6.06 -34.38 -10.02
C PHE B 986 5.60 -33.29 -11.01
N ILE B 987 4.53 -32.58 -10.64
CA ILE B 987 4.05 -31.45 -11.41
C ILE B 987 4.16 -30.19 -10.55
N ALA B 988 4.42 -30.39 -9.27
CA ALA B 988 4.63 -29.28 -8.35
C ALA B 988 6.13 -29.07 -8.14
N ARG B 989 6.86 -30.17 -8.00
CA ARG B 989 8.29 -30.14 -7.79
C ARG B 989 9.01 -29.73 -9.07
N ASN B 990 8.30 -29.87 -10.19
CA ASN B 990 8.87 -29.58 -11.50
C ASN B 990 8.27 -28.35 -12.16
N TYR B 991 7.23 -28.56 -12.95
CA TYR B 991 6.65 -27.50 -13.78
C TYR B 991 5.87 -26.44 -13.01
N LEU B 992 5.99 -26.45 -11.69
CA LEU B 992 5.30 -25.46 -10.86
C LEU B 992 6.33 -24.53 -10.21
N GLU B 993 6.72 -24.85 -8.98
CA GLU B 993 7.71 -24.06 -8.25
C GLU B 993 8.62 -24.94 -7.39
N ASP B 994 9.57 -25.61 -8.03
CA ASP B 994 9.79 -25.52 -9.45
C ASP B 994 10.84 -24.50 -9.85
MG MG C . 6.28 20.60 -27.48
K K D . -8.62 15.05 -21.95
O2 CZA E . -25.88 2.90 -20.86
C6 CZA E . -26.89 2.21 -20.98
C3 CZA E . -27.08 0.78 -20.72
C2 CZA E . -26.00 -0.06 -20.14
O1 CZA E . -24.85 0.36 -19.97
C1 CZA E . -26.32 -1.43 -19.55
C5 CZA E . -28.20 2.71 -21.55
C7 CZA E . -29.15 3.57 -20.72
C15 CZA E . -28.95 5.04 -20.51
C16 CZA E . -28.33 5.79 -19.56
N2 CZA E . -28.50 7.13 -19.89
C17 CZA E . -29.25 7.29 -21.05
C14 CZA E . -29.52 5.95 -21.43
C18 CZA E . -29.72 8.35 -21.83
C19 CZA E . -30.48 8.06 -23.00
C20 CZA E . -30.75 6.72 -23.37
C13 CZA E . -30.24 5.65 -22.59
C12 CZA E . -30.53 4.21 -22.89
C8 CZA E . -30.44 3.32 -21.58
C9 CZA E . -30.45 1.77 -21.73
C10 CZA E . -31.36 1.14 -20.67
C11 CZA E . -30.88 1.29 -23.11
N1 CZA E . -29.01 1.50 -21.55
C4 CZA E . -28.34 0.43 -21.08
O3 CZA E . -28.94 -0.80 -20.89
MN MN F . -24.21 2.46 -19.81
PG ACP G . 18.60 31.29 -21.13
O1G ACP G . 17.48 31.34 -22.24
O2G ACP G . 18.84 32.56 -20.40
O3G ACP G . 17.87 30.32 -20.11
PB ACP G . 21.07 30.90 -22.91
O1B ACP G . 21.73 32.33 -22.82
O2B ACP G . 20.65 30.54 -24.29
C3B ACP G . 19.99 30.59 -21.64
PA ACP G . 23.77 29.66 -22.30
O1A ACP G . 24.07 28.58 -21.34
O2A ACP G . 24.36 31.07 -21.95
O3A ACP G . 22.27 30.00 -22.44
O5' ACP G . 24.28 29.61 -23.80
C5' ACP G . 25.55 30.02 -24.25
C4' ACP G . 25.51 30.73 -25.63
O4' ACP G . 26.68 30.33 -26.29
C3' ACP G . 24.32 30.29 -26.53
O3' ACP G . 23.31 31.24 -26.52
C2' ACP G . 24.97 30.17 -27.95
O2' ACP G . 25.07 31.34 -28.68
C1' ACP G . 26.41 29.78 -27.55
N9 ACP G . 26.57 28.32 -27.50
C8 ACP G . 25.86 27.27 -26.83
N7 ACP G . 26.38 26.06 -27.06
C5 ACP G . 27.49 26.31 -27.91
C6 ACP G . 28.46 25.46 -28.52
N6 ACP G . 28.45 24.11 -28.31
N1 ACP G . 29.43 26.00 -29.34
C2 ACP G . 29.40 27.35 -29.49
N3 ACP G . 28.55 28.28 -28.98
C4 ACP G . 27.60 27.69 -28.20
MN MN H . 22.89 31.47 -20.32
F1 MGF I . 6.95 22.25 -26.64
MG MGF I . 6.72 23.80 -25.77
F2 MGF I . 5.91 23.66 -24.19
F3 MGF I . 5.94 25.04 -26.84
C ACT J . 31.65 17.87 -22.13
O ACT J . 32.25 16.79 -21.81
OXT ACT J . 31.89 18.90 -21.47
CH3 ACT J . 30.67 17.89 -23.25
C ACT K . 11.33 10.06 -9.61
O ACT K . 12.40 10.63 -9.21
OXT ACT K . 11.32 8.87 -10.02
CH3 ACT K . 10.05 10.79 -9.60
MG MG L . 14.83 -6.96 35.21
K K M . 1.00 -12.56 26.75
O2 CZA N . -13.62 -25.68 19.79
C6 CZA N . -14.25 -26.65 19.36
C3 CZA N . -15.34 -27.43 19.96
C2 CZA N . -16.00 -27.11 21.27
O1 CZA N . -15.57 -26.29 22.08
C1 CZA N . -17.35 -27.73 21.58
C5 CZA N . -13.95 -27.31 18.03
C7 CZA N . -14.39 -26.62 16.76
C15 CZA N . -13.54 -25.57 16.13
C16 CZA N . -13.46 -24.23 16.25
N2 CZA N . -12.49 -23.78 15.36
C17 CZA N . -11.93 -24.81 14.62
C14 CZA N . -12.61 -25.93 15.12
C18 CZA N . -10.94 -24.95 13.63
C19 CZA N . -10.66 -26.24 13.13
C20 CZA N . -11.35 -27.37 13.63
C13 CZA N . -12.33 -27.21 14.64
C12 CZA N . -13.11 -28.37 15.22
C8 CZA N . -14.47 -27.88 15.83
C9 CZA N . -15.29 -28.87 16.71
C10 CZA N . -16.79 -28.73 16.42
C11 CZA N . -14.87 -30.33 16.59
N1 CZA N . -14.90 -28.40 18.04
C4 CZA N . -15.49 -28.56 19.23
O3 CZA N . -16.36 -29.59 19.47
MN MN O . -13.37 -24.69 21.43
PG ACP P . 20.76 8.95 38.16
O1G ACP P . 21.74 8.75 36.93
O2G ACP P . 19.87 10.12 38.06
O3G ACP P . 19.81 7.68 37.96
PB ACP P . 23.09 9.49 40.02
O1B ACP P . 23.09 11.04 40.28
O2B ACP P . 24.19 9.08 39.12
C3B ACP P . 21.59 8.88 39.58
PA ACP P . 23.34 9.07 43.05
O1A ACP P . 22.61 7.97 43.69
O2A ACP P . 22.76 10.51 43.29
O3A ACP P . 23.35 8.97 41.50
O5' ACP P . 24.84 9.39 43.49
C5' ACP P . 25.68 8.54 44.24
C4' ACP P . 27.10 8.56 43.63
O4' ACP P . 28.01 8.35 44.68
C3' ACP P . 27.31 7.44 42.57
O3' ACP P . 27.86 8.01 41.44
C2' ACP P . 28.28 6.43 43.27
O2' ACP P . 29.53 6.33 42.66
C1' ACP P . 28.53 7.04 44.68
N9 ACP P . 27.91 6.28 45.77
C8 ACP P . 26.57 5.85 46.02
N7 ACP P . 26.44 5.19 47.19
C5 ACP P . 27.73 5.18 47.74
C6 ACP P . 28.27 4.65 48.94
N6 ACP P . 27.49 4.00 49.86
N1 ACP P . 29.62 4.80 49.21
C2 ACP P . 30.36 5.48 48.27
N3 ACP P . 29.99 6.02 47.10
C4 ACP P . 28.65 5.85 46.87
F1 MGF Q . 15.33 -5.09 34.71
MG MGF Q . 15.48 -3.68 33.62
F2 MGF Q . 13.96 -2.99 32.99
F3 MGF Q . 16.56 -4.13 32.27
C ACT R . 20.65 6.16 56.64
O ACT R . 20.06 5.77 57.69
OXT ACT R . 20.62 7.39 56.35
CH3 ACT R . 21.41 5.19 55.79
C ACT S . -1.59 1.51 45.99
O ACT S . -1.11 2.49 46.61
OXT ACT S . -1.72 0.36 46.52
CH3 ACT S . -2.01 1.72 44.58
#